data_2DCE
#
_entry.id   2DCE
#
_entity_poly.entity_id   1
_entity_poly.type   'polypeptide(L)'
_entity_poly.pdbx_seq_one_letter_code
;GSSGSSGHEEEELKPPEQEIEIDRNIIQEEEKQAIPEFFEGRQAKTPERYLKIRNYILDQWEICKPKYLNKTSVRPGLKN
CGDVNCIGRIHTYLELIGAINFGCEQAVYNR
;
_entity_poly.pdbx_strand_id   A
#
# COMPACT_ATOMS: atom_id res chain seq x y z
N GLY A 1 -2.05 -3.70 43.21
CA GLY A 1 -2.77 -3.35 42.00
C GLY A 1 -1.86 -2.78 40.93
N SER A 2 -2.45 -2.40 39.80
CA SER A 2 -1.68 -1.85 38.69
C SER A 2 -2.50 -0.79 37.95
N SER A 3 -1.84 -0.10 37.01
CA SER A 3 -2.51 0.94 36.23
C SER A 3 -1.69 1.29 34.99
N GLY A 4 -2.40 1.59 33.89
CA GLY A 4 -1.73 1.93 32.66
C GLY A 4 -1.92 3.38 32.28
N SER A 5 -2.88 3.63 31.38
CA SER A 5 -3.17 4.99 30.93
C SER A 5 -1.99 5.56 30.15
N SER A 6 -1.36 4.71 29.33
CA SER A 6 -0.22 5.13 28.53
C SER A 6 -0.43 4.78 27.06
N GLY A 7 0.22 5.53 26.18
CA GLY A 7 0.09 5.28 24.75
C GLY A 7 0.77 6.34 23.91
N HIS A 8 0.11 6.77 22.84
CA HIS A 8 0.66 7.78 21.94
C HIS A 8 1.95 7.30 21.30
N GLU A 9 1.97 6.02 20.91
CA GLU A 9 3.15 5.44 20.28
C GLU A 9 2.79 4.85 18.93
N GLU A 10 3.81 4.45 18.18
CA GLU A 10 3.61 3.86 16.85
C GLU A 10 2.71 2.64 16.93
N GLU A 11 1.76 2.54 16.01
CA GLU A 11 0.83 1.41 15.98
C GLU A 11 1.28 0.38 14.95
N GLU A 12 2.02 -0.62 15.40
CA GLU A 12 2.50 -1.67 14.51
C GLU A 12 2.88 -1.11 13.15
N LEU A 13 3.31 0.16 13.14
CA LEU A 13 3.71 0.81 11.91
C LEU A 13 5.14 1.33 12.01
N LYS A 14 5.76 1.57 10.86
CA LYS A 14 7.13 2.06 10.81
C LYS A 14 7.47 2.61 9.43
N PRO A 15 8.08 3.81 9.40
CA PRO A 15 8.47 4.46 8.14
C PRO A 15 9.61 3.74 7.44
N PRO A 16 9.64 3.84 6.11
CA PRO A 16 10.68 3.21 5.28
C PRO A 16 12.05 3.87 5.46
N GLU A 17 13.10 3.13 5.17
CA GLU A 17 14.45 3.64 5.29
C GLU A 17 15.01 4.03 3.93
N GLN A 18 14.70 3.24 2.91
CA GLN A 18 15.16 3.51 1.56
C GLN A 18 14.21 2.92 0.52
N GLU A 19 14.02 3.64 -0.58
CA GLU A 19 13.13 3.19 -1.65
C GLU A 19 13.50 1.78 -2.09
N ILE A 20 12.52 0.88 -2.06
CA ILE A 20 12.73 -0.51 -2.47
C ILE A 20 12.26 -0.73 -3.89
N GLU A 21 12.33 -1.98 -4.35
CA GLU A 21 11.91 -2.34 -5.69
C GLU A 21 10.76 -3.33 -5.66
N ILE A 22 9.82 -3.17 -6.59
CA ILE A 22 8.66 -4.05 -6.67
C ILE A 22 8.42 -4.52 -8.10
N ASP A 23 7.87 -5.72 -8.25
CA ASP A 23 7.58 -6.28 -9.56
C ASP A 23 6.08 -6.33 -9.82
N ARG A 24 5.65 -5.69 -10.90
CA ARG A 24 4.23 -5.67 -11.25
C ARG A 24 3.81 -6.98 -11.91
N ASN A 25 4.76 -7.88 -12.07
CA ASN A 25 4.49 -9.17 -12.70
C ASN A 25 4.89 -10.31 -11.76
N ILE A 26 5.46 -9.97 -10.62
CA ILE A 26 5.88 -10.96 -9.64
C ILE A 26 5.42 -10.59 -8.23
N ILE A 27 4.95 -11.58 -7.49
CA ILE A 27 4.47 -11.35 -6.13
C ILE A 27 5.39 -12.01 -5.11
N GLN A 28 6.31 -11.21 -4.55
CA GLN A 28 7.26 -11.72 -3.56
C GLN A 28 6.64 -11.69 -2.16
N GLU A 29 7.13 -12.57 -1.30
CA GLU A 29 6.63 -12.66 0.07
C GLU A 29 6.54 -11.27 0.70
N GLU A 30 7.46 -10.38 0.31
CA GLU A 30 7.47 -9.02 0.83
C GLU A 30 6.09 -8.40 0.78
N GLU A 31 5.42 -8.55 -0.36
CA GLU A 31 4.08 -8.01 -0.54
C GLU A 31 3.03 -8.89 0.14
N LYS A 32 3.25 -10.19 0.08
CA LYS A 32 2.32 -11.15 0.68
C LYS A 32 2.25 -10.96 2.19
N GLN A 33 3.35 -10.49 2.78
CA GLN A 33 3.42 -10.25 4.21
C GLN A 33 2.56 -9.05 4.61
N ALA A 34 2.30 -8.17 3.65
CA ALA A 34 1.51 -6.98 3.91
C ALA A 34 0.11 -7.12 3.30
N ILE A 35 -0.01 -7.97 2.28
CA ILE A 35 -1.29 -8.19 1.63
C ILE A 35 -1.66 -9.67 1.63
N PRO A 36 -1.50 -10.32 2.80
CA PRO A 36 -1.81 -11.74 2.96
C PRO A 36 -3.31 -12.02 2.90
N GLU A 37 -4.11 -10.96 3.06
CA GLU A 37 -5.56 -11.10 3.03
C GLU A 37 -6.03 -11.60 1.66
N PHE A 38 -5.38 -11.12 0.61
CA PHE A 38 -5.72 -11.52 -0.76
C PHE A 38 -5.14 -12.89 -1.08
N PHE A 39 -4.26 -13.38 -0.21
CA PHE A 39 -3.63 -14.67 -0.41
C PHE A 39 -4.15 -15.69 0.60
N GLU A 40 -5.13 -15.28 1.39
CA GLU A 40 -5.71 -16.15 2.39
C GLU A 40 -6.39 -17.36 1.76
N GLY A 41 -7.26 -17.10 0.79
CA GLY A 41 -7.97 -18.18 0.12
C GLY A 41 -9.47 -17.96 0.09
N ARG A 42 -9.90 -16.71 0.23
CA ARG A 42 -11.31 -16.37 0.23
C ARG A 42 -11.86 -16.35 -1.20
N GLN A 43 -13.18 -16.35 -1.33
CA GLN A 43 -13.82 -16.32 -2.63
C GLN A 43 -13.95 -14.90 -3.14
N ALA A 44 -13.93 -13.94 -2.23
CA ALA A 44 -14.04 -12.53 -2.59
C ALA A 44 -12.67 -11.92 -2.86
N LYS A 45 -11.69 -12.29 -2.03
CA LYS A 45 -10.34 -11.78 -2.18
C LYS A 45 -9.48 -12.73 -3.00
N THR A 46 -8.96 -12.25 -4.12
CA THR A 46 -8.12 -13.06 -5.00
C THR A 46 -6.78 -12.39 -5.24
N PRO A 47 -5.74 -13.21 -5.47
CA PRO A 47 -4.38 -12.72 -5.74
C PRO A 47 -4.26 -12.02 -7.08
N GLU A 48 -5.16 -12.38 -8.00
CA GLU A 48 -5.15 -11.80 -9.34
C GLU A 48 -5.72 -10.38 -9.32
N ARG A 49 -6.62 -10.13 -8.38
CA ARG A 49 -7.25 -8.82 -8.25
C ARG A 49 -6.31 -7.83 -7.55
N TYR A 50 -5.54 -8.34 -6.60
CA TYR A 50 -4.60 -7.50 -5.86
C TYR A 50 -3.57 -6.88 -6.79
N LEU A 51 -3.22 -7.61 -7.85
CA LEU A 51 -2.24 -7.12 -8.82
C LEU A 51 -2.82 -5.98 -9.65
N LYS A 52 -3.99 -6.22 -10.25
CA LYS A 52 -4.64 -5.20 -11.07
C LYS A 52 -4.62 -3.85 -10.38
N ILE A 53 -5.06 -3.81 -9.13
CA ILE A 53 -5.08 -2.57 -8.36
C ILE A 53 -3.67 -2.01 -8.18
N ARG A 54 -2.77 -2.85 -7.66
CA ARG A 54 -1.39 -2.44 -7.43
C ARG A 54 -0.81 -1.79 -8.68
N ASN A 55 -0.69 -2.57 -9.75
CA ASN A 55 -0.14 -2.06 -11.01
C ASN A 55 -0.58 -0.62 -11.25
N TYR A 56 -1.88 -0.37 -11.07
CA TYR A 56 -2.42 0.97 -11.28
C TYR A 56 -1.72 1.99 -10.39
N ILE A 57 -1.72 1.73 -9.09
CA ILE A 57 -1.07 2.62 -8.13
C ILE A 57 0.40 2.83 -8.48
N LEU A 58 1.15 1.74 -8.53
CA LEU A 58 2.58 1.81 -8.85
C LEU A 58 2.81 2.63 -10.11
N ASP A 59 1.87 2.55 -11.04
CA ASP A 59 1.98 3.30 -12.29
C ASP A 59 1.73 4.78 -12.06
N GLN A 60 0.62 5.10 -11.42
CA GLN A 60 0.27 6.49 -11.14
C GLN A 60 1.38 7.18 -10.35
N TRP A 61 1.89 6.49 -9.33
CA TRP A 61 2.95 7.04 -8.50
C TRP A 61 3.99 7.76 -9.34
N GLU A 62 4.55 7.06 -10.31
CA GLU A 62 5.56 7.64 -11.21
C GLU A 62 4.94 8.70 -12.11
N ILE A 63 3.69 8.50 -12.48
CA ILE A 63 2.98 9.45 -13.34
C ILE A 63 2.93 10.83 -12.71
N CYS A 64 3.06 10.88 -11.38
CA CYS A 64 3.03 12.14 -10.66
C CYS A 64 4.40 12.47 -10.08
N LYS A 65 5.13 11.44 -9.69
CA LYS A 65 6.47 11.61 -9.12
C LYS A 65 7.24 12.69 -9.87
N PRO A 66 8.21 13.32 -9.18
CA PRO A 66 8.51 13.00 -7.79
C PRO A 66 7.41 13.45 -6.83
N LYS A 67 6.48 14.24 -7.35
CA LYS A 67 5.37 14.74 -6.54
C LYS A 67 4.65 13.59 -5.84
N TYR A 68 3.93 13.92 -4.78
CA TYR A 68 3.20 12.91 -4.01
C TYR A 68 1.94 12.48 -4.75
N LEU A 69 1.47 11.27 -4.46
CA LEU A 69 0.27 10.73 -5.09
C LEU A 69 -0.78 10.37 -4.07
N ASN A 70 -1.93 11.05 -4.12
CA ASN A 70 -3.01 10.78 -3.19
C ASN A 70 -3.87 9.62 -3.65
N LYS A 71 -4.33 8.80 -2.70
CA LYS A 71 -5.15 7.64 -3.01
C LYS A 71 -6.51 8.08 -3.56
N THR A 72 -6.86 9.34 -3.34
CA THR A 72 -8.12 9.87 -3.82
C THR A 72 -8.13 10.02 -5.34
N SER A 73 -6.96 9.91 -5.93
CA SER A 73 -6.82 10.03 -7.39
C SER A 73 -6.99 8.67 -8.07
N VAL A 74 -6.77 7.60 -7.30
CA VAL A 74 -6.89 6.25 -7.81
C VAL A 74 -8.12 5.56 -7.26
N ARG A 75 -8.71 6.14 -6.22
CA ARG A 75 -9.90 5.58 -5.59
C ARG A 75 -10.99 5.33 -6.63
N PRO A 76 -11.42 6.41 -7.31
CA PRO A 76 -12.46 6.33 -8.34
C PRO A 76 -11.98 5.60 -9.59
N GLY A 77 -10.67 5.63 -9.82
CA GLY A 77 -10.11 4.97 -10.99
C GLY A 77 -10.34 3.48 -10.98
N LEU A 78 -10.07 2.84 -9.84
CA LEU A 78 -10.26 1.41 -9.70
C LEU A 78 -11.39 1.08 -8.73
N LYS A 79 -12.47 1.86 -8.81
CA LYS A 79 -13.62 1.66 -7.94
C LYS A 79 -14.30 0.33 -8.23
N ASN A 80 -14.09 -0.18 -9.45
CA ASN A 80 -14.69 -1.45 -9.85
C ASN A 80 -13.97 -2.62 -9.20
N CYS A 81 -12.64 -2.63 -9.31
CA CYS A 81 -11.82 -3.68 -8.73
C CYS A 81 -11.76 -3.55 -7.22
N GLY A 82 -12.37 -4.49 -6.52
CA GLY A 82 -12.38 -4.46 -5.07
C GLY A 82 -13.15 -3.28 -4.51
N ASP A 83 -12.86 -2.92 -3.26
CA ASP A 83 -13.53 -1.80 -2.61
C ASP A 83 -12.51 -0.84 -2.00
N VAL A 84 -13.02 0.21 -1.36
CA VAL A 84 -12.15 1.21 -0.74
C VAL A 84 -11.30 0.57 0.35
N ASN A 85 -11.91 -0.28 1.17
CA ASN A 85 -11.20 -0.95 2.24
C ASN A 85 -9.93 -1.63 1.73
N CYS A 86 -10.00 -2.15 0.51
CA CYS A 86 -8.85 -2.82 -0.10
C CYS A 86 -7.88 -1.80 -0.70
N ILE A 87 -8.42 -0.91 -1.52
CA ILE A 87 -7.60 0.12 -2.17
C ILE A 87 -6.62 0.74 -1.17
N GLY A 88 -7.13 1.10 0.01
CA GLY A 88 -6.28 1.70 1.03
C GLY A 88 -5.17 0.77 1.48
N ARG A 89 -5.51 -0.50 1.65
CA ARG A 89 -4.54 -1.50 2.09
C ARG A 89 -3.32 -1.52 1.17
N ILE A 90 -3.56 -1.71 -0.12
CA ILE A 90 -2.49 -1.74 -1.10
C ILE A 90 -1.72 -0.42 -1.12
N HIS A 91 -2.41 0.65 -1.47
CA HIS A 91 -1.80 1.98 -1.53
C HIS A 91 -0.92 2.22 -0.30
N THR A 92 -1.55 2.23 0.87
CA THR A 92 -0.83 2.45 2.12
C THR A 92 0.46 1.62 2.17
N TYR A 93 0.30 0.30 2.28
CA TYR A 93 1.44 -0.60 2.34
C TYR A 93 2.56 -0.12 1.44
N LEU A 94 2.32 -0.15 0.13
CA LEU A 94 3.32 0.29 -0.84
C LEU A 94 3.97 1.60 -0.40
N GLU A 95 3.20 2.45 0.27
CA GLU A 95 3.71 3.73 0.75
C GLU A 95 4.59 3.54 1.97
N LEU A 96 4.27 2.53 2.78
CA LEU A 96 5.02 2.24 3.99
C LEU A 96 6.38 1.62 3.65
N ILE A 97 6.42 0.85 2.58
CA ILE A 97 7.65 0.20 2.14
C ILE A 97 8.52 1.16 1.34
N GLY A 98 7.91 2.24 0.84
CA GLY A 98 8.64 3.21 0.06
C GLY A 98 8.42 3.06 -1.42
N ALA A 99 8.08 1.85 -1.85
CA ALA A 99 7.83 1.56 -3.26
C ALA A 99 7.20 2.77 -3.96
N ILE A 100 6.38 3.50 -3.22
CA ILE A 100 5.71 4.68 -3.77
C ILE A 100 5.72 5.83 -2.76
N ASN A 101 5.85 7.05 -3.28
CA ASN A 101 5.86 8.24 -2.42
C ASN A 101 6.94 8.12 -1.36
N PHE A 102 8.17 7.86 -1.79
CA PHE A 102 9.30 7.73 -0.87
C PHE A 102 9.73 9.09 -0.33
N GLY A 103 10.20 9.10 0.91
CA GLY A 103 10.65 10.35 1.52
C GLY A 103 9.76 11.52 1.14
N CYS A 104 8.65 11.68 1.85
CA CYS A 104 7.73 12.78 1.59
C CYS A 104 6.90 13.12 2.83
N GLU A 105 6.87 14.39 3.17
CA GLU A 105 6.12 14.84 4.35
C GLU A 105 4.64 14.54 4.18
N GLN A 106 4.22 14.23 2.95
CA GLN A 106 2.83 13.93 2.67
C GLN A 106 2.59 12.42 2.66
N ALA A 107 3.18 11.73 3.63
CA ALA A 107 3.01 10.28 3.75
C ALA A 107 2.02 9.92 4.83
N VAL A 108 1.87 8.63 5.09
CA VAL A 108 0.95 8.14 6.11
C VAL A 108 1.69 7.57 7.31
N TYR A 109 3.02 7.61 7.25
CA TYR A 109 3.86 7.09 8.32
C TYR A 109 4.43 8.23 9.17
N ASN A 110 4.77 9.33 8.51
CA ASN A 110 5.34 10.48 9.19
C ASN A 110 4.27 11.19 10.01
N ARG A 111 3.05 11.25 9.48
CA ARG A 111 1.95 11.90 10.17
C ARG A 111 1.91 11.51 11.64
N GLY A 1 9.94 18.17 39.59
CA GLY A 1 10.24 17.39 38.40
C GLY A 1 9.06 16.56 37.94
N SER A 2 9.24 15.84 36.84
CA SER A 2 8.18 15.00 36.29
C SER A 2 8.72 14.09 35.20
N SER A 3 8.06 12.95 34.99
CA SER A 3 8.47 11.99 33.97
C SER A 3 7.32 11.07 33.60
N GLY A 4 7.10 10.92 32.30
CA GLY A 4 6.02 10.06 31.82
C GLY A 4 5.77 10.23 30.33
N SER A 5 5.83 11.47 29.85
CA SER A 5 5.60 11.75 28.45
C SER A 5 6.35 10.75 27.56
N SER A 6 7.61 10.53 27.89
CA SER A 6 8.45 9.60 27.11
C SER A 6 7.79 8.22 27.04
N GLY A 7 7.09 7.96 25.93
CA GLY A 7 6.43 6.68 25.76
C GLY A 7 5.81 6.53 24.39
N HIS A 8 4.78 7.32 24.13
CA HIS A 8 4.07 7.27 22.85
C HIS A 8 5.06 7.06 21.70
N GLU A 9 4.82 6.02 20.91
CA GLU A 9 5.70 5.70 19.79
C GLU A 9 4.95 4.89 18.73
N GLU A 10 5.50 4.85 17.53
CA GLU A 10 4.89 4.11 16.42
C GLU A 10 5.48 2.71 16.32
N GLU A 11 4.90 1.77 17.05
CA GLU A 11 5.37 0.39 17.04
C GLU A 11 4.71 -0.40 15.91
N GLU A 12 3.38 -0.34 15.85
CA GLU A 12 2.64 -1.05 14.82
C GLU A 12 3.15 -0.68 13.43
N LEU A 13 3.04 0.59 13.07
CA LEU A 13 3.49 1.07 11.77
C LEU A 13 4.91 1.61 11.86
N LYS A 14 5.59 1.64 10.72
CA LYS A 14 6.96 2.16 10.66
C LYS A 14 7.30 2.64 9.26
N PRO A 15 7.99 3.79 9.17
CA PRO A 15 8.40 4.39 7.90
C PRO A 15 9.47 3.59 7.20
N PRO A 16 9.52 3.71 5.86
CA PRO A 16 10.51 3.00 5.04
C PRO A 16 11.93 3.52 5.25
N GLU A 17 12.91 2.67 4.98
CA GLU A 17 14.31 3.05 5.14
C GLU A 17 14.89 3.53 3.82
N GLN A 18 14.53 2.87 2.74
CA GLN A 18 15.01 3.22 1.40
C GLN A 18 14.13 2.62 0.32
N GLU A 19 13.94 3.37 -0.76
CA GLU A 19 13.12 2.90 -1.88
C GLU A 19 13.42 1.44 -2.21
N ILE A 20 12.40 0.61 -2.12
CA ILE A 20 12.56 -0.81 -2.42
C ILE A 20 12.27 -1.10 -3.88
N GLU A 21 12.31 -2.38 -4.24
CA GLU A 21 12.05 -2.80 -5.62
C GLU A 21 10.80 -3.66 -5.71
N ILE A 22 9.89 -3.30 -6.62
CA ILE A 22 8.65 -4.04 -6.79
C ILE A 22 8.48 -4.48 -8.25
N ASP A 23 7.93 -5.66 -8.44
CA ASP A 23 7.70 -6.20 -9.78
C ASP A 23 6.21 -6.31 -10.08
N ARG A 24 5.77 -5.60 -11.12
CA ARG A 24 4.37 -5.61 -11.51
C ARG A 24 4.00 -6.95 -12.16
N ASN A 25 4.97 -7.85 -12.24
CA ASN A 25 4.75 -9.16 -12.85
C ASN A 25 5.21 -10.27 -11.91
N ILE A 26 5.69 -9.88 -10.74
CA ILE A 26 6.17 -10.85 -9.75
C ILE A 26 5.73 -10.47 -8.35
N ILE A 27 5.19 -11.44 -7.61
CA ILE A 27 4.72 -11.21 -6.25
C ILE A 27 5.60 -11.94 -5.24
N GLN A 28 6.46 -11.21 -4.55
CA GLN A 28 7.34 -11.80 -3.55
C GLN A 28 6.69 -11.79 -2.17
N GLU A 29 7.12 -12.73 -1.32
CA GLU A 29 6.56 -12.83 0.02
C GLU A 29 6.55 -11.47 0.71
N GLU A 30 7.50 -10.62 0.36
CA GLU A 30 7.60 -9.29 0.95
C GLU A 30 6.26 -8.55 0.83
N GLU A 31 5.57 -8.75 -0.28
CA GLU A 31 4.29 -8.11 -0.50
C GLU A 31 3.15 -8.94 0.07
N LYS A 32 3.36 -10.26 0.12
CA LYS A 32 2.35 -11.17 0.65
C LYS A 32 2.21 -11.01 2.16
N GLN A 33 3.26 -10.48 2.79
CA GLN A 33 3.25 -10.28 4.23
C GLN A 33 2.39 -9.08 4.62
N ALA A 34 2.16 -8.19 3.66
CA ALA A 34 1.36 -7.00 3.88
C ALA A 34 -0.02 -7.13 3.21
N ILE A 35 -0.08 -7.95 2.17
CA ILE A 35 -1.33 -8.16 1.44
C ILE A 35 -1.68 -9.64 1.37
N PRO A 36 -1.55 -10.33 2.51
CA PRO A 36 -1.85 -11.76 2.61
C PRO A 36 -3.34 -12.05 2.50
N GLU A 37 -4.16 -11.06 2.83
CA GLU A 37 -5.61 -11.20 2.76
C GLU A 37 -6.05 -11.66 1.37
N PHE A 38 -5.24 -11.32 0.37
CA PHE A 38 -5.55 -11.68 -1.01
C PHE A 38 -4.97 -13.05 -1.35
N PHE A 39 -3.99 -13.49 -0.56
CA PHE A 39 -3.35 -14.78 -0.78
C PHE A 39 -3.85 -15.81 0.23
N GLU A 40 -4.87 -15.44 0.99
CA GLU A 40 -5.45 -16.33 1.99
C GLU A 40 -5.96 -17.61 1.34
N GLY A 41 -7.08 -17.50 0.62
CA GLY A 41 -7.65 -18.67 -0.03
C GLY A 41 -9.16 -18.56 -0.16
N ARG A 42 -9.65 -17.36 -0.43
CA ARG A 42 -11.08 -17.13 -0.59
C ARG A 42 -11.45 -16.97 -2.06
N GLN A 43 -12.72 -17.18 -2.37
CA GLN A 43 -13.21 -17.07 -3.75
C GLN A 43 -13.28 -15.60 -4.17
N ALA A 44 -13.89 -14.78 -3.32
CA ALA A 44 -14.02 -13.35 -3.61
C ALA A 44 -12.65 -12.71 -3.81
N LYS A 45 -11.74 -12.97 -2.88
CA LYS A 45 -10.39 -12.41 -2.95
C LYS A 45 -9.49 -13.29 -3.81
N THR A 46 -8.74 -12.66 -4.71
CA THR A 46 -7.83 -13.38 -5.59
C THR A 46 -6.52 -12.62 -5.76
N PRO A 47 -5.42 -13.36 -6.01
CA PRO A 47 -4.10 -12.78 -6.21
C PRO A 47 -3.99 -12.01 -7.53
N GLU A 48 -4.79 -12.42 -8.51
CA GLU A 48 -4.78 -11.78 -9.82
C GLU A 48 -5.39 -10.38 -9.74
N ARG A 49 -6.32 -10.21 -8.80
CA ARG A 49 -6.99 -8.92 -8.62
C ARG A 49 -6.08 -7.93 -7.89
N TYR A 50 -5.41 -8.41 -6.85
CA TYR A 50 -4.51 -7.56 -6.07
C TYR A 50 -3.48 -6.89 -6.97
N LEU A 51 -3.06 -7.60 -8.01
CA LEU A 51 -2.08 -7.07 -8.95
C LEU A 51 -2.67 -5.93 -9.77
N LYS A 52 -3.88 -6.14 -10.28
CA LYS A 52 -4.56 -5.13 -11.08
C LYS A 52 -4.65 -3.81 -10.33
N ILE A 53 -5.07 -3.88 -9.07
CA ILE A 53 -5.21 -2.69 -8.23
C ILE A 53 -3.83 -2.11 -7.88
N ARG A 54 -2.92 -2.98 -7.44
CA ARG A 54 -1.58 -2.55 -7.07
C ARG A 54 -0.86 -1.92 -8.26
N ASN A 55 -0.62 -2.72 -9.29
CA ASN A 55 0.06 -2.24 -10.48
C ASN A 55 -0.46 -0.86 -10.89
N TYR A 56 -1.76 -0.66 -10.75
CA TYR A 56 -2.38 0.61 -11.10
C TYR A 56 -1.80 1.74 -10.27
N ILE A 57 -1.84 1.59 -8.95
CA ILE A 57 -1.31 2.60 -8.04
C ILE A 57 0.14 2.90 -8.35
N LEU A 58 0.95 1.86 -8.45
CA LEU A 58 2.37 2.02 -8.74
C LEU A 58 2.58 2.81 -10.03
N ASP A 59 1.81 2.47 -11.06
CA ASP A 59 1.91 3.16 -12.34
C ASP A 59 1.60 4.65 -12.19
N GLN A 60 0.46 4.96 -11.58
CA GLN A 60 0.05 6.34 -11.38
C GLN A 60 1.12 7.11 -10.60
N TRP A 61 1.66 6.48 -9.57
CA TRP A 61 2.70 7.11 -8.75
C TRP A 61 3.72 7.83 -9.60
N GLU A 62 4.34 7.08 -10.52
CA GLU A 62 5.35 7.65 -11.41
C GLU A 62 4.72 8.67 -12.36
N ILE A 63 3.49 8.40 -12.77
CA ILE A 63 2.77 9.29 -13.68
C ILE A 63 2.67 10.70 -13.10
N CYS A 64 2.80 10.80 -11.78
CA CYS A 64 2.73 12.09 -11.10
C CYS A 64 4.09 12.49 -10.54
N LYS A 65 4.85 11.50 -10.09
CA LYS A 65 6.17 11.75 -9.53
C LYS A 65 6.90 12.83 -10.30
N PRO A 66 7.84 13.52 -9.63
CA PRO A 66 8.18 13.23 -8.23
C PRO A 66 7.07 13.66 -7.27
N LYS A 67 6.05 14.31 -7.82
CA LYS A 67 4.91 14.77 -7.02
C LYS A 67 4.27 13.61 -6.27
N TYR A 68 3.85 13.85 -5.04
CA TYR A 68 3.22 12.82 -4.23
C TYR A 68 1.95 12.31 -4.90
N LEU A 69 1.47 11.16 -4.44
CA LEU A 69 0.26 10.55 -4.99
C LEU A 69 -0.63 9.99 -3.88
N ASN A 70 -1.81 10.56 -3.74
CA ASN A 70 -2.75 10.11 -2.72
C ASN A 70 -3.57 8.91 -3.20
N LYS A 71 -4.12 8.16 -2.27
CA LYS A 71 -4.92 6.98 -2.61
C LYS A 71 -6.24 7.39 -3.25
N THR A 72 -6.73 8.57 -2.88
CA THR A 72 -7.98 9.08 -3.43
C THR A 72 -7.85 9.41 -4.90
N SER A 73 -6.62 9.66 -5.34
CA SER A 73 -6.36 9.99 -6.74
C SER A 73 -6.59 8.77 -7.63
N VAL A 74 -6.73 7.60 -7.02
CA VAL A 74 -6.96 6.37 -7.76
C VAL A 74 -8.27 5.71 -7.34
N ARG A 75 -9.04 6.41 -6.53
CA ARG A 75 -10.32 5.89 -6.05
C ARG A 75 -11.30 5.70 -7.21
N PRO A 76 -11.61 6.81 -7.90
CA PRO A 76 -12.53 6.80 -9.04
C PRO A 76 -11.94 6.08 -10.25
N GLY A 77 -10.69 5.66 -10.14
CA GLY A 77 -10.04 4.96 -11.23
C GLY A 77 -10.21 3.46 -11.14
N LEU A 78 -10.43 2.97 -9.93
CA LEU A 78 -10.60 1.53 -9.72
C LEU A 78 -11.83 1.26 -8.86
N LYS A 79 -12.94 0.91 -9.51
CA LYS A 79 -14.18 0.61 -8.81
C LYS A 79 -14.44 -0.89 -8.76
N ASN A 80 -14.69 -1.48 -9.92
CA ASN A 80 -14.94 -2.92 -10.02
C ASN A 80 -13.93 -3.70 -9.19
N CYS A 81 -12.65 -3.41 -9.39
CA CYS A 81 -11.59 -4.10 -8.65
C CYS A 81 -11.51 -3.60 -7.21
N GLY A 82 -12.09 -4.37 -6.30
CA GLY A 82 -12.07 -3.99 -4.89
C GLY A 82 -12.79 -2.68 -4.65
N ASP A 83 -12.51 -2.06 -3.50
CA ASP A 83 -13.13 -0.80 -3.14
C ASP A 83 -12.21 0.04 -2.25
N VAL A 84 -12.69 1.21 -1.85
CA VAL A 84 -11.90 2.10 -1.01
C VAL A 84 -11.20 1.32 0.11
N ASN A 85 -11.95 0.44 0.77
CA ASN A 85 -11.40 -0.37 1.86
C ASN A 85 -10.08 -1.02 1.43
N CYS A 86 -10.15 -1.79 0.34
CA CYS A 86 -8.96 -2.48 -0.17
C CYS A 86 -7.92 -1.48 -0.65
N ILE A 87 -8.35 -0.52 -1.47
CA ILE A 87 -7.46 0.50 -2.01
C ILE A 87 -6.49 0.99 -0.93
N GLY A 88 -7.04 1.48 0.17
CA GLY A 88 -6.21 1.97 1.26
C GLY A 88 -5.14 0.99 1.67
N ARG A 89 -5.52 -0.29 1.79
CA ARG A 89 -4.58 -1.32 2.17
C ARG A 89 -3.38 -1.37 1.23
N ILE A 90 -3.66 -1.54 -0.06
CA ILE A 90 -2.61 -1.60 -1.06
C ILE A 90 -1.81 -0.30 -1.10
N HIS A 91 -2.49 0.80 -1.41
CA HIS A 91 -1.84 2.11 -1.47
C HIS A 91 -0.99 2.35 -0.22
N THR A 92 -1.63 2.30 0.94
CA THR A 92 -0.93 2.51 2.21
C THR A 92 0.34 1.69 2.28
N TYR A 93 0.19 0.37 2.38
CA TYR A 93 1.34 -0.53 2.45
C TYR A 93 2.46 -0.06 1.53
N LEU A 94 2.21 -0.12 0.23
CA LEU A 94 3.19 0.30 -0.76
C LEU A 94 3.90 1.58 -0.32
N GLU A 95 3.15 2.45 0.37
CA GLU A 95 3.70 3.71 0.85
C GLU A 95 4.56 3.49 2.09
N LEU A 96 4.17 2.52 2.91
CA LEU A 96 4.90 2.22 4.13
C LEU A 96 6.25 1.58 3.82
N ILE A 97 6.32 0.88 2.69
CA ILE A 97 7.55 0.23 2.28
C ILE A 97 8.43 1.16 1.45
N GLY A 98 7.82 2.23 0.93
CA GLY A 98 8.55 3.19 0.13
C GLY A 98 8.27 3.04 -1.36
N ALA A 99 7.89 1.84 -1.77
CA ALA A 99 7.59 1.58 -3.17
C ALA A 99 6.96 2.80 -3.83
N ILE A 100 6.16 3.54 -3.08
CA ILE A 100 5.51 4.74 -3.60
C ILE A 100 5.56 5.87 -2.58
N ASN A 101 5.71 7.09 -3.07
CA ASN A 101 5.76 8.27 -2.22
C ASN A 101 6.86 8.12 -1.16
N PHE A 102 8.06 7.78 -1.62
CA PHE A 102 9.20 7.61 -0.73
C PHE A 102 9.71 8.96 -0.23
N GLY A 103 10.05 9.01 1.06
CA GLY A 103 10.55 10.25 1.64
C GLY A 103 9.80 11.47 1.13
N CYS A 104 8.50 11.51 1.41
CA CYS A 104 7.67 12.63 0.97
C CYS A 104 6.86 13.18 2.14
N GLU A 105 7.14 14.42 2.51
CA GLU A 105 6.44 15.07 3.62
C GLU A 105 4.98 14.63 3.67
N GLN A 106 4.40 14.40 2.50
CA GLN A 106 3.01 13.97 2.40
C GLN A 106 2.89 12.46 2.59
N ALA A 107 3.68 11.92 3.51
CA ALA A 107 3.65 10.49 3.79
C ALA A 107 2.75 10.18 4.98
N VAL A 108 1.98 9.10 4.86
CA VAL A 108 1.07 8.70 5.93
C VAL A 108 1.82 8.48 7.23
N TYR A 109 3.09 8.09 7.13
CA TYR A 109 3.91 7.85 8.30
C TYR A 109 4.59 9.14 8.76
N ASN A 110 5.05 9.94 7.80
CA ASN A 110 5.73 11.20 8.11
C ASN A 110 4.95 11.98 9.17
N ARG A 111 3.65 12.13 8.95
CA ARG A 111 2.79 12.86 9.88
C ARG A 111 2.51 12.03 11.13
N GLY A 1 15.32 9.74 29.66
CA GLY A 1 14.00 9.37 29.21
C GLY A 1 12.93 10.34 29.68
N SER A 2 12.23 10.94 28.72
CA SER A 2 11.18 11.91 29.04
C SER A 2 10.33 12.22 27.80
N SER A 3 9.02 12.26 27.98
CA SER A 3 8.10 12.55 26.89
C SER A 3 6.73 12.93 27.42
N GLY A 4 5.90 13.50 26.54
CA GLY A 4 4.56 13.89 26.94
C GLY A 4 3.49 13.14 26.20
N SER A 5 2.47 12.68 26.92
CA SER A 5 1.38 11.93 26.32
C SER A 5 0.50 12.83 25.46
N SER A 6 0.93 13.08 24.23
CA SER A 6 0.19 13.95 23.32
C SER A 6 0.74 13.82 21.89
N GLY A 7 -0.16 13.85 20.91
CA GLY A 7 0.24 13.74 19.53
C GLY A 7 1.15 12.56 19.29
N HIS A 8 0.75 11.39 19.76
CA HIS A 8 1.54 10.17 19.58
C HIS A 8 0.64 8.95 19.43
N GLU A 9 0.75 8.27 18.29
CA GLU A 9 -0.06 7.09 18.02
C GLU A 9 0.42 6.39 16.75
N GLU A 10 0.66 5.08 16.87
CA GLU A 10 1.12 4.29 15.73
C GLU A 10 0.53 2.88 15.77
N GLU A 11 0.52 2.22 14.61
CA GLU A 11 -0.01 0.87 14.52
C GLU A 11 0.98 -0.06 13.82
N GLU A 12 1.89 -0.63 14.60
CA GLU A 12 2.90 -1.54 14.07
C GLU A 12 3.32 -1.10 12.67
N LEU A 13 3.63 0.18 12.52
CA LEU A 13 4.05 0.72 11.23
C LEU A 13 5.43 1.35 11.34
N LYS A 14 6.13 1.42 10.20
CA LYS A 14 7.47 2.01 10.17
C LYS A 14 7.79 2.56 8.78
N PRO A 15 8.35 3.77 8.73
CA PRO A 15 8.72 4.44 7.48
C PRO A 15 9.89 3.75 6.79
N PRO A 16 9.92 3.87 5.45
CA PRO A 16 10.98 3.26 4.64
C PRO A 16 12.33 3.96 4.83
N GLU A 17 13.41 3.22 4.62
CA GLU A 17 14.75 3.77 4.78
C GLU A 17 15.34 4.16 3.42
N GLN A 18 15.01 3.38 2.39
CA GLN A 18 15.51 3.64 1.05
C GLN A 18 14.60 3.02 0.00
N GLU A 19 14.33 3.77 -1.07
CA GLU A 19 13.46 3.29 -2.14
C GLU A 19 13.77 1.84 -2.47
N ILE A 20 12.72 1.01 -2.48
CA ILE A 20 12.88 -0.41 -2.79
C ILE A 20 12.39 -0.72 -4.21
N GLU A 21 12.53 -1.98 -4.61
CA GLU A 21 12.10 -2.41 -5.93
C GLU A 21 10.89 -3.33 -5.85
N ILE A 22 9.94 -3.12 -6.76
CA ILE A 22 8.73 -3.93 -6.78
C ILE A 22 8.43 -4.44 -8.19
N ASP A 23 7.84 -5.62 -8.27
CA ASP A 23 7.50 -6.21 -9.57
C ASP A 23 5.98 -6.30 -9.74
N ARG A 24 5.50 -5.88 -10.90
CA ARG A 24 4.07 -5.91 -11.19
C ARG A 24 3.65 -7.28 -11.71
N ASN A 25 4.64 -8.14 -11.97
CA ASN A 25 4.36 -9.48 -12.48
C ASN A 25 4.86 -10.54 -11.50
N ILE A 26 5.34 -10.08 -10.34
CA ILE A 26 5.84 -10.98 -9.31
C ILE A 26 5.37 -10.56 -7.92
N ILE A 27 4.91 -11.53 -7.14
CA ILE A 27 4.43 -11.25 -5.79
C ILE A 27 5.36 -11.86 -4.74
N GLN A 28 6.31 -11.06 -4.26
CA GLN A 28 7.25 -11.53 -3.26
C GLN A 28 6.63 -11.50 -1.86
N GLU A 29 7.21 -12.28 -0.95
CA GLU A 29 6.71 -12.35 0.42
C GLU A 29 6.53 -10.95 1.01
N GLU A 30 7.34 -10.02 0.53
CA GLU A 30 7.28 -8.64 1.01
C GLU A 30 5.87 -8.07 0.84
N GLU A 31 5.17 -8.52 -0.19
CA GLU A 31 3.82 -8.07 -0.47
C GLU A 31 2.79 -9.00 0.16
N LYS A 32 3.18 -10.25 0.37
CA LYS A 32 2.29 -11.23 0.97
C LYS A 32 2.14 -10.99 2.47
N GLN A 33 3.13 -10.34 3.07
CA GLN A 33 3.10 -10.04 4.49
C GLN A 33 2.24 -8.81 4.78
N ALA A 34 2.08 -7.96 3.77
CA ALA A 34 1.28 -6.75 3.90
C ALA A 34 -0.05 -6.90 3.19
N ILE A 35 -0.10 -7.77 2.19
CA ILE A 35 -1.32 -8.00 1.42
C ILE A 35 -1.73 -9.46 1.47
N PRO A 36 -1.68 -10.06 2.67
CA PRO A 36 -2.05 -11.46 2.88
C PRO A 36 -3.55 -11.70 2.72
N GLU A 37 -4.34 -10.67 3.01
CA GLU A 37 -5.79 -10.78 2.89
C GLU A 37 -6.19 -11.35 1.53
N PHE A 38 -5.42 -11.00 0.50
CA PHE A 38 -5.69 -11.47 -0.85
C PHE A 38 -5.12 -12.88 -1.06
N PHE A 39 -4.13 -13.23 -0.24
CA PHE A 39 -3.49 -14.54 -0.33
C PHE A 39 -3.98 -15.46 0.77
N GLU A 40 -4.94 -14.99 1.55
CA GLU A 40 -5.50 -15.77 2.64
C GLU A 40 -6.21 -17.01 2.12
N GLY A 41 -7.20 -16.80 1.26
CA GLY A 41 -7.95 -17.91 0.69
C GLY A 41 -9.42 -17.59 0.52
N ARG A 42 -9.72 -16.33 0.19
CA ARG A 42 -11.09 -15.89 0.00
C ARG A 42 -11.37 -15.63 -1.47
N GLN A 43 -12.54 -16.07 -1.93
CA GLN A 43 -12.94 -15.89 -3.33
C GLN A 43 -13.05 -14.40 -3.67
N ALA A 44 -13.68 -13.64 -2.77
CA ALA A 44 -13.85 -12.21 -2.97
C ALA A 44 -12.50 -11.52 -3.17
N LYS A 45 -11.54 -11.86 -2.31
CA LYS A 45 -10.21 -11.27 -2.38
C LYS A 45 -9.23 -12.22 -3.06
N THR A 46 -9.11 -12.11 -4.38
CA THR A 46 -8.21 -12.96 -5.15
C THR A 46 -6.87 -12.27 -5.38
N PRO A 47 -5.80 -13.07 -5.50
CA PRO A 47 -4.45 -12.55 -5.74
C PRO A 47 -4.28 -11.96 -7.13
N GLU A 48 -5.18 -12.34 -8.04
CA GLU A 48 -5.13 -11.83 -9.41
C GLU A 48 -5.75 -10.44 -9.51
N ARG A 49 -6.67 -10.14 -8.59
CA ARG A 49 -7.33 -8.85 -8.57
C ARG A 49 -6.47 -7.80 -7.88
N TYR A 50 -5.74 -8.22 -6.85
CA TYR A 50 -4.86 -7.32 -6.11
C TYR A 50 -3.80 -6.73 -7.02
N LEU A 51 -3.28 -7.54 -7.94
CA LEU A 51 -2.26 -7.10 -8.87
C LEU A 51 -2.76 -5.93 -9.72
N LYS A 52 -4.04 -5.98 -10.09
CA LYS A 52 -4.65 -4.94 -10.89
C LYS A 52 -4.57 -3.60 -10.19
N ILE A 53 -5.28 -3.48 -9.07
CA ILE A 53 -5.29 -2.23 -8.30
C ILE A 53 -3.87 -1.76 -8.00
N ARG A 54 -3.03 -2.68 -7.55
CA ARG A 54 -1.64 -2.37 -7.22
C ARG A 54 -0.92 -1.80 -8.44
N ASN A 55 -0.87 -2.59 -9.51
CA ASN A 55 -0.20 -2.17 -10.73
C ASN A 55 -0.54 -0.73 -11.07
N TYR A 56 -1.82 -0.39 -11.02
CA TYR A 56 -2.27 0.95 -11.32
C TYR A 56 -1.63 1.97 -10.38
N ILE A 57 -1.74 1.72 -9.08
CA ILE A 57 -1.16 2.61 -8.08
C ILE A 57 0.32 2.85 -8.34
N LEU A 58 1.09 1.78 -8.37
CA LEU A 58 2.53 1.87 -8.62
C LEU A 58 2.81 2.65 -9.90
N ASP A 59 1.85 2.62 -10.82
CA ASP A 59 1.99 3.33 -12.09
C ASP A 59 1.75 4.83 -11.91
N GLN A 60 0.58 5.17 -11.39
CA GLN A 60 0.23 6.57 -11.16
C GLN A 60 1.28 7.27 -10.29
N TRP A 61 1.89 6.51 -9.40
CA TRP A 61 2.92 7.06 -8.52
C TRP A 61 4.03 7.72 -9.32
N GLU A 62 4.64 6.95 -10.21
CA GLU A 62 5.73 7.46 -11.05
C GLU A 62 5.20 8.48 -12.06
N ILE A 63 3.91 8.39 -12.36
CA ILE A 63 3.29 9.31 -13.31
C ILE A 63 3.25 10.73 -12.76
N CYS A 64 3.15 10.86 -11.45
CA CYS A 64 3.12 12.16 -10.80
C CYS A 64 4.45 12.48 -10.14
N LYS A 65 5.11 11.45 -9.62
CA LYS A 65 6.40 11.62 -8.95
C LYS A 65 7.23 12.69 -9.64
N PRO A 66 8.15 13.32 -8.90
CA PRO A 66 8.35 12.99 -7.48
C PRO A 66 7.19 13.44 -6.61
N LYS A 67 6.24 14.14 -7.21
CA LYS A 67 5.07 14.64 -6.49
C LYS A 67 4.37 13.50 -5.74
N TYR A 68 3.73 13.83 -4.63
CA TYR A 68 3.02 12.84 -3.83
C TYR A 68 1.81 12.30 -4.58
N LEU A 69 1.34 11.12 -4.17
CA LEU A 69 0.19 10.50 -4.79
C LEU A 69 -0.90 10.20 -3.76
N ASN A 70 -2.11 10.67 -4.02
CA ASN A 70 -3.23 10.46 -3.11
C ASN A 70 -4.04 9.23 -3.53
N LYS A 71 -4.78 8.66 -2.58
CA LYS A 71 -5.59 7.49 -2.86
C LYS A 71 -6.90 7.88 -3.52
N THR A 72 -7.24 9.16 -3.46
CA THR A 72 -8.46 9.67 -4.05
C THR A 72 -8.29 9.95 -5.54
N SER A 73 -7.04 9.94 -5.99
CA SER A 73 -6.72 10.19 -7.39
C SER A 73 -6.73 8.90 -8.20
N VAL A 74 -6.83 7.77 -7.50
CA VAL A 74 -6.84 6.46 -8.14
C VAL A 74 -8.17 5.76 -7.93
N ARG A 75 -8.90 6.17 -6.89
CA ARG A 75 -10.19 5.58 -6.57
C ARG A 75 -11.05 5.45 -7.83
N PRO A 76 -11.33 6.58 -8.48
CA PRO A 76 -12.14 6.61 -9.70
C PRO A 76 -11.42 6.00 -10.90
N GLY A 77 -10.09 6.10 -10.90
CA GLY A 77 -9.31 5.55 -11.98
C GLY A 77 -9.72 4.13 -12.33
N LEU A 78 -10.00 3.32 -11.31
CA LEU A 78 -10.41 1.94 -11.52
C LEU A 78 -11.79 1.69 -10.93
N LYS A 79 -12.75 1.46 -11.82
CA LYS A 79 -14.13 1.19 -11.40
C LYS A 79 -14.36 -0.30 -11.20
N ASN A 80 -13.89 -1.10 -12.15
CA ASN A 80 -14.05 -2.55 -12.08
C ASN A 80 -13.02 -3.16 -11.14
N CYS A 81 -12.84 -2.55 -9.98
CA CYS A 81 -11.88 -3.04 -8.99
C CYS A 81 -12.57 -3.37 -7.67
N GLY A 82 -11.77 -3.73 -6.67
CA GLY A 82 -12.32 -4.07 -5.38
C GLY A 82 -13.07 -2.91 -4.74
N ASP A 83 -12.91 -2.75 -3.43
CA ASP A 83 -13.56 -1.67 -2.70
C ASP A 83 -12.54 -0.76 -2.04
N VAL A 84 -13.03 0.25 -1.32
CA VAL A 84 -12.16 1.19 -0.63
C VAL A 84 -11.47 0.54 0.56
N ASN A 85 -11.91 -0.67 0.90
CA ASN A 85 -11.34 -1.40 2.04
C ASN A 85 -10.05 -2.10 1.63
N CYS A 86 -9.92 -2.41 0.34
CA CYS A 86 -8.74 -3.06 -0.18
C CYS A 86 -7.69 -2.05 -0.63
N ILE A 87 -8.13 -1.09 -1.44
CA ILE A 87 -7.24 -0.06 -1.96
C ILE A 87 -6.32 0.46 -0.86
N GLY A 88 -6.91 1.02 0.18
CA GLY A 88 -6.13 1.56 1.29
C GLY A 88 -4.92 0.69 1.60
N ARG A 89 -5.16 -0.59 1.86
CA ARG A 89 -4.08 -1.52 2.18
C ARG A 89 -3.00 -1.49 1.11
N ILE A 90 -3.42 -1.65 -0.15
CA ILE A 90 -2.48 -1.63 -1.26
C ILE A 90 -1.71 -0.31 -1.33
N HIS A 91 -2.44 0.78 -1.49
CA HIS A 91 -1.84 2.10 -1.57
C HIS A 91 -0.89 2.33 -0.38
N THR A 92 -1.44 2.27 0.82
CA THR A 92 -0.66 2.48 2.03
C THR A 92 0.60 1.60 2.02
N TYR A 93 0.40 0.29 2.08
CA TYR A 93 1.52 -0.65 2.07
C TYR A 93 2.63 -0.17 1.15
N LEU A 94 2.37 -0.20 -0.16
CA LEU A 94 3.35 0.23 -1.14
C LEU A 94 4.02 1.53 -0.71
N GLU A 95 3.29 2.34 0.05
CA GLU A 95 3.82 3.62 0.52
C GLU A 95 4.69 3.42 1.75
N LEU A 96 4.34 2.43 2.57
CA LEU A 96 5.09 2.12 3.78
C LEU A 96 6.46 1.53 3.45
N ILE A 97 6.53 0.82 2.33
CA ILE A 97 7.78 0.19 1.89
C ILE A 97 8.63 1.18 1.11
N GLY A 98 8.03 2.30 0.71
CA GLY A 98 8.76 3.31 -0.04
C GLY A 98 8.51 3.20 -1.53
N ALA A 99 8.12 2.01 -1.99
CA ALA A 99 7.86 1.79 -3.40
C ALA A 99 7.26 3.03 -4.06
N ILE A 100 6.31 3.66 -3.37
CA ILE A 100 5.66 4.86 -3.88
C ILE A 100 5.71 5.99 -2.86
N ASN A 101 5.76 7.22 -3.35
CA ASN A 101 5.81 8.39 -2.48
C ASN A 101 6.91 8.25 -1.44
N PHE A 102 8.12 7.96 -1.91
CA PHE A 102 9.27 7.80 -1.01
C PHE A 102 9.67 9.14 -0.41
N GLY A 103 10.19 9.09 0.81
CA GLY A 103 10.62 10.31 1.49
C GLY A 103 9.74 11.49 1.15
N CYS A 104 8.62 11.61 1.86
CA CYS A 104 7.68 12.71 1.64
C CYS A 104 7.07 13.19 2.95
N GLU A 105 7.27 14.46 3.26
CA GLU A 105 6.75 15.05 4.49
C GLU A 105 5.26 14.79 4.61
N GLN A 106 4.58 14.65 3.47
CA GLN A 106 3.15 14.41 3.45
C GLN A 106 2.85 12.91 3.33
N ALA A 107 3.68 12.10 3.99
CA ALA A 107 3.52 10.65 3.95
C ALA A 107 2.61 10.18 5.10
N VAL A 108 1.90 9.08 4.86
CA VAL A 108 1.00 8.53 5.87
C VAL A 108 1.78 7.99 7.06
N TYR A 109 3.08 7.79 6.87
CA TYR A 109 3.94 7.27 7.93
C TYR A 109 4.69 8.40 8.63
N ASN A 110 4.94 9.48 7.89
CA ASN A 110 5.63 10.64 8.44
C ASN A 110 4.72 11.46 9.35
N ARG A 111 3.42 11.29 9.16
CA ARG A 111 2.43 12.01 9.95
C ARG A 111 2.85 12.09 11.42
N GLY A 1 -2.99 1.63 30.18
CA GLY A 1 -2.72 1.07 31.48
C GLY A 1 -2.95 2.08 32.60
N SER A 2 -1.86 2.59 33.17
CA SER A 2 -1.96 3.56 34.25
C SER A 2 -2.13 4.98 33.71
N SER A 3 -1.25 5.36 32.80
CA SER A 3 -1.29 6.70 32.20
C SER A 3 -2.55 6.86 31.36
N GLY A 4 -2.67 6.04 30.32
CA GLY A 4 -3.82 6.11 29.44
C GLY A 4 -3.45 6.02 27.98
N SER A 5 -3.00 7.14 27.41
CA SER A 5 -2.62 7.18 26.00
C SER A 5 -1.44 8.12 25.79
N SER A 6 -0.35 7.60 25.24
CA SER A 6 0.85 8.39 24.98
C SER A 6 0.70 9.19 23.70
N GLY A 7 1.23 10.41 23.71
CA GLY A 7 1.15 11.26 22.54
C GLY A 7 1.46 10.51 21.26
N HIS A 8 2.70 10.06 21.12
CA HIS A 8 3.13 9.32 19.94
C HIS A 8 2.59 7.89 19.97
N GLU A 9 1.61 7.61 19.11
CA GLU A 9 1.02 6.28 19.05
C GLU A 9 1.46 5.55 17.78
N GLU A 10 2.09 4.39 17.95
CA GLU A 10 2.56 3.60 16.82
C GLU A 10 1.81 2.28 16.74
N GLU A 11 1.42 1.90 15.52
CA GLU A 11 0.69 0.66 15.31
C GLU A 11 1.56 -0.35 14.55
N GLU A 12 2.54 -0.91 15.24
CA GLU A 12 3.44 -1.90 14.65
C GLU A 12 3.82 -1.48 13.23
N LEU A 13 4.16 -0.21 13.07
CA LEU A 13 4.54 0.32 11.75
C LEU A 13 5.95 0.89 11.80
N LYS A 14 6.54 1.09 10.63
CA LYS A 14 7.89 1.63 10.52
C LYS A 14 8.15 2.17 9.13
N PRO A 15 8.84 3.33 9.05
CA PRO A 15 9.16 3.98 7.78
C PRO A 15 10.22 3.20 6.99
N PRO A 16 10.18 3.34 5.66
CA PRO A 16 11.13 2.67 4.76
C PRO A 16 12.54 3.22 4.89
N GLU A 17 13.52 2.41 4.50
CA GLU A 17 14.92 2.83 4.57
C GLU A 17 15.40 3.35 3.21
N GLN A 18 14.96 2.70 2.15
CA GLN A 18 15.35 3.09 0.80
C GLN A 18 14.37 2.54 -0.23
N GLU A 19 14.05 3.36 -1.24
CA GLU A 19 13.12 2.94 -2.29
C GLU A 19 13.40 1.52 -2.73
N ILE A 20 12.43 0.64 -2.50
CA ILE A 20 12.58 -0.77 -2.88
C ILE A 20 12.13 -1.00 -4.31
N GLU A 21 12.16 -2.25 -4.74
CA GLU A 21 11.76 -2.61 -6.10
C GLU A 21 10.51 -3.49 -6.09
N ILE A 22 9.63 -3.26 -7.05
CA ILE A 22 8.39 -4.03 -7.15
C ILE A 22 8.15 -4.51 -8.57
N ASP A 23 7.53 -5.68 -8.70
CA ASP A 23 7.23 -6.25 -10.01
C ASP A 23 5.73 -6.30 -10.25
N ARG A 24 5.31 -5.89 -11.45
CA ARG A 24 3.91 -5.90 -11.81
C ARG A 24 3.46 -7.27 -12.27
N ASN A 25 4.43 -8.17 -12.44
CA ASN A 25 4.14 -9.53 -12.89
C ASN A 25 4.67 -10.55 -11.88
N ILE A 26 5.30 -10.06 -10.82
CA ILE A 26 5.84 -10.93 -9.78
C ILE A 26 5.46 -10.44 -8.40
N ILE A 27 4.96 -11.35 -7.57
CA ILE A 27 4.56 -11.01 -6.21
C ILE A 27 5.46 -11.69 -5.18
N GLN A 28 6.43 -10.96 -4.67
CA GLN A 28 7.36 -11.50 -3.68
C GLN A 28 6.73 -11.48 -2.29
N GLU A 29 7.20 -12.39 -1.43
CA GLU A 29 6.69 -12.48 -0.06
C GLU A 29 6.57 -11.10 0.56
N GLU A 30 7.61 -10.29 0.42
CA GLU A 30 7.63 -8.94 0.97
C GLU A 30 6.24 -8.33 0.94
N GLU A 31 5.57 -8.42 -0.20
CA GLU A 31 4.23 -7.87 -0.35
C GLU A 31 3.19 -8.76 0.32
N LYS A 32 3.36 -10.07 0.16
CA LYS A 32 2.44 -11.05 0.75
C LYS A 32 2.40 -10.89 2.26
N GLN A 33 3.44 -10.30 2.83
CA GLN A 33 3.52 -10.08 4.27
C GLN A 33 2.66 -8.89 4.69
N ALA A 34 2.36 -8.01 3.74
CA ALA A 34 1.56 -6.83 4.01
C ALA A 34 0.17 -6.96 3.40
N ILE A 35 0.03 -7.90 2.47
CA ILE A 35 -1.26 -8.12 1.81
C ILE A 35 -1.63 -9.61 1.84
N PRO A 36 -1.49 -10.23 3.02
CA PRO A 36 -1.81 -11.65 3.22
C PRO A 36 -3.31 -11.90 3.17
N GLU A 37 -4.09 -10.84 3.06
CA GLU A 37 -5.54 -10.95 3.01
C GLU A 37 -5.99 -11.50 1.66
N PHE A 38 -5.49 -10.91 0.59
CA PHE A 38 -5.84 -11.34 -0.77
C PHE A 38 -5.27 -12.73 -1.05
N PHE A 39 -4.20 -13.08 -0.35
CA PHE A 39 -3.56 -14.39 -0.54
C PHE A 39 -4.07 -15.38 0.51
N GLU A 40 -5.23 -15.11 1.07
CA GLU A 40 -5.82 -15.97 2.08
C GLU A 40 -6.28 -17.30 1.46
N GLY A 41 -6.99 -17.21 0.36
CA GLY A 41 -7.46 -18.41 -0.32
C GLY A 41 -8.97 -18.53 -0.27
N ARG A 42 -9.67 -17.42 -0.50
CA ARG A 42 -11.12 -17.40 -0.48
C ARG A 42 -11.68 -17.15 -1.88
N GLN A 43 -13.01 -17.20 -2.01
CA GLN A 43 -13.66 -16.98 -3.29
C GLN A 43 -13.73 -15.49 -3.62
N ALA A 44 -13.97 -14.68 -2.59
CA ALA A 44 -14.05 -13.23 -2.78
C ALA A 44 -12.67 -12.62 -3.01
N LYS A 45 -11.73 -12.97 -2.15
CA LYS A 45 -10.37 -12.46 -2.26
C LYS A 45 -9.57 -13.27 -3.27
N THR A 46 -8.80 -12.58 -4.11
CA THR A 46 -7.99 -13.24 -5.12
C THR A 46 -6.71 -12.45 -5.39
N PRO A 47 -5.62 -13.17 -5.73
CA PRO A 47 -4.33 -12.56 -6.02
C PRO A 47 -4.33 -11.78 -7.33
N GLU A 48 -5.21 -12.18 -8.25
CA GLU A 48 -5.30 -11.52 -9.54
C GLU A 48 -5.85 -10.10 -9.39
N ARG A 49 -6.67 -9.91 -8.36
CA ARG A 49 -7.27 -8.59 -8.10
C ARG A 49 -6.25 -7.65 -7.48
N TYR A 50 -5.53 -8.14 -6.48
CA TYR A 50 -4.52 -7.33 -5.79
C TYR A 50 -3.51 -6.77 -6.78
N LEU A 51 -3.27 -7.51 -7.86
CA LEU A 51 -2.33 -7.09 -8.89
C LEU A 51 -2.88 -5.92 -9.68
N LYS A 52 -4.10 -6.07 -10.20
CA LYS A 52 -4.74 -5.02 -10.98
C LYS A 52 -4.82 -3.72 -10.18
N ILE A 53 -5.24 -3.82 -8.93
CA ILE A 53 -5.35 -2.65 -8.07
C ILE A 53 -3.98 -2.05 -7.77
N ARG A 54 -3.03 -2.90 -7.41
CA ARG A 54 -1.68 -2.45 -7.12
C ARG A 54 -1.01 -1.86 -8.35
N ASN A 55 -0.79 -2.71 -9.36
CA ASN A 55 -0.15 -2.27 -10.59
C ASN A 55 -0.70 -0.91 -11.04
N TYR A 56 -1.96 -0.66 -10.72
CA TYR A 56 -2.60 0.60 -11.08
C TYR A 56 -2.01 1.77 -10.28
N ILE A 57 -1.94 1.59 -8.96
CA ILE A 57 -1.40 2.62 -8.09
C ILE A 57 0.04 2.97 -8.47
N LEU A 58 0.90 1.96 -8.46
CA LEU A 58 2.31 2.16 -8.80
C LEU A 58 2.44 2.99 -10.07
N ASP A 59 1.59 2.72 -11.05
CA ASP A 59 1.60 3.46 -12.31
C ASP A 59 1.41 4.95 -12.07
N GLN A 60 0.32 5.30 -11.40
CA GLN A 60 0.03 6.70 -11.11
C GLN A 60 1.15 7.34 -10.32
N TRP A 61 1.72 6.59 -9.39
CA TRP A 61 2.82 7.08 -8.56
C TRP A 61 3.91 7.72 -9.42
N GLU A 62 4.41 6.96 -10.39
CA GLU A 62 5.46 7.45 -11.27
C GLU A 62 4.93 8.56 -12.17
N ILE A 63 3.67 8.44 -12.58
CA ILE A 63 3.05 9.44 -13.44
C ILE A 63 3.10 10.83 -12.81
N CYS A 64 3.23 10.86 -11.49
CA CYS A 64 3.30 12.13 -10.75
C CYS A 64 4.70 12.36 -10.20
N LYS A 65 5.36 11.28 -9.81
CA LYS A 65 6.71 11.37 -9.26
C LYS A 65 7.57 12.34 -10.07
N PRO A 66 8.59 12.91 -9.42
CA PRO A 66 8.88 12.63 -8.01
C PRO A 66 7.84 13.23 -7.07
N LYS A 67 6.87 13.94 -7.65
CA LYS A 67 5.81 14.56 -6.87
C LYS A 67 5.01 13.51 -6.11
N TYR A 68 4.42 13.91 -4.99
CA TYR A 68 3.63 13.00 -4.17
C TYR A 68 2.35 12.59 -4.89
N LEU A 69 1.82 11.43 -4.52
CA LEU A 69 0.59 10.92 -5.13
C LEU A 69 -0.46 10.62 -4.07
N ASN A 70 -1.69 11.07 -4.32
CA ASN A 70 -2.79 10.85 -3.38
C ASN A 70 -3.63 9.65 -3.80
N LYS A 71 -3.85 8.73 -2.87
CA LYS A 71 -4.64 7.54 -3.14
C LYS A 71 -6.01 7.90 -3.69
N THR A 72 -6.55 9.02 -3.22
CA THR A 72 -7.86 9.49 -3.67
C THR A 72 -7.98 9.40 -5.19
N SER A 73 -6.84 9.35 -5.86
CA SER A 73 -6.82 9.28 -7.32
C SER A 73 -7.26 7.90 -7.80
N VAL A 74 -6.82 6.86 -7.08
CA VAL A 74 -7.17 5.50 -7.42
C VAL A 74 -8.48 5.07 -6.78
N ARG A 75 -8.89 5.82 -5.75
CA ARG A 75 -10.13 5.52 -5.05
C ARG A 75 -11.26 5.21 -6.03
N PRO A 76 -11.58 6.19 -6.89
CA PRO A 76 -12.64 6.05 -7.90
C PRO A 76 -12.26 5.07 -9.00
N GLY A 77 -10.96 4.76 -9.10
CA GLY A 77 -10.50 3.85 -10.12
C GLY A 77 -10.48 2.41 -9.64
N LEU A 78 -10.78 1.48 -10.53
CA LEU A 78 -10.81 0.06 -10.18
C LEU A 78 -12.00 -0.27 -9.29
N LYS A 79 -13.17 0.24 -9.65
CA LYS A 79 -14.38 0.01 -8.89
C LYS A 79 -14.94 -1.39 -9.16
N ASN A 80 -14.85 -1.81 -10.42
CA ASN A 80 -15.34 -3.12 -10.81
C ASN A 80 -14.54 -4.24 -10.14
N CYS A 81 -13.22 -4.08 -10.16
CA CYS A 81 -12.33 -5.07 -9.56
C CYS A 81 -12.57 -5.17 -8.05
N GLY A 82 -12.09 -4.17 -7.31
CA GLY A 82 -12.26 -4.17 -5.87
C GLY A 82 -12.89 -2.89 -5.37
N ASP A 83 -12.91 -2.72 -4.05
CA ASP A 83 -13.49 -1.53 -3.44
C ASP A 83 -12.44 -0.75 -2.65
N VAL A 84 -12.67 0.54 -2.47
CA VAL A 84 -11.74 1.39 -1.73
C VAL A 84 -11.25 0.69 -0.47
N ASN A 85 -12.12 -0.10 0.14
CA ASN A 85 -11.77 -0.83 1.35
C ASN A 85 -10.39 -1.49 1.22
N CYS A 86 -10.18 -2.17 0.10
CA CYS A 86 -8.91 -2.84 -0.15
C CYS A 86 -7.85 -1.85 -0.63
N ILE A 87 -8.22 -1.03 -1.61
CA ILE A 87 -7.31 -0.05 -2.16
C ILE A 87 -6.43 0.55 -1.07
N GLY A 88 -7.06 1.06 -0.02
CA GLY A 88 -6.31 1.65 1.09
C GLY A 88 -5.18 0.77 1.57
N ARG A 89 -5.48 -0.52 1.73
CA ARG A 89 -4.48 -1.48 2.19
C ARG A 89 -3.25 -1.47 1.28
N ILE A 90 -3.47 -1.68 0.00
CA ILE A 90 -2.38 -1.69 -0.97
C ILE A 90 -1.64 -0.36 -0.99
N HIS A 91 -2.38 0.71 -1.27
CA HIS A 91 -1.79 2.04 -1.32
C HIS A 91 -0.91 2.29 -0.11
N THR A 92 -1.47 2.08 1.09
CA THR A 92 -0.73 2.27 2.33
C THR A 92 0.57 1.49 2.32
N TYR A 93 0.46 0.17 2.36
CA TYR A 93 1.64 -0.69 2.36
C TYR A 93 2.72 -0.14 1.43
N LEU A 94 2.43 -0.14 0.14
CA LEU A 94 3.38 0.36 -0.86
C LEU A 94 4.03 1.65 -0.38
N GLU A 95 3.28 2.45 0.37
CA GLU A 95 3.80 3.72 0.89
C GLU A 95 4.72 3.48 2.08
N LEU A 96 4.40 2.45 2.86
CA LEU A 96 5.19 2.12 4.05
C LEU A 96 6.53 1.50 3.65
N ILE A 97 6.53 0.75 2.55
CA ILE A 97 7.74 0.11 2.06
C ILE A 97 8.61 1.09 1.29
N GLY A 98 7.98 2.12 0.73
CA GLY A 98 8.71 3.12 -0.02
C GLY A 98 8.43 3.04 -1.51
N ALA A 99 8.08 1.85 -1.99
CA ALA A 99 7.77 1.66 -3.40
C ALA A 99 7.11 2.90 -4.00
N ILE A 100 6.26 3.55 -3.22
CA ILE A 100 5.56 4.75 -3.67
C ILE A 100 5.65 5.86 -2.63
N ASN A 101 5.62 7.10 -3.09
CA ASN A 101 5.69 8.25 -2.20
C ASN A 101 6.80 8.08 -1.17
N PHE A 102 7.99 7.72 -1.65
CA PHE A 102 9.13 7.52 -0.76
C PHE A 102 9.59 8.84 -0.15
N GLY A 103 9.87 8.82 1.15
CA GLY A 103 10.32 10.02 1.83
C GLY A 103 9.59 11.26 1.35
N CYS A 104 8.31 11.35 1.65
CA CYS A 104 7.50 12.50 1.25
C CYS A 104 6.78 13.10 2.45
N GLU A 105 6.77 14.43 2.51
CA GLU A 105 6.12 15.14 3.61
C GLU A 105 4.65 14.72 3.73
N GLN A 106 4.06 14.36 2.60
CA GLN A 106 2.65 13.93 2.59
C GLN A 106 2.53 12.42 2.77
N ALA A 107 3.52 11.83 3.44
CA ALA A 107 3.53 10.39 3.68
C ALA A 107 2.63 10.03 4.86
N VAL A 108 2.36 8.73 5.01
CA VAL A 108 1.51 8.25 6.10
C VAL A 108 2.35 7.85 7.30
N TYR A 109 3.66 7.95 7.17
CA TYR A 109 4.57 7.59 8.26
C TYR A 109 5.32 8.81 8.77
N ASN A 110 5.68 9.71 7.85
CA ASN A 110 6.40 10.92 8.21
C ASN A 110 5.61 11.74 9.22
N ARG A 111 4.29 11.69 9.12
CA ARG A 111 3.43 12.43 10.03
C ARG A 111 3.93 12.32 11.47
N GLY A 1 12.10 -12.03 36.24
CA GLY A 1 12.64 -11.00 35.36
C GLY A 1 11.56 -10.30 34.57
N SER A 2 10.97 -9.27 35.16
CA SER A 2 9.92 -8.51 34.49
C SER A 2 10.44 -7.18 33.96
N SER A 3 9.75 -6.62 32.99
CA SER A 3 10.15 -5.35 32.39
C SER A 3 9.09 -4.27 32.64
N GLY A 4 7.88 -4.53 32.16
CA GLY A 4 6.80 -3.56 32.35
C GLY A 4 6.96 -2.35 31.45
N SER A 5 6.65 -2.52 30.17
CA SER A 5 6.76 -1.42 29.20
C SER A 5 5.46 -1.25 28.44
N SER A 6 4.92 -0.03 28.48
CA SER A 6 3.67 0.28 27.79
C SER A 6 3.62 1.74 27.39
N GLY A 7 2.60 2.11 26.61
CA GLY A 7 2.45 3.48 26.17
C GLY A 7 1.83 3.58 24.80
N HIS A 8 1.63 4.81 24.32
CA HIS A 8 1.03 5.04 23.01
C HIS A 8 2.11 5.05 21.93
N GLU A 9 3.04 4.11 22.02
CA GLU A 9 4.12 4.01 21.04
C GLU A 9 3.58 3.71 19.65
N GLU A 10 4.47 3.66 18.67
CA GLU A 10 4.08 3.39 17.29
C GLU A 10 3.05 2.25 17.23
N GLU A 11 2.27 2.23 16.16
CA GLU A 11 1.25 1.20 15.98
C GLU A 11 1.54 0.36 14.74
N GLU A 12 2.39 -0.64 14.90
CA GLU A 12 2.74 -1.53 13.79
C GLU A 12 3.02 -0.71 12.53
N LEU A 13 3.67 0.43 12.70
CA LEU A 13 4.00 1.30 11.58
C LEU A 13 5.47 1.72 11.61
N LYS A 14 6.04 1.96 10.44
CA LYS A 14 7.43 2.36 10.34
C LYS A 14 7.77 2.81 8.92
N PRO A 15 8.45 3.95 8.81
CA PRO A 15 8.86 4.51 7.51
C PRO A 15 9.93 3.68 6.82
N PRO A 16 9.98 3.75 5.48
CA PRO A 16 10.96 3.01 4.69
C PRO A 16 12.37 3.55 4.86
N GLU A 17 13.36 2.71 4.54
CA GLU A 17 14.76 3.11 4.67
C GLU A 17 15.32 3.57 3.32
N GLN A 18 14.78 3.02 2.24
CA GLN A 18 15.21 3.37 0.90
C GLN A 18 14.28 2.78 -0.15
N GLU A 19 13.98 3.58 -1.19
CA GLU A 19 13.10 3.13 -2.26
C GLU A 19 13.37 1.67 -2.62
N ILE A 20 12.30 0.91 -2.81
CA ILE A 20 12.41 -0.49 -3.17
C ILE A 20 11.96 -0.75 -4.60
N GLU A 21 12.06 -2.00 -5.04
CA GLU A 21 11.66 -2.37 -6.39
C GLU A 21 10.50 -3.37 -6.36
N ILE A 22 9.54 -3.16 -7.24
CA ILE A 22 8.37 -4.03 -7.32
C ILE A 22 8.22 -4.62 -8.72
N ASP A 23 7.71 -5.85 -8.78
CA ASP A 23 7.51 -6.53 -10.06
C ASP A 23 6.01 -6.65 -10.38
N ARG A 24 5.58 -5.96 -11.42
CA ARG A 24 4.17 -5.99 -11.82
C ARG A 24 3.83 -7.35 -12.44
N ASN A 25 4.82 -8.21 -12.57
CA ASN A 25 4.61 -9.54 -13.15
C ASN A 25 5.06 -10.63 -12.17
N ILE A 26 5.48 -10.21 -10.98
CA ILE A 26 5.92 -11.14 -9.96
C ILE A 26 5.48 -10.71 -8.57
N ILE A 27 4.93 -11.64 -7.81
CA ILE A 27 4.46 -11.36 -6.46
C ILE A 27 5.37 -11.98 -5.41
N GLN A 28 6.32 -11.19 -4.91
CA GLN A 28 7.26 -11.67 -3.91
C GLN A 28 6.63 -11.63 -2.52
N GLU A 29 7.08 -12.53 -1.64
CA GLU A 29 6.57 -12.61 -0.29
C GLU A 29 6.48 -11.21 0.34
N GLU A 30 7.51 -10.41 0.11
CA GLU A 30 7.55 -9.05 0.65
C GLU A 30 6.17 -8.41 0.62
N GLU A 31 5.40 -8.71 -0.42
CA GLU A 31 4.07 -8.16 -0.56
C GLU A 31 3.03 -9.06 0.12
N LYS A 32 3.06 -10.35 -0.20
CA LYS A 32 2.14 -11.31 0.39
C LYS A 32 2.13 -11.20 1.90
N GLN A 33 3.23 -10.69 2.46
CA GLN A 33 3.34 -10.54 3.91
C GLN A 33 2.54 -9.33 4.39
N ALA A 34 2.39 -8.34 3.53
CA ALA A 34 1.64 -7.13 3.87
C ALA A 34 0.24 -7.17 3.26
N ILE A 35 0.03 -8.05 2.30
CA ILE A 35 -1.26 -8.19 1.64
C ILE A 35 -1.69 -9.66 1.57
N PRO A 36 -1.53 -10.37 2.70
CA PRO A 36 -1.90 -11.78 2.79
C PRO A 36 -3.41 -12.00 2.76
N GLU A 37 -4.16 -10.89 2.73
CA GLU A 37 -5.61 -10.95 2.69
C GLU A 37 -6.10 -11.50 1.36
N PHE A 38 -5.27 -11.36 0.32
CA PHE A 38 -5.62 -11.85 -1.01
C PHE A 38 -5.01 -13.22 -1.26
N PHE A 39 -4.06 -13.61 -0.42
CA PHE A 39 -3.39 -14.90 -0.56
C PHE A 39 -3.70 -15.80 0.64
N GLU A 40 -4.70 -15.40 1.43
CA GLU A 40 -5.10 -16.17 2.61
C GLU A 40 -5.76 -17.48 2.20
N GLY A 41 -5.97 -17.65 0.89
CA GLY A 41 -6.59 -18.86 0.40
C GLY A 41 -8.03 -18.63 -0.06
N ARG A 42 -8.80 -17.94 0.76
CA ARG A 42 -10.19 -17.64 0.43
C ARG A 42 -10.36 -17.39 -1.05
N GLN A 43 -11.57 -17.61 -1.57
CA GLN A 43 -11.85 -17.40 -2.98
C GLN A 43 -12.20 -15.94 -3.25
N ALA A 44 -12.99 -15.34 -2.35
CA ALA A 44 -13.39 -13.96 -2.50
C ALA A 44 -12.21 -13.07 -2.88
N LYS A 45 -11.16 -13.10 -2.06
CA LYS A 45 -9.98 -12.31 -2.31
C LYS A 45 -8.97 -13.09 -3.16
N THR A 46 -8.89 -12.74 -4.44
CA THR A 46 -7.98 -13.41 -5.36
C THR A 46 -6.70 -12.61 -5.53
N PRO A 47 -5.58 -13.31 -5.82
CA PRO A 47 -4.28 -12.67 -6.02
C PRO A 47 -4.22 -11.87 -7.31
N GLU A 48 -4.98 -12.30 -8.32
CA GLU A 48 -5.02 -11.62 -9.60
C GLU A 48 -5.56 -10.21 -9.46
N ARG A 49 -6.52 -10.04 -8.55
CA ARG A 49 -7.14 -8.75 -8.31
C ARG A 49 -6.17 -7.80 -7.62
N TYR A 50 -5.51 -8.30 -6.57
CA TYR A 50 -4.56 -7.49 -5.82
C TYR A 50 -3.53 -6.86 -6.75
N LEU A 51 -3.16 -7.59 -7.79
CA LEU A 51 -2.17 -7.10 -8.75
C LEU A 51 -2.72 -5.91 -9.53
N LYS A 52 -3.90 -6.08 -10.11
CA LYS A 52 -4.54 -5.02 -10.89
C LYS A 52 -4.46 -3.69 -10.15
N ILE A 53 -5.00 -3.67 -8.93
CA ILE A 53 -4.99 -2.45 -8.11
C ILE A 53 -3.57 -1.96 -7.89
N ARG A 54 -2.72 -2.84 -7.35
CA ARG A 54 -1.33 -2.48 -7.08
C ARG A 54 -0.67 -1.90 -8.32
N ASN A 55 -0.44 -2.74 -9.32
CA ASN A 55 0.19 -2.30 -10.56
C ASN A 55 -0.35 -0.95 -11.00
N TYR A 56 -1.66 -0.76 -10.84
CA TYR A 56 -2.29 0.49 -11.22
C TYR A 56 -1.74 1.66 -10.40
N ILE A 57 -1.81 1.53 -9.08
CA ILE A 57 -1.32 2.58 -8.18
C ILE A 57 0.17 2.83 -8.41
N LEU A 58 0.95 1.76 -8.43
CA LEU A 58 2.39 1.86 -8.64
C LEU A 58 2.69 2.61 -9.93
N ASP A 59 1.77 2.53 -10.88
CA ASP A 59 1.95 3.20 -12.17
C ASP A 59 1.68 4.70 -12.04
N GLN A 60 0.56 5.05 -11.42
CA GLN A 60 0.21 6.44 -11.23
C GLN A 60 1.27 7.19 -10.43
N TRP A 61 1.78 6.54 -9.40
CA TRP A 61 2.81 7.13 -8.55
C TRP A 61 3.87 7.84 -9.39
N GLU A 62 4.39 7.13 -10.38
CA GLU A 62 5.41 7.69 -11.26
C GLU A 62 4.82 8.74 -12.18
N ILE A 63 3.55 8.56 -12.56
CA ILE A 63 2.87 9.51 -13.43
C ILE A 63 2.82 10.90 -12.81
N CYS A 64 2.98 10.96 -11.48
CA CYS A 64 2.94 12.22 -10.76
C CYS A 64 4.30 12.53 -10.15
N LYS A 65 5.01 11.49 -9.74
CA LYS A 65 6.32 11.64 -9.13
C LYS A 65 7.12 12.73 -9.84
N PRO A 66 8.07 13.34 -9.11
CA PRO A 66 8.34 12.99 -7.72
C PRO A 66 7.22 13.43 -6.78
N LYS A 67 6.30 14.23 -7.30
CA LYS A 67 5.18 14.72 -6.51
C LYS A 67 4.45 13.56 -5.85
N TYR A 68 3.81 13.84 -4.71
CA TYR A 68 3.08 12.83 -3.97
C TYR A 68 1.84 12.36 -4.74
N LEU A 69 1.31 11.21 -4.37
CA LEU A 69 0.14 10.65 -5.03
C LEU A 69 -0.88 10.16 -4.00
N ASN A 70 -2.08 10.72 -4.06
CA ASN A 70 -3.15 10.34 -3.14
C ASN A 70 -3.93 9.14 -3.67
N LYS A 71 -4.38 8.28 -2.77
CA LYS A 71 -5.14 7.10 -3.14
C LYS A 71 -6.43 7.49 -3.86
N THR A 72 -7.09 8.52 -3.35
CA THR A 72 -8.34 8.99 -3.96
C THR A 72 -8.17 9.26 -5.44
N SER A 73 -6.92 9.47 -5.86
CA SER A 73 -6.61 9.74 -7.26
C SER A 73 -6.97 8.55 -8.14
N VAL A 74 -6.82 7.36 -7.59
CA VAL A 74 -7.12 6.12 -8.32
C VAL A 74 -8.52 5.62 -7.98
N ARG A 75 -9.10 6.16 -6.91
CA ARG A 75 -10.43 5.75 -6.48
C ARG A 75 -11.40 5.73 -7.66
N PRO A 76 -11.58 6.89 -8.30
CA PRO A 76 -12.48 7.03 -9.45
C PRO A 76 -11.96 6.31 -10.69
N GLY A 77 -10.80 5.66 -10.54
CA GLY A 77 -10.21 4.94 -11.66
C GLY A 77 -10.48 3.45 -11.60
N LEU A 78 -10.46 2.89 -10.39
CA LEU A 78 -10.70 1.47 -10.20
C LEU A 78 -12.07 1.22 -9.58
N LYS A 79 -13.04 0.87 -10.42
CA LYS A 79 -14.40 0.61 -9.94
C LYS A 79 -14.63 -0.89 -9.77
N ASN A 80 -14.78 -1.60 -10.88
CA ASN A 80 -15.01 -3.04 -10.84
C ASN A 80 -13.89 -3.75 -10.08
N CYS A 81 -12.65 -3.35 -10.35
CA CYS A 81 -11.49 -3.94 -9.70
C CYS A 81 -10.90 -2.98 -8.66
N GLY A 82 -11.76 -2.46 -7.79
CA GLY A 82 -11.31 -1.54 -6.77
C GLY A 82 -12.30 -1.38 -5.65
N ASP A 83 -11.80 -1.20 -4.42
CA ASP A 83 -12.66 -1.04 -3.25
C ASP A 83 -12.03 -0.08 -2.25
N VAL A 84 -12.69 1.05 -2.01
CA VAL A 84 -12.20 2.04 -1.06
C VAL A 84 -11.51 1.37 0.12
N ASN A 85 -12.05 0.24 0.55
CA ASN A 85 -11.49 -0.49 1.68
C ASN A 85 -10.14 -1.11 1.32
N CYS A 86 -10.17 -2.06 0.38
CA CYS A 86 -8.95 -2.72 -0.06
C CYS A 86 -7.90 -1.71 -0.50
N ILE A 87 -8.30 -0.81 -1.40
CA ILE A 87 -7.39 0.21 -1.90
C ILE A 87 -6.46 0.71 -0.80
N GLY A 88 -7.03 1.34 0.22
CA GLY A 88 -6.23 1.85 1.32
C GLY A 88 -5.12 0.90 1.72
N ARG A 89 -5.49 -0.34 2.03
CA ARG A 89 -4.52 -1.34 2.44
C ARG A 89 -3.35 -1.40 1.47
N ILE A 90 -3.66 -1.62 0.19
CA ILE A 90 -2.63 -1.68 -0.85
C ILE A 90 -1.82 -0.39 -0.91
N HIS A 91 -2.50 0.70 -1.25
CA HIS A 91 -1.85 2.01 -1.34
C HIS A 91 -0.94 2.25 -0.14
N THR A 92 -1.53 2.29 1.05
CA THR A 92 -0.78 2.51 2.28
C THR A 92 0.50 1.67 2.29
N TYR A 93 0.34 0.36 2.40
CA TYR A 93 1.47 -0.54 2.43
C TYR A 93 2.57 -0.09 1.48
N LEU A 94 2.27 -0.13 0.19
CA LEU A 94 3.23 0.30 -0.83
C LEU A 94 3.92 1.59 -0.43
N GLU A 95 3.20 2.44 0.31
CA GLU A 95 3.75 3.71 0.75
C GLU A 95 4.70 3.52 1.93
N LEU A 96 4.38 2.55 2.78
CA LEU A 96 5.20 2.25 3.95
C LEU A 96 6.52 1.60 3.54
N ILE A 97 6.49 0.86 2.44
CA ILE A 97 7.68 0.19 1.94
C ILE A 97 8.53 1.13 1.09
N GLY A 98 7.94 2.26 0.70
CA GLY A 98 8.66 3.24 -0.10
C GLY A 98 8.30 3.13 -1.58
N ALA A 99 7.89 1.94 -2.01
CA ALA A 99 7.52 1.72 -3.40
C ALA A 99 6.88 2.97 -4.00
N ILE A 100 6.01 3.62 -3.23
CA ILE A 100 5.33 4.82 -3.69
C ILE A 100 5.42 5.93 -2.64
N ASN A 101 5.58 7.16 -3.11
CA ASN A 101 5.67 8.31 -2.21
C ASN A 101 6.65 8.04 -1.08
N PHE A 102 7.88 7.66 -1.43
CA PHE A 102 8.91 7.38 -0.45
C PHE A 102 9.31 8.64 0.31
N GLY A 103 9.41 8.53 1.63
CA GLY A 103 9.79 9.68 2.44
C GLY A 103 9.24 10.98 1.89
N CYS A 104 8.06 11.37 2.34
CA CYS A 104 7.43 12.60 1.88
C CYS A 104 6.56 13.20 2.98
N GLU A 105 6.46 14.52 2.99
CA GLU A 105 5.66 15.22 3.99
C GLU A 105 4.19 14.82 3.89
N GLN A 106 3.85 14.13 2.81
CA GLN A 106 2.48 13.69 2.58
C GLN A 106 2.30 12.22 2.99
N ALA A 107 3.42 11.49 3.05
CA ALA A 107 3.40 10.09 3.42
C ALA A 107 2.50 9.86 4.64
N VAL A 108 2.15 8.61 4.88
CA VAL A 108 1.30 8.26 6.01
C VAL A 108 2.14 7.97 7.26
N TYR A 109 3.45 8.15 7.14
CA TYR A 109 4.35 7.91 8.25
C TYR A 109 5.07 9.20 8.66
N ASN A 110 5.43 10.01 7.68
CA ASN A 110 6.11 11.27 7.93
C ASN A 110 5.34 12.11 8.94
N ARG A 111 4.02 12.13 8.81
CA ARG A 111 3.17 12.89 9.72
C ARG A 111 2.77 12.05 10.92
N GLY A 1 -5.26 7.58 25.94
CA GLY A 1 -5.21 6.23 26.47
C GLY A 1 -6.54 5.51 26.35
N SER A 2 -6.56 4.43 25.58
CA SER A 2 -7.78 3.66 25.38
C SER A 2 -9.00 4.59 25.28
N SER A 3 -8.86 5.65 24.50
CA SER A 3 -9.94 6.62 24.32
C SER A 3 -10.83 6.21 23.15
N GLY A 4 -10.20 5.84 22.03
CA GLY A 4 -10.97 5.43 20.87
C GLY A 4 -10.14 5.49 19.59
N SER A 5 -9.85 4.33 19.02
CA SER A 5 -9.06 4.25 17.80
C SER A 5 -9.27 2.92 17.10
N SER A 6 -9.49 2.98 15.79
CA SER A 6 -9.72 1.77 14.99
C SER A 6 -9.60 2.07 13.50
N GLY A 7 -9.08 1.11 12.75
CA GLY A 7 -8.93 1.29 11.32
C GLY A 7 -7.81 0.44 10.75
N HIS A 8 -7.32 0.82 9.56
CA HIS A 8 -6.25 0.09 8.91
C HIS A 8 -4.89 0.64 9.32
N GLU A 9 -4.76 0.99 10.59
CA GLU A 9 -3.51 1.54 11.11
C GLU A 9 -2.67 0.45 11.77
N GLU A 10 -1.38 0.43 11.47
CA GLU A 10 -0.47 -0.56 12.03
C GLU A 10 -0.04 -0.16 13.44
N GLU A 11 -0.46 -0.95 14.42
CA GLU A 11 -0.13 -0.69 15.82
C GLU A 11 1.33 -0.27 15.95
N GLU A 12 2.17 -0.75 15.04
CA GLU A 12 3.59 -0.43 15.05
C GLU A 12 4.03 0.17 13.72
N LEU A 13 3.25 1.12 13.22
CA LEU A 13 3.56 1.77 11.95
C LEU A 13 5.00 2.25 11.91
N LYS A 14 5.65 2.10 10.76
CA LYS A 14 7.03 2.51 10.59
C LYS A 14 7.34 2.83 9.13
N PRO A 15 8.01 3.97 8.90
CA PRO A 15 8.38 4.41 7.56
C PRO A 15 9.46 3.53 6.93
N PRO A 16 9.57 3.60 5.59
CA PRO A 16 10.55 2.80 4.84
C PRO A 16 11.98 3.28 5.09
N GLU A 17 12.94 2.40 4.79
CA GLU A 17 14.35 2.73 4.99
C GLU A 17 14.99 3.19 3.68
N GLN A 18 14.60 2.55 2.58
CA GLN A 18 15.14 2.89 1.26
C GLN A 18 14.25 2.35 0.15
N GLU A 19 14.18 3.08 -0.95
CA GLU A 19 13.37 2.67 -2.09
C GLU A 19 13.53 1.18 -2.38
N ILE A 20 12.42 0.48 -2.54
CA ILE A 20 12.45 -0.95 -2.81
C ILE A 20 12.06 -1.24 -4.25
N GLU A 21 12.06 -2.52 -4.62
CA GLU A 21 11.70 -2.92 -5.97
C GLU A 21 10.49 -3.84 -5.96
N ILE A 22 9.58 -3.64 -6.92
CA ILE A 22 8.38 -4.44 -7.02
C ILE A 22 8.21 -5.01 -8.43
N ASP A 23 7.60 -6.18 -8.53
CA ASP A 23 7.37 -6.83 -9.81
C ASP A 23 5.88 -6.88 -10.14
N ARG A 24 5.49 -6.18 -11.21
CA ARG A 24 4.09 -6.16 -11.62
C ARG A 24 3.66 -7.51 -12.17
N ASN A 25 4.62 -8.39 -12.38
CA ASN A 25 4.34 -9.72 -12.91
C ASN A 25 4.77 -10.81 -11.92
N ILE A 26 5.22 -10.38 -10.75
CA ILE A 26 5.66 -11.31 -9.71
C ILE A 26 5.31 -10.79 -8.32
N ILE A 27 4.88 -11.69 -7.45
CA ILE A 27 4.51 -11.34 -6.08
C ILE A 27 5.37 -12.08 -5.07
N GLN A 28 6.34 -11.38 -4.49
CA GLN A 28 7.22 -11.98 -3.49
C GLN A 28 6.65 -11.81 -2.09
N GLU A 29 6.95 -12.78 -1.22
CA GLU A 29 6.47 -12.75 0.15
C GLU A 29 6.40 -11.31 0.67
N GLU A 30 7.31 -10.48 0.20
CA GLU A 30 7.36 -9.08 0.62
C GLU A 30 5.96 -8.48 0.66
N GLU A 31 5.21 -8.65 -0.44
CA GLU A 31 3.86 -8.12 -0.53
C GLU A 31 2.88 -9.00 0.24
N LYS A 32 2.98 -10.31 0.04
CA LYS A 32 2.10 -11.26 0.72
C LYS A 32 2.17 -11.07 2.24
N GLN A 33 3.18 -10.33 2.69
CA GLN A 33 3.36 -10.08 4.12
C GLN A 33 2.50 -8.92 4.58
N ALA A 34 2.19 -8.01 3.65
CA ALA A 34 1.36 -6.85 3.97
C ALA A 34 -0.03 -6.99 3.35
N ILE A 35 -0.16 -7.88 2.38
CA ILE A 35 -1.44 -8.10 1.71
C ILE A 35 -1.82 -9.58 1.75
N PRO A 36 -1.66 -10.21 2.92
CA PRO A 36 -1.98 -11.63 3.11
C PRO A 36 -3.49 -11.89 3.07
N GLU A 37 -4.27 -10.81 3.01
CA GLU A 37 -5.72 -10.92 2.97
C GLU A 37 -6.19 -11.34 1.57
N PHE A 38 -5.42 -10.97 0.56
CA PHE A 38 -5.76 -11.29 -0.82
C PHE A 38 -5.22 -12.67 -1.20
N PHE A 39 -4.64 -13.36 -0.22
CA PHE A 39 -4.09 -14.70 -0.44
C PHE A 39 -4.68 -15.70 0.54
N GLU A 40 -5.86 -15.39 1.07
CA GLU A 40 -6.53 -16.27 2.02
C GLU A 40 -7.30 -17.37 1.30
N GLY A 41 -6.93 -17.61 0.05
CA GLY A 41 -7.60 -18.64 -0.73
C GLY A 41 -9.10 -18.42 -0.81
N ARG A 42 -9.55 -17.21 -0.48
CA ARG A 42 -10.96 -16.88 -0.51
C ARG A 42 -11.49 -16.90 -1.94
N GLN A 43 -12.78 -16.59 -2.09
CA GLN A 43 -13.40 -16.57 -3.41
C GLN A 43 -13.39 -15.16 -4.00
N ALA A 44 -14.21 -14.29 -3.42
CA ALA A 44 -14.31 -12.91 -3.89
C ALA A 44 -12.93 -12.25 -3.89
N LYS A 45 -12.04 -12.71 -3.03
CA LYS A 45 -10.70 -12.17 -2.94
C LYS A 45 -9.69 -13.07 -3.63
N THR A 46 -8.94 -12.52 -4.59
CA THR A 46 -7.95 -13.28 -5.33
C THR A 46 -6.65 -12.49 -5.48
N PRO A 47 -5.53 -13.22 -5.59
CA PRO A 47 -4.21 -12.60 -5.74
C PRO A 47 -4.03 -11.94 -7.10
N GLU A 48 -4.78 -12.41 -8.09
CA GLU A 48 -4.70 -11.86 -9.44
C GLU A 48 -5.31 -10.45 -9.49
N ARG A 49 -6.30 -10.22 -8.64
CA ARG A 49 -6.97 -8.92 -8.58
C ARG A 49 -6.08 -7.89 -7.90
N TYR A 50 -5.50 -8.26 -6.76
CA TYR A 50 -4.64 -7.36 -6.01
C TYR A 50 -3.56 -6.76 -6.92
N LEU A 51 -3.10 -7.54 -7.89
CA LEU A 51 -2.08 -7.09 -8.83
C LEU A 51 -2.59 -5.91 -9.66
N LYS A 52 -3.86 -5.99 -10.07
CA LYS A 52 -4.46 -4.94 -10.87
C LYS A 52 -4.47 -3.61 -10.11
N ILE A 53 -5.11 -3.59 -8.97
CA ILE A 53 -5.19 -2.39 -8.14
C ILE A 53 -3.79 -1.88 -7.80
N ARG A 54 -2.90 -2.78 -7.41
CA ARG A 54 -1.54 -2.41 -7.06
C ARG A 54 -0.78 -1.91 -8.29
N ASN A 55 -0.52 -2.81 -9.23
CA ASN A 55 0.20 -2.45 -10.45
C ASN A 55 -0.29 -1.12 -11.00
N TYR A 56 -1.57 -0.81 -10.76
CA TYR A 56 -2.16 0.42 -11.24
C TYR A 56 -1.65 1.61 -10.43
N ILE A 57 -1.79 1.52 -9.11
CA ILE A 57 -1.35 2.58 -8.22
C ILE A 57 0.12 2.93 -8.46
N LEU A 58 0.96 1.91 -8.54
CA LEU A 58 2.39 2.09 -8.77
C LEU A 58 2.63 2.85 -10.07
N ASP A 59 1.74 2.66 -11.04
CA ASP A 59 1.86 3.33 -12.33
C ASP A 59 1.62 4.83 -12.19
N GLN A 60 0.47 5.18 -11.61
CA GLN A 60 0.11 6.59 -11.42
C GLN A 60 1.20 7.32 -10.64
N TRP A 61 1.73 6.66 -9.61
CA TRP A 61 2.78 7.25 -8.78
C TRP A 61 3.85 7.92 -9.64
N GLU A 62 4.35 7.17 -10.62
CA GLU A 62 5.38 7.69 -11.52
C GLU A 62 4.81 8.76 -12.44
N ILE A 63 3.49 8.70 -12.67
CA ILE A 63 2.82 9.67 -13.53
C ILE A 63 2.74 11.04 -12.88
N CYS A 64 2.77 11.05 -11.55
CA CYS A 64 2.69 12.29 -10.79
C CYS A 64 4.06 12.68 -10.24
N LYS A 65 4.85 11.67 -9.88
CA LYS A 65 6.18 11.90 -9.33
C LYS A 65 6.92 12.97 -10.16
N PRO A 66 7.88 13.64 -9.51
CA PRO A 66 8.21 13.41 -8.10
C PRO A 66 7.11 13.87 -7.16
N LYS A 67 6.05 14.43 -7.72
CA LYS A 67 4.92 14.92 -6.94
C LYS A 67 4.27 13.78 -6.16
N TYR A 68 3.69 14.11 -5.01
CA TYR A 68 3.04 13.11 -4.17
C TYR A 68 1.77 12.59 -4.83
N LEU A 69 1.36 11.40 -4.44
CA LEU A 69 0.16 10.78 -4.99
C LEU A 69 -0.81 10.38 -3.88
N ASN A 70 -2.07 10.82 -4.01
CA ASN A 70 -3.09 10.52 -3.02
C ASN A 70 -3.94 9.33 -3.47
N LYS A 71 -4.31 8.48 -2.51
CA LYS A 71 -5.12 7.31 -2.80
C LYS A 71 -6.44 7.70 -3.46
N THR A 72 -6.87 8.94 -3.22
CA THR A 72 -8.11 9.44 -3.79
C THR A 72 -8.00 9.61 -5.30
N SER A 73 -6.76 9.63 -5.79
CA SER A 73 -6.51 9.80 -7.22
C SER A 73 -6.71 8.47 -7.95
N VAL A 74 -6.73 7.37 -7.20
CA VAL A 74 -6.92 6.06 -7.79
C VAL A 74 -8.23 5.42 -7.33
N ARG A 75 -8.94 6.13 -6.45
CA ARG A 75 -10.21 5.64 -5.92
C ARG A 75 -11.21 5.42 -7.05
N PRO A 76 -11.53 6.50 -7.77
CA PRO A 76 -12.47 6.45 -8.89
C PRO A 76 -11.92 5.68 -10.09
N GLY A 77 -10.66 5.28 -10.00
CA GLY A 77 -10.04 4.54 -11.08
C GLY A 77 -10.30 3.05 -10.98
N LEU A 78 -10.07 2.47 -9.80
CA LEU A 78 -10.28 1.04 -9.60
C LEU A 78 -11.52 0.80 -8.74
N LYS A 79 -12.69 1.08 -9.31
CA LYS A 79 -13.95 0.89 -8.61
C LYS A 79 -14.39 -0.57 -8.67
N ASN A 80 -14.74 -1.03 -9.87
CA ASN A 80 -15.18 -2.41 -10.06
C ASN A 80 -14.33 -3.37 -9.23
N CYS A 81 -13.09 -3.57 -9.66
CA CYS A 81 -12.18 -4.47 -8.97
C CYS A 81 -11.81 -3.91 -7.59
N GLY A 82 -12.30 -4.55 -6.54
CA GLY A 82 -12.01 -4.10 -5.19
C GLY A 82 -12.61 -2.74 -4.90
N ASP A 83 -12.62 -2.37 -3.63
CA ASP A 83 -13.16 -1.08 -3.21
C ASP A 83 -12.17 -0.34 -2.30
N VAL A 84 -12.51 0.90 -1.96
CA VAL A 84 -11.66 1.71 -1.09
C VAL A 84 -11.06 0.86 0.02
N ASN A 85 -11.91 0.20 0.79
CA ASN A 85 -11.44 -0.64 1.89
C ASN A 85 -10.17 -1.38 1.51
N CYS A 86 -10.15 -1.96 0.32
CA CYS A 86 -8.98 -2.69 -0.16
C CYS A 86 -7.92 -1.74 -0.68
N ILE A 87 -8.33 -0.77 -1.49
CA ILE A 87 -7.41 0.21 -2.05
C ILE A 87 -6.48 0.77 -0.98
N GLY A 88 -7.07 1.29 0.09
CA GLY A 88 -6.28 1.85 1.17
C GLY A 88 -5.22 0.87 1.68
N ARG A 89 -5.60 -0.39 1.81
CA ARG A 89 -4.68 -1.41 2.30
C ARG A 89 -3.46 -1.52 1.39
N ILE A 90 -3.70 -1.52 0.08
CA ILE A 90 -2.62 -1.62 -0.90
C ILE A 90 -1.81 -0.34 -0.95
N HIS A 91 -2.49 0.78 -1.22
CA HIS A 91 -1.83 2.08 -1.29
C HIS A 91 -0.93 2.30 -0.09
N THR A 92 -1.50 2.20 1.11
CA THR A 92 -0.75 2.39 2.33
C THR A 92 0.52 1.55 2.34
N TYR A 93 0.35 0.24 2.40
CA TYR A 93 1.49 -0.68 2.42
C TYR A 93 2.59 -0.21 1.47
N LEU A 94 2.28 -0.22 0.17
CA LEU A 94 3.24 0.20 -0.85
C LEU A 94 3.95 1.48 -0.42
N GLU A 95 3.24 2.31 0.33
CA GLU A 95 3.79 3.58 0.81
C GLU A 95 4.71 3.35 2.01
N LEU A 96 4.37 2.36 2.82
CA LEU A 96 5.17 2.03 4.00
C LEU A 96 6.49 1.38 3.61
N ILE A 97 6.50 0.69 2.48
CA ILE A 97 7.70 0.02 1.99
C ILE A 97 8.54 0.97 1.14
N GLY A 98 7.93 2.08 0.71
CA GLY A 98 8.64 3.04 -0.12
C GLY A 98 8.30 2.92 -1.59
N ALA A 99 7.87 1.72 -1.99
CA ALA A 99 7.50 1.48 -3.38
C ALA A 99 6.85 2.71 -4.01
N ILE A 100 6.12 3.46 -3.20
CA ILE A 100 5.45 4.67 -3.67
C ILE A 100 5.56 5.79 -2.64
N ASN A 101 5.66 7.03 -3.13
CA ASN A 101 5.76 8.19 -2.26
C ASN A 101 6.85 7.99 -1.21
N PHE A 102 8.05 7.64 -1.67
CA PHE A 102 9.18 7.41 -0.76
C PHE A 102 9.76 8.74 -0.29
N GLY A 103 10.08 8.81 1.00
CA GLY A 103 10.66 10.03 1.56
C GLY A 103 9.91 11.27 1.11
N CYS A 104 8.70 11.46 1.63
CA CYS A 104 7.89 12.62 1.29
C CYS A 104 7.37 13.31 2.54
N GLU A 105 6.73 14.46 2.35
CA GLU A 105 6.18 15.22 3.46
C GLU A 105 4.67 15.01 3.57
N GLN A 106 4.10 14.30 2.60
CA GLN A 106 2.67 14.03 2.58
C GLN A 106 2.39 12.57 2.88
N ALA A 107 3.40 11.86 3.38
CA ALA A 107 3.26 10.45 3.71
C ALA A 107 2.29 10.25 4.88
N VAL A 108 1.99 9.00 5.18
CA VAL A 108 1.08 8.67 6.27
C VAL A 108 1.85 8.28 7.53
N TYR A 109 3.13 8.00 7.38
CA TYR A 109 3.98 7.61 8.50
C TYR A 109 4.74 8.81 9.04
N ASN A 110 5.00 9.78 8.17
CA ASN A 110 5.73 10.99 8.55
C ASN A 110 4.90 11.83 9.53
N ARG A 111 3.60 11.92 9.27
CA ARG A 111 2.70 12.70 10.11
C ARG A 111 3.12 12.59 11.57
N GLY A 1 16.12 0.14 34.45
CA GLY A 1 14.70 0.34 34.61
C GLY A 1 14.16 1.43 33.71
N SER A 2 13.15 1.09 32.91
CA SER A 2 12.55 2.05 31.99
C SER A 2 11.60 2.99 32.73
N SER A 3 11.89 4.28 32.66
CA SER A 3 11.08 5.29 33.33
C SER A 3 9.61 5.14 32.93
N GLY A 4 9.36 5.00 31.63
CA GLY A 4 7.99 4.84 31.15
C GLY A 4 7.79 5.48 29.79
N SER A 5 6.59 5.98 29.54
CA SER A 5 6.26 6.61 28.28
C SER A 5 5.18 7.66 28.45
N SER A 6 4.77 8.28 27.34
CA SER A 6 3.73 9.31 27.38
C SER A 6 2.53 8.90 26.54
N GLY A 7 2.80 8.39 25.34
CA GLY A 7 1.73 7.96 24.46
C GLY A 7 2.16 7.90 23.01
N HIS A 8 2.87 6.83 22.65
CA HIS A 8 3.34 6.65 21.28
C HIS A 8 2.36 5.80 20.47
N GLU A 9 1.65 6.45 19.56
CA GLU A 9 0.68 5.75 18.72
C GLU A 9 1.36 5.15 17.49
N GLU A 10 1.98 3.99 17.67
CA GLU A 10 2.67 3.31 16.58
C GLU A 10 1.66 2.60 15.67
N GLU A 11 0.65 1.99 16.27
CA GLU A 11 -0.37 1.28 15.52
C GLU A 11 0.28 0.38 14.45
N GLU A 12 1.40 -0.21 14.79
CA GLU A 12 2.11 -1.09 13.86
C GLU A 12 2.48 -0.35 12.58
N LEU A 13 3.01 0.86 12.74
CA LEU A 13 3.41 1.68 11.60
C LEU A 13 4.88 2.07 11.70
N LYS A 14 5.52 2.23 10.55
CA LYS A 14 6.94 2.60 10.51
C LYS A 14 7.33 3.06 9.11
N PRO A 15 8.06 4.18 9.03
CA PRO A 15 8.51 4.75 7.76
C PRO A 15 9.59 3.89 7.09
N PRO A 16 9.63 3.93 5.76
CA PRO A 16 10.61 3.16 4.98
C PRO A 16 12.03 3.70 5.14
N GLU A 17 13.01 2.80 5.09
CA GLU A 17 14.41 3.18 5.23
C GLU A 17 14.98 3.65 3.90
N GLN A 18 14.69 2.90 2.84
CA GLN A 18 15.18 3.24 1.51
C GLN A 18 14.26 2.65 0.44
N GLU A 19 14.11 3.37 -0.67
CA GLU A 19 13.27 2.92 -1.77
C GLU A 19 13.56 1.47 -2.12
N ILE A 20 12.51 0.65 -2.16
CA ILE A 20 12.65 -0.76 -2.47
C ILE A 20 12.29 -1.05 -3.92
N GLU A 21 12.29 -2.33 -4.29
CA GLU A 21 11.95 -2.73 -5.66
C GLU A 21 10.74 -3.65 -5.66
N ILE A 22 9.74 -3.29 -6.45
CA ILE A 22 8.52 -4.08 -6.55
C ILE A 22 8.28 -4.56 -7.99
N ASP A 23 7.86 -5.81 -8.12
CA ASP A 23 7.59 -6.38 -9.44
C ASP A 23 6.10 -6.42 -9.72
N ARG A 24 5.68 -5.73 -10.79
CA ARG A 24 4.28 -5.68 -11.17
C ARG A 24 3.83 -7.00 -11.79
N ASN A 25 4.78 -7.91 -11.96
CA ASN A 25 4.50 -9.22 -12.56
C ASN A 25 4.85 -10.34 -11.59
N ILE A 26 5.47 -9.98 -10.47
CA ILE A 26 5.87 -10.95 -9.47
C ILE A 26 5.44 -10.51 -8.08
N ILE A 27 4.82 -11.43 -7.34
CA ILE A 27 4.35 -11.13 -5.99
C ILE A 27 5.21 -11.85 -4.95
N GLN A 28 6.21 -11.14 -4.43
CA GLN A 28 7.11 -11.71 -3.42
C GLN A 28 6.46 -11.68 -2.05
N GLU A 29 6.87 -12.60 -1.18
CA GLU A 29 6.34 -12.67 0.18
C GLU A 29 6.32 -11.30 0.83
N GLU A 30 7.25 -10.45 0.42
CA GLU A 30 7.35 -9.10 0.98
C GLU A 30 5.99 -8.39 0.91
N GLU A 31 5.22 -8.68 -0.13
CA GLU A 31 3.91 -8.07 -0.30
C GLU A 31 2.83 -8.94 0.32
N LYS A 32 2.93 -10.25 0.12
CA LYS A 32 1.96 -11.19 0.66
C LYS A 32 1.80 -10.99 2.17
N GLN A 33 2.90 -10.67 2.84
CA GLN A 33 2.87 -10.45 4.28
C GLN A 33 2.14 -9.15 4.62
N ALA A 34 1.96 -8.30 3.62
CA ALA A 34 1.28 -7.03 3.82
C ALA A 34 -0.10 -7.05 3.18
N ILE A 35 -0.32 -7.97 2.26
CA ILE A 35 -1.60 -8.09 1.57
C ILE A 35 -2.08 -9.54 1.56
N PRO A 36 -2.07 -10.18 2.74
CA PRO A 36 -2.51 -11.57 2.88
C PRO A 36 -4.02 -11.73 2.69
N GLU A 37 -4.74 -10.62 2.76
CA GLU A 37 -6.18 -10.63 2.58
C GLU A 37 -6.56 -11.19 1.21
N PHE A 38 -5.78 -10.83 0.20
CA PHE A 38 -6.04 -11.28 -1.16
C PHE A 38 -5.53 -12.71 -1.36
N PHE A 39 -4.59 -13.11 -0.53
CA PHE A 39 -4.01 -14.45 -0.61
C PHE A 39 -4.54 -15.35 0.51
N GLU A 40 -5.65 -14.94 1.10
CA GLU A 40 -6.27 -15.71 2.18
C GLU A 40 -6.68 -17.10 1.70
N GLY A 41 -6.62 -17.30 0.38
CA GLY A 41 -6.99 -18.59 -0.18
C GLY A 41 -8.49 -18.75 -0.29
N ARG A 42 -9.21 -17.64 -0.39
CA ARG A 42 -10.66 -17.67 -0.49
C ARG A 42 -11.10 -17.62 -1.95
N GLN A 43 -12.41 -17.69 -2.18
CA GLN A 43 -12.96 -17.65 -3.53
C GLN A 43 -13.17 -16.21 -3.99
N ALA A 44 -13.85 -15.42 -3.16
CA ALA A 44 -14.13 -14.03 -3.48
C ALA A 44 -12.83 -13.25 -3.67
N LYS A 45 -11.92 -13.39 -2.72
CA LYS A 45 -10.64 -12.69 -2.78
C LYS A 45 -9.64 -13.46 -3.63
N THR A 46 -9.05 -12.79 -4.61
CA THR A 46 -8.07 -13.41 -5.49
C THR A 46 -6.83 -12.55 -5.64
N PRO A 47 -5.68 -13.20 -5.87
CA PRO A 47 -4.40 -12.50 -6.03
C PRO A 47 -4.33 -11.72 -7.34
N GLU A 48 -4.97 -12.23 -8.38
CA GLU A 48 -4.98 -11.57 -9.68
C GLU A 48 -5.62 -10.19 -9.58
N ARG A 49 -6.57 -10.04 -8.66
CA ARG A 49 -7.25 -8.77 -8.48
C ARG A 49 -6.32 -7.75 -7.82
N TYR A 50 -5.68 -8.15 -6.74
CA TYR A 50 -4.77 -7.27 -6.01
C TYR A 50 -3.75 -6.64 -6.96
N LEU A 51 -3.25 -7.44 -7.89
CA LEU A 51 -2.27 -6.97 -8.87
C LEU A 51 -2.80 -5.75 -9.61
N LYS A 52 -3.98 -5.89 -10.20
CA LYS A 52 -4.60 -4.79 -10.94
C LYS A 52 -4.45 -3.47 -10.20
N ILE A 53 -4.93 -3.44 -8.96
CA ILE A 53 -4.84 -2.23 -8.14
C ILE A 53 -3.38 -1.83 -7.90
N ARG A 54 -2.58 -2.79 -7.48
CA ARG A 54 -1.16 -2.53 -7.22
C ARG A 54 -0.50 -1.86 -8.42
N ASN A 55 -0.33 -2.62 -9.50
CA ASN A 55 0.29 -2.10 -10.72
C ASN A 55 -0.28 -0.74 -11.07
N TYR A 56 -1.60 -0.60 -10.96
CA TYR A 56 -2.26 0.66 -11.27
C TYR A 56 -1.70 1.80 -10.43
N ILE A 57 -1.62 1.57 -9.12
CA ILE A 57 -1.10 2.57 -8.20
C ILE A 57 0.36 2.90 -8.51
N LEU A 58 1.20 1.88 -8.52
CA LEU A 58 2.61 2.06 -8.80
C LEU A 58 2.82 2.83 -10.10
N ASP A 59 1.89 2.65 -11.04
CA ASP A 59 1.97 3.33 -12.32
C ASP A 59 1.68 4.82 -12.17
N GLN A 60 0.52 5.13 -11.60
CA GLN A 60 0.12 6.51 -11.39
C GLN A 60 1.19 7.29 -10.62
N TRP A 61 1.76 6.63 -9.61
CA TRP A 61 2.80 7.24 -8.79
C TRP A 61 3.87 7.88 -9.66
N GLU A 62 4.41 7.11 -10.60
CA GLU A 62 5.45 7.60 -11.49
C GLU A 62 4.87 8.56 -12.53
N ILE A 63 3.60 8.37 -12.84
CA ILE A 63 2.92 9.23 -13.81
C ILE A 63 2.85 10.67 -13.32
N CYS A 64 2.99 10.85 -12.02
CA CYS A 64 2.95 12.18 -11.42
C CYS A 64 4.28 12.54 -10.77
N LYS A 65 4.96 11.53 -10.24
CA LYS A 65 6.26 11.72 -9.59
C LYS A 65 7.06 12.80 -10.30
N PRO A 66 7.97 13.44 -9.55
CA PRO A 66 8.20 13.13 -8.14
C PRO A 66 7.04 13.57 -7.26
N LYS A 67 6.06 14.23 -7.86
CA LYS A 67 4.88 14.70 -7.14
C LYS A 67 4.29 13.59 -6.28
N TYR A 68 3.76 13.96 -5.12
CA TYR A 68 3.16 12.99 -4.21
C TYR A 68 1.87 12.42 -4.78
N LEU A 69 1.57 11.17 -4.45
CA LEU A 69 0.36 10.51 -4.94
C LEU A 69 -0.47 10.00 -3.78
N ASN A 70 -1.79 10.09 -3.91
CA ASN A 70 -2.70 9.61 -2.87
C ASN A 70 -3.50 8.41 -3.35
N LYS A 71 -4.17 7.73 -2.43
CA LYS A 71 -4.97 6.56 -2.75
C LYS A 71 -6.32 6.98 -3.33
N THR A 72 -6.83 8.13 -2.87
CA THR A 72 -8.11 8.63 -3.35
C THR A 72 -8.02 9.08 -4.81
N SER A 73 -6.80 9.37 -5.26
CA SER A 73 -6.58 9.81 -6.63
C SER A 73 -6.79 8.67 -7.62
N VAL A 74 -6.59 7.45 -7.14
CA VAL A 74 -6.76 6.26 -7.97
C VAL A 74 -8.07 5.54 -7.65
N ARG A 75 -8.77 6.03 -6.64
CA ARG A 75 -10.04 5.44 -6.23
C ARG A 75 -10.96 5.25 -7.43
N PRO A 76 -11.29 6.36 -8.10
CA PRO A 76 -12.17 6.34 -9.29
C PRO A 76 -11.51 5.69 -10.48
N GLY A 77 -10.20 5.90 -10.63
CA GLY A 77 -9.47 5.32 -11.74
C GLY A 77 -9.96 3.94 -12.11
N LEU A 78 -10.19 3.11 -11.09
CA LEU A 78 -10.66 1.75 -11.32
C LEU A 78 -12.04 1.54 -10.68
N LYS A 79 -12.91 0.84 -11.39
CA LYS A 79 -14.26 0.57 -10.90
C LYS A 79 -14.35 -0.85 -10.32
N ASN A 80 -14.20 -1.84 -11.18
CA ASN A 80 -14.27 -3.24 -10.75
C ASN A 80 -12.89 -3.73 -10.30
N CYS A 81 -12.34 -3.07 -9.29
CA CYS A 81 -11.04 -3.45 -8.76
C CYS A 81 -11.16 -4.01 -7.35
N GLY A 82 -12.16 -3.53 -6.61
CA GLY A 82 -12.37 -3.99 -5.26
C GLY A 82 -13.24 -3.05 -4.45
N ASP A 83 -12.62 -2.31 -3.55
CA ASP A 83 -13.34 -1.36 -2.71
C ASP A 83 -12.38 -0.53 -1.86
N VAL A 84 -12.82 0.66 -1.49
CA VAL A 84 -11.99 1.56 -0.68
C VAL A 84 -11.26 0.79 0.42
N ASN A 85 -11.87 -0.30 0.88
CA ASN A 85 -11.28 -1.12 1.92
C ASN A 85 -9.86 -1.54 1.54
N CYS A 86 -9.74 -2.38 0.52
CA CYS A 86 -8.45 -2.85 0.06
C CYS A 86 -7.62 -1.71 -0.54
N ILE A 87 -8.28 -0.88 -1.34
CA ILE A 87 -7.61 0.25 -1.97
C ILE A 87 -6.62 0.90 -1.02
N GLY A 88 -7.06 1.18 0.20
CA GLY A 88 -6.20 1.80 1.19
C GLY A 88 -5.08 0.89 1.63
N ARG A 89 -5.38 -0.40 1.77
CA ARG A 89 -4.38 -1.37 2.20
C ARG A 89 -3.22 -1.44 1.20
N ILE A 90 -3.56 -1.55 -0.07
CA ILE A 90 -2.54 -1.62 -1.12
C ILE A 90 -1.78 -0.30 -1.23
N HIS A 91 -2.51 0.78 -1.48
CA HIS A 91 -1.91 2.10 -1.60
C HIS A 91 -1.06 2.43 -0.37
N THR A 92 -1.65 2.23 0.81
CA THR A 92 -0.95 2.51 2.06
C THR A 92 0.32 1.68 2.18
N TYR A 93 0.17 0.36 2.23
CA TYR A 93 1.29 -0.55 2.34
C TYR A 93 2.46 -0.07 1.48
N LEU A 94 2.27 -0.07 0.17
CA LEU A 94 3.31 0.36 -0.75
C LEU A 94 3.91 1.69 -0.31
N GLU A 95 3.12 2.51 0.36
CA GLU A 95 3.57 3.81 0.84
C GLU A 95 4.47 3.64 2.07
N LEU A 96 4.18 2.62 2.87
CA LEU A 96 4.96 2.35 4.08
C LEU A 96 6.31 1.73 3.73
N ILE A 97 6.33 0.90 2.70
CA ILE A 97 7.56 0.25 2.26
C ILE A 97 8.43 1.20 1.46
N GLY A 98 7.82 2.28 0.95
CA GLY A 98 8.56 3.26 0.17
C GLY A 98 8.36 3.07 -1.33
N ALA A 99 8.00 1.85 -1.72
CA ALA A 99 7.79 1.55 -3.13
C ALA A 99 7.21 2.75 -3.87
N ILE A 100 6.33 3.49 -3.20
CA ILE A 100 5.70 4.66 -3.78
C ILE A 100 5.77 5.86 -2.84
N ASN A 101 5.89 7.05 -3.42
CA ASN A 101 5.96 8.28 -2.62
C ASN A 101 7.08 8.18 -1.59
N PHE A 102 8.22 7.66 -2.00
CA PHE A 102 9.36 7.52 -1.11
C PHE A 102 9.86 8.89 -0.63
N GLY A 103 10.39 8.92 0.59
CA GLY A 103 10.89 10.16 1.14
C GLY A 103 10.02 11.35 0.78
N CYS A 104 8.93 11.54 1.54
CA CYS A 104 8.02 12.65 1.29
C CYS A 104 7.31 13.05 2.58
N GLU A 105 7.66 14.23 3.09
CA GLU A 105 7.05 14.73 4.32
C GLU A 105 5.54 14.62 4.27
N GLN A 106 5.00 14.54 3.06
CA GLN A 106 3.56 14.43 2.86
C GLN A 106 3.15 12.97 2.65
N ALA A 107 3.70 12.09 3.46
CA ALA A 107 3.39 10.66 3.36
C ALA A 107 2.33 10.26 4.38
N VAL A 108 1.99 8.98 4.40
CA VAL A 108 0.99 8.46 5.33
C VAL A 108 1.59 8.20 6.70
N TYR A 109 2.92 8.19 6.76
CA TYR A 109 3.62 7.95 8.01
C TYR A 109 4.04 9.26 8.67
N ASN A 110 4.64 10.15 7.88
CA ASN A 110 5.09 11.44 8.38
C ASN A 110 3.92 12.20 9.02
N ARG A 111 2.76 12.14 8.39
CA ARG A 111 1.56 12.82 8.89
C ARG A 111 0.87 11.99 9.95
N GLY A 1 6.28 -20.30 21.29
CA GLY A 1 5.48 -19.44 22.14
C GLY A 1 4.21 -18.98 21.47
N SER A 2 3.53 -18.01 22.09
CA SER A 2 2.29 -17.48 21.54
C SER A 2 1.86 -16.22 22.30
N SER A 3 1.34 -15.25 21.56
CA SER A 3 0.88 -13.99 22.16
C SER A 3 0.09 -13.17 21.15
N GLY A 4 -0.52 -12.09 21.63
CA GLY A 4 -1.30 -11.23 20.77
C GLY A 4 -1.98 -10.10 21.53
N SER A 5 -2.94 -9.45 20.88
CA SER A 5 -3.66 -8.34 21.50
C SER A 5 -4.83 -7.90 20.62
N SER A 6 -5.76 -7.16 21.22
CA SER A 6 -6.92 -6.67 20.49
C SER A 6 -7.33 -5.28 20.98
N GLY A 7 -8.04 -4.55 20.13
CA GLY A 7 -8.47 -3.21 20.49
C GLY A 7 -7.81 -2.14 19.64
N HIS A 8 -7.59 -0.97 20.24
CA HIS A 8 -6.96 0.14 19.53
C HIS A 8 -5.44 0.02 19.57
N GLU A 9 -4.87 -0.64 18.56
CA GLU A 9 -3.43 -0.82 18.49
C GLU A 9 -2.94 -0.71 17.05
N GLU A 10 -2.13 0.32 16.79
CA GLU A 10 -1.59 0.55 15.45
C GLU A 10 -1.02 -0.74 14.87
N GLU A 11 -0.94 -0.80 13.55
CA GLU A 11 -0.40 -1.97 12.86
C GLU A 11 1.10 -1.84 12.66
N GLU A 12 1.82 -1.58 13.75
CA GLU A 12 3.27 -1.43 13.69
C GLU A 12 3.67 -0.35 12.69
N LEU A 13 2.93 0.77 12.72
CA LEU A 13 3.21 1.88 11.81
C LEU A 13 4.66 2.32 11.93
N LYS A 14 5.32 2.45 10.78
CA LYS A 14 6.72 2.87 10.76
C LYS A 14 7.14 3.25 9.34
N PRO A 15 7.79 4.41 9.20
CA PRO A 15 8.27 4.91 7.91
C PRO A 15 9.43 4.09 7.36
N PRO A 16 9.53 4.03 6.02
CA PRO A 16 10.59 3.28 5.34
C PRO A 16 11.96 3.93 5.51
N GLU A 17 13.00 3.12 5.38
CA GLU A 17 14.37 3.62 5.52
C GLU A 17 14.96 3.98 4.15
N GLN A 18 14.68 3.14 3.17
CA GLN A 18 15.19 3.37 1.81
C GLN A 18 14.26 2.76 0.77
N GLU A 19 14.08 3.46 -0.35
CA GLU A 19 13.22 2.99 -1.41
C GLU A 19 13.54 1.54 -1.77
N ILE A 20 12.50 0.72 -1.89
CA ILE A 20 12.66 -0.69 -2.23
C ILE A 20 12.37 -0.94 -3.71
N GLU A 21 12.41 -2.21 -4.11
CA GLU A 21 12.14 -2.59 -5.49
C GLU A 21 10.87 -3.43 -5.58
N ILE A 22 9.93 -3.00 -6.42
CA ILE A 22 8.69 -3.72 -6.61
C ILE A 22 8.54 -4.20 -8.05
N ASP A 23 7.90 -5.36 -8.22
CA ASP A 23 7.69 -5.92 -9.54
C ASP A 23 6.19 -6.01 -9.86
N ARG A 24 5.74 -5.16 -10.78
CA ARG A 24 4.35 -5.13 -11.17
C ARG A 24 3.98 -6.40 -11.94
N ASN A 25 4.96 -7.26 -12.16
CA ASN A 25 4.74 -8.51 -12.88
C ASN A 25 5.18 -9.71 -12.05
N ILE A 26 5.65 -9.44 -10.83
CA ILE A 26 6.09 -10.49 -9.93
C ILE A 26 5.66 -10.22 -8.49
N ILE A 27 5.32 -11.27 -7.76
CA ILE A 27 4.89 -11.14 -6.38
C ILE A 27 5.86 -11.86 -5.44
N GLN A 28 6.64 -11.10 -4.69
CA GLN A 28 7.60 -11.66 -3.75
C GLN A 28 7.01 -11.72 -2.35
N GLU A 29 7.35 -12.77 -1.61
CA GLU A 29 6.86 -12.94 -0.25
C GLU A 29 6.71 -11.58 0.45
N GLU A 30 7.72 -10.74 0.31
CA GLU A 30 7.71 -9.42 0.92
C GLU A 30 6.30 -8.81 0.89
N GLU A 31 5.70 -8.82 -0.30
CA GLU A 31 4.36 -8.27 -0.46
C GLU A 31 3.32 -9.18 0.20
N LYS A 32 3.47 -10.48 0.00
CA LYS A 32 2.55 -11.45 0.58
C LYS A 32 2.52 -11.34 2.10
N GLN A 33 3.55 -10.72 2.66
CA GLN A 33 3.65 -10.55 4.10
C GLN A 33 2.80 -9.38 4.57
N ALA A 34 2.51 -8.46 3.66
CA ALA A 34 1.72 -7.29 3.97
C ALA A 34 0.32 -7.39 3.37
N ILE A 35 0.19 -8.19 2.32
CA ILE A 35 -1.10 -8.38 1.65
C ILE A 35 -1.45 -9.86 1.56
N PRO A 36 -1.26 -10.59 2.67
CA PRO A 36 -1.56 -12.02 2.73
C PRO A 36 -3.05 -12.31 2.69
N GLU A 37 -3.85 -11.24 2.67
CA GLU A 37 -5.31 -11.39 2.63
C GLU A 37 -5.78 -11.74 1.22
N PHE A 38 -5.02 -11.30 0.22
CA PHE A 38 -5.35 -11.57 -1.17
C PHE A 38 -4.70 -12.86 -1.64
N PHE A 39 -3.94 -13.50 -0.76
CA PHE A 39 -3.26 -14.74 -1.09
C PHE A 39 -3.82 -15.90 -0.29
N GLU A 40 -5.00 -15.70 0.30
CA GLU A 40 -5.65 -16.73 1.09
C GLU A 40 -6.03 -17.93 0.23
N GLY A 41 -6.93 -17.70 -0.72
CA GLY A 41 -7.37 -18.77 -1.60
C GLY A 41 -8.86 -18.77 -1.82
N ARG A 42 -9.56 -17.86 -1.15
CA ARG A 42 -11.01 -17.75 -1.26
C ARG A 42 -11.39 -17.05 -2.56
N GLN A 43 -12.66 -17.15 -2.93
CA GLN A 43 -13.16 -16.53 -4.15
C GLN A 43 -13.19 -15.01 -4.01
N ALA A 44 -13.64 -14.53 -2.85
CA ALA A 44 -13.71 -13.09 -2.59
C ALA A 44 -12.35 -12.44 -2.75
N LYS A 45 -11.36 -12.93 -2.00
CA LYS A 45 -10.01 -12.38 -2.06
C LYS A 45 -9.12 -13.24 -2.96
N THR A 46 -8.57 -12.61 -4.00
CA THR A 46 -7.70 -13.30 -4.94
C THR A 46 -6.43 -12.50 -5.21
N PRO A 47 -5.33 -13.22 -5.48
CA PRO A 47 -4.03 -12.60 -5.76
C PRO A 47 -4.01 -11.87 -7.11
N GLU A 48 -4.84 -12.34 -8.03
CA GLU A 48 -4.92 -11.72 -9.36
C GLU A 48 -5.65 -10.38 -9.30
N ARG A 49 -6.40 -10.17 -8.22
CA ARG A 49 -7.16 -8.94 -8.04
C ARG A 49 -6.31 -7.89 -7.32
N TYR A 50 -5.36 -8.35 -6.52
CA TYR A 50 -4.48 -7.46 -5.78
C TYR A 50 -3.46 -6.81 -6.69
N LEU A 51 -3.04 -7.54 -7.72
CA LEU A 51 -2.06 -7.03 -8.66
C LEU A 51 -2.67 -5.96 -9.56
N LYS A 52 -3.89 -6.20 -10.02
CA LYS A 52 -4.58 -5.26 -10.89
C LYS A 52 -4.67 -3.88 -10.22
N ILE A 53 -5.12 -3.86 -8.97
CA ILE A 53 -5.24 -2.62 -8.23
C ILE A 53 -3.88 -1.99 -7.96
N ARG A 54 -2.96 -2.79 -7.42
CA ARG A 54 -1.62 -2.31 -7.12
C ARG A 54 -0.97 -1.70 -8.35
N ASN A 55 -0.80 -2.51 -9.39
CA ASN A 55 -0.19 -2.06 -10.63
C ASN A 55 -0.69 -0.66 -11.00
N TYR A 56 -2.01 -0.47 -10.94
CA TYR A 56 -2.61 0.81 -11.26
C TYR A 56 -2.00 1.93 -10.42
N ILE A 57 -1.84 1.66 -9.14
CA ILE A 57 -1.28 2.65 -8.22
C ILE A 57 0.15 3.00 -8.61
N LEU A 58 1.02 1.99 -8.64
CA LEU A 58 2.42 2.20 -9.00
C LEU A 58 2.54 3.03 -10.27
N ASP A 59 1.72 2.69 -11.26
CA ASP A 59 1.72 3.41 -12.54
C ASP A 59 1.49 4.90 -12.32
N GLN A 60 0.40 5.24 -11.67
CA GLN A 60 0.06 6.63 -11.39
C GLN A 60 1.15 7.30 -10.56
N TRP A 61 1.67 6.58 -9.57
CA TRP A 61 2.72 7.12 -8.71
C TRP A 61 3.80 7.80 -9.53
N GLU A 62 4.37 7.07 -10.48
CA GLU A 62 5.43 7.62 -11.34
C GLU A 62 4.86 8.68 -12.27
N ILE A 63 3.62 8.51 -12.69
CA ILE A 63 2.97 9.46 -13.58
C ILE A 63 2.94 10.85 -12.97
N CYS A 64 3.06 10.92 -11.65
CA CYS A 64 3.05 12.19 -10.95
C CYS A 64 4.42 12.48 -10.32
N LYS A 65 5.09 11.42 -9.88
CA LYS A 65 6.40 11.56 -9.25
C LYS A 65 7.23 12.62 -9.97
N PRO A 66 8.19 13.21 -9.23
CA PRO A 66 8.44 12.88 -7.83
C PRO A 66 7.31 13.34 -6.91
N LYS A 67 6.43 14.17 -7.44
CA LYS A 67 5.30 14.68 -6.68
C LYS A 67 4.58 13.56 -5.95
N TYR A 68 4.10 13.85 -4.74
CA TYR A 68 3.39 12.87 -3.94
C TYR A 68 2.09 12.45 -4.62
N LEU A 69 1.62 11.24 -4.30
CA LEU A 69 0.38 10.73 -4.87
C LEU A 69 -0.57 10.25 -3.78
N ASN A 70 -1.81 10.71 -3.84
CA ASN A 70 -2.81 10.33 -2.86
C ASN A 70 -3.72 9.24 -3.40
N LYS A 71 -4.13 8.32 -2.53
CA LYS A 71 -4.99 7.22 -2.92
C LYS A 71 -6.33 7.73 -3.44
N THR A 72 -6.63 9.00 -3.16
CA THR A 72 -7.86 9.62 -3.60
C THR A 72 -7.93 9.69 -5.12
N SER A 73 -6.76 9.63 -5.76
CA SER A 73 -6.68 9.70 -7.21
C SER A 73 -7.02 8.36 -7.84
N VAL A 74 -6.79 7.28 -7.09
CA VAL A 74 -7.07 5.93 -7.57
C VAL A 74 -8.32 5.37 -6.90
N ARG A 75 -8.90 6.14 -5.99
CA ARG A 75 -10.11 5.71 -5.28
C ARG A 75 -11.23 5.40 -6.26
N PRO A 76 -11.63 6.41 -7.05
CA PRO A 76 -12.70 6.27 -8.04
C PRO A 76 -12.29 5.39 -9.21
N GLY A 77 -11.00 5.12 -9.32
CA GLY A 77 -10.50 4.28 -10.39
C GLY A 77 -10.47 2.81 -10.04
N LEU A 78 -10.71 1.96 -11.02
CA LEU A 78 -10.71 0.51 -10.80
C LEU A 78 -11.89 0.11 -9.92
N LYS A 79 -13.06 0.67 -10.20
CA LYS A 79 -14.26 0.35 -9.44
C LYS A 79 -14.58 -1.13 -9.51
N ASN A 80 -14.45 -1.71 -10.69
CA ASN A 80 -14.73 -3.13 -10.89
C ASN A 80 -13.77 -3.98 -10.08
N CYS A 81 -12.47 -3.73 -10.25
CA CYS A 81 -11.45 -4.48 -9.53
C CYS A 81 -10.82 -3.63 -8.43
N GLY A 82 -11.46 -3.60 -7.27
CA GLY A 82 -10.95 -2.82 -6.15
C GLY A 82 -12.03 -1.98 -5.49
N ASP A 83 -11.85 -1.70 -4.21
CA ASP A 83 -12.81 -0.90 -3.45
C ASP A 83 -12.10 0.05 -2.51
N VAL A 84 -12.78 1.14 -2.16
CA VAL A 84 -12.22 2.14 -1.25
C VAL A 84 -11.51 1.48 -0.07
N ASN A 85 -11.96 0.27 0.28
CA ASN A 85 -11.37 -0.47 1.39
C ASN A 85 -10.07 -1.16 0.96
N CYS A 86 -10.17 -1.97 -0.08
CA CYS A 86 -9.01 -2.70 -0.60
C CYS A 86 -7.89 -1.73 -0.97
N ILE A 87 -8.27 -0.57 -1.49
CA ILE A 87 -7.30 0.44 -1.89
C ILE A 87 -6.36 0.78 -0.74
N GLY A 88 -6.90 1.43 0.28
CA GLY A 88 -6.09 1.80 1.44
C GLY A 88 -5.07 0.75 1.78
N ARG A 89 -5.50 -0.51 1.82
CA ARG A 89 -4.60 -1.61 2.15
C ARG A 89 -3.39 -1.62 1.23
N ILE A 90 -3.63 -1.76 -0.07
CA ILE A 90 -2.55 -1.78 -1.05
C ILE A 90 -1.80 -0.45 -1.07
N HIS A 91 -2.53 0.63 -1.35
CA HIS A 91 -1.94 1.96 -1.41
C HIS A 91 -1.06 2.21 -0.19
N THR A 92 -1.67 2.15 1.00
CA THR A 92 -0.94 2.38 2.24
C THR A 92 0.34 1.56 2.28
N TYR A 93 0.20 0.24 2.36
CA TYR A 93 1.36 -0.65 2.42
C TYR A 93 2.49 -0.13 1.53
N LEU A 94 2.26 -0.15 0.22
CA LEU A 94 3.26 0.33 -0.73
C LEU A 94 3.91 1.61 -0.24
N GLU A 95 3.14 2.45 0.45
CA GLU A 95 3.65 3.70 0.97
C GLU A 95 4.51 3.47 2.21
N LEU A 96 4.15 2.45 2.99
CA LEU A 96 4.90 2.12 4.20
C LEU A 96 6.23 1.48 3.86
N ILE A 97 6.26 0.72 2.76
CA ILE A 97 7.49 0.07 2.33
C ILE A 97 8.38 1.01 1.54
N GLY A 98 7.80 2.11 1.08
CA GLY A 98 8.55 3.09 0.31
C GLY A 98 8.30 2.98 -1.17
N ALA A 99 7.87 1.81 -1.62
CA ALA A 99 7.60 1.57 -3.03
C ALA A 99 7.02 2.83 -3.69
N ILE A 100 6.11 3.49 -2.99
CA ILE A 100 5.49 4.71 -3.49
C ILE A 100 5.61 5.85 -2.50
N ASN A 101 5.54 7.08 -3.00
CA ASN A 101 5.64 8.27 -2.16
C ASN A 101 6.72 8.08 -1.09
N PHE A 102 7.88 7.57 -1.51
CA PHE A 102 8.99 7.34 -0.60
C PHE A 102 9.43 8.65 0.06
N GLY A 103 9.64 8.61 1.36
CA GLY A 103 10.05 9.79 2.09
C GLY A 103 9.38 11.05 1.58
N CYS A 104 8.14 11.26 1.99
CA CYS A 104 7.37 12.44 1.56
C CYS A 104 6.73 13.12 2.76
N GLU A 105 7.02 14.41 2.93
CA GLU A 105 6.46 15.17 4.04
C GLU A 105 4.97 14.88 4.21
N GLN A 106 4.30 14.62 3.10
CA GLN A 106 2.87 14.33 3.12
C GLN A 106 2.62 12.82 3.08
N ALA A 107 3.35 12.08 3.92
CA ALA A 107 3.21 10.63 3.97
C ALA A 107 2.21 10.22 5.06
N VAL A 108 1.53 9.10 4.82
CA VAL A 108 0.55 8.60 5.78
C VAL A 108 1.19 8.28 7.12
N TYR A 109 2.50 8.01 7.09
CA TYR A 109 3.24 7.68 8.31
C TYR A 109 3.79 8.94 8.96
N ASN A 110 4.21 9.89 8.13
CA ASN A 110 4.77 11.14 8.62
C ASN A 110 3.77 11.87 9.52
N ARG A 111 2.51 11.92 9.09
CA ARG A 111 1.46 12.58 9.86
C ARG A 111 0.78 11.59 10.80
N GLY A 1 5.95 -1.70 30.60
CA GLY A 1 4.65 -1.16 30.27
C GLY A 1 4.19 -1.58 28.89
N SER A 2 3.12 -0.95 28.41
CA SER A 2 2.58 -1.26 27.09
C SER A 2 1.66 -0.15 26.60
N SER A 3 1.37 -0.15 25.31
CA SER A 3 0.51 0.86 24.71
C SER A 3 -0.31 0.27 23.57
N GLY A 4 -1.26 1.05 23.06
CA GLY A 4 -2.10 0.59 21.97
C GLY A 4 -3.09 1.65 21.51
N SER A 5 -3.38 1.66 20.22
CA SER A 5 -4.32 2.63 19.66
C SER A 5 -5.44 1.93 18.91
N SER A 6 -6.41 2.70 18.42
CA SER A 6 -7.54 2.16 17.69
C SER A 6 -7.75 2.89 16.37
N GLY A 7 -8.59 2.34 15.51
CA GLY A 7 -8.84 2.95 14.22
C GLY A 7 -8.36 2.10 13.07
N HIS A 8 -8.07 2.75 11.94
CA HIS A 8 -7.59 2.05 10.75
C HIS A 8 -6.10 2.30 10.54
N GLU A 9 -5.27 1.58 11.30
CA GLU A 9 -3.82 1.73 11.19
C GLU A 9 -3.10 0.52 11.80
N GLU A 10 -1.81 0.41 11.52
CA GLU A 10 -1.02 -0.70 12.03
C GLU A 10 -0.29 -0.30 13.32
N GLU A 11 -0.73 -0.85 14.44
CA GLU A 11 -0.12 -0.55 15.72
C GLU A 11 1.40 -0.44 15.60
N GLU A 12 1.95 -1.15 14.61
CA GLU A 12 3.39 -1.13 14.39
C GLU A 12 3.74 -0.36 13.12
N LEU A 13 3.07 0.78 12.93
CA LEU A 13 3.31 1.61 11.76
C LEU A 13 4.66 2.31 11.85
N LYS A 14 5.48 2.13 10.82
CA LYS A 14 6.80 2.74 10.78
C LYS A 14 7.17 3.15 9.36
N PRO A 15 7.79 4.33 9.22
CA PRO A 15 8.21 4.86 7.92
C PRO A 15 9.37 4.07 7.31
N PRO A 16 9.45 4.06 5.97
CA PRO A 16 10.50 3.34 5.25
C PRO A 16 11.86 3.99 5.42
N GLU A 17 12.92 3.19 5.25
CA GLU A 17 14.28 3.69 5.39
C GLU A 17 14.86 4.09 4.03
N GLN A 18 14.60 3.26 3.02
CA GLN A 18 15.09 3.52 1.68
C GLN A 18 14.20 2.87 0.63
N GLU A 19 13.93 3.59 -0.45
CA GLU A 19 13.09 3.09 -1.53
C GLU A 19 13.47 1.66 -1.89
N ILE A 20 12.50 0.77 -1.89
CA ILE A 20 12.72 -0.63 -2.23
C ILE A 20 12.40 -0.91 -3.70
N GLU A 21 12.50 -2.18 -4.09
CA GLU A 21 12.22 -2.57 -5.46
C GLU A 21 10.95 -3.42 -5.52
N ILE A 22 10.17 -3.22 -6.58
CA ILE A 22 8.92 -3.96 -6.76
C ILE A 22 8.76 -4.41 -8.21
N ASP A 23 8.06 -5.53 -8.40
CA ASP A 23 7.83 -6.06 -9.73
C ASP A 23 6.33 -6.17 -10.02
N ARG A 24 5.91 -5.56 -11.12
CA ARG A 24 4.51 -5.58 -11.51
C ARG A 24 4.12 -6.92 -12.13
N ASN A 25 5.13 -7.75 -12.38
CA ASN A 25 4.91 -9.07 -12.96
C ASN A 25 5.38 -10.17 -12.02
N ILE A 26 5.75 -9.78 -10.81
CA ILE A 26 6.23 -10.73 -9.81
C ILE A 26 5.76 -10.34 -8.41
N ILE A 27 5.33 -11.34 -7.64
CA ILE A 27 4.85 -11.10 -6.28
C ILE A 27 5.73 -11.83 -5.26
N GLN A 28 6.52 -11.06 -4.52
CA GLN A 28 7.41 -11.63 -3.51
C GLN A 28 6.76 -11.57 -2.13
N GLU A 29 6.99 -12.61 -1.33
CA GLU A 29 6.43 -12.67 0.01
C GLU A 29 6.36 -11.29 0.64
N GLU A 30 7.33 -10.44 0.31
CA GLU A 30 7.37 -9.08 0.84
C GLU A 30 5.97 -8.46 0.86
N GLU A 31 5.27 -8.55 -0.26
CA GLU A 31 3.93 -8.00 -0.36
C GLU A 31 2.91 -8.92 0.29
N LYS A 32 3.01 -10.21 -0.01
CA LYS A 32 2.10 -11.20 0.56
C LYS A 32 2.09 -11.12 2.08
N GLN A 33 3.12 -10.50 2.65
CA GLN A 33 3.22 -10.37 4.10
C GLN A 33 2.38 -9.20 4.59
N ALA A 34 2.13 -8.24 3.70
CA ALA A 34 1.34 -7.07 4.06
C ALA A 34 -0.05 -7.13 3.41
N ILE A 35 -0.18 -7.98 2.39
CA ILE A 35 -1.44 -8.13 1.68
C ILE A 35 -1.82 -9.60 1.54
N PRO A 36 -1.73 -10.34 2.65
CA PRO A 36 -2.06 -11.77 2.68
C PRO A 36 -3.56 -12.01 2.52
N GLU A 37 -4.35 -11.00 2.84
CA GLU A 37 -5.81 -11.11 2.74
C GLU A 37 -6.21 -11.57 1.34
N PHE A 38 -5.50 -11.09 0.34
CA PHE A 38 -5.79 -11.45 -1.05
C PHE A 38 -5.14 -12.78 -1.41
N PHE A 39 -4.25 -13.25 -0.56
CA PHE A 39 -3.57 -14.52 -0.78
C PHE A 39 -4.05 -15.58 0.19
N GLU A 40 -5.17 -15.31 0.85
CA GLU A 40 -5.74 -16.25 1.81
C GLU A 40 -6.18 -17.54 1.12
N GLY A 41 -7.23 -17.44 0.30
CA GLY A 41 -7.74 -18.59 -0.40
C GLY A 41 -9.25 -18.57 -0.53
N ARG A 42 -9.79 -17.43 -0.93
CA ARG A 42 -11.24 -17.28 -1.10
C ARG A 42 -11.58 -16.99 -2.55
N GLN A 43 -12.86 -16.74 -2.81
CA GLN A 43 -13.34 -16.44 -4.16
C GLN A 43 -13.07 -14.98 -4.52
N ALA A 44 -13.63 -14.07 -3.74
CA ALA A 44 -13.46 -12.64 -3.97
C ALA A 44 -12.00 -12.24 -3.77
N LYS A 45 -11.39 -12.72 -2.69
CA LYS A 45 -10.00 -12.40 -2.38
C LYS A 45 -9.05 -13.24 -3.23
N THR A 46 -8.61 -12.69 -4.35
CA THR A 46 -7.70 -13.40 -5.24
C THR A 46 -6.43 -12.59 -5.48
N PRO A 47 -5.33 -13.29 -5.77
CA PRO A 47 -4.03 -12.66 -6.02
C PRO A 47 -4.00 -11.89 -7.34
N GLU A 48 -4.80 -12.36 -8.30
CA GLU A 48 -4.85 -11.71 -9.61
C GLU A 48 -5.45 -10.32 -9.50
N ARG A 49 -6.39 -10.15 -8.58
CA ARG A 49 -7.04 -8.86 -8.38
C ARG A 49 -6.10 -7.88 -7.67
N TYR A 50 -5.45 -8.36 -6.62
CA TYR A 50 -4.51 -7.53 -5.86
C TYR A 50 -3.49 -6.88 -6.79
N LEU A 51 -3.09 -7.60 -7.82
CA LEU A 51 -2.12 -7.10 -8.78
C LEU A 51 -2.70 -5.97 -9.62
N LYS A 52 -3.87 -6.22 -10.19
CA LYS A 52 -4.55 -5.22 -11.01
C LYS A 52 -4.59 -3.87 -10.32
N ILE A 53 -4.95 -3.89 -9.04
CA ILE A 53 -5.02 -2.66 -8.25
C ILE A 53 -3.63 -2.10 -7.97
N ARG A 54 -2.73 -2.95 -7.50
CA ARG A 54 -1.37 -2.53 -7.20
C ARG A 54 -0.71 -1.90 -8.43
N ASN A 55 -0.44 -2.73 -9.43
CA ASN A 55 0.20 -2.26 -10.65
C ASN A 55 -0.31 -0.87 -11.02
N TYR A 56 -1.62 -0.68 -10.93
CA TYR A 56 -2.23 0.60 -11.25
C TYR A 56 -1.65 1.72 -10.39
N ILE A 57 -1.71 1.53 -9.07
CA ILE A 57 -1.19 2.52 -8.14
C ILE A 57 0.27 2.85 -8.42
N LEU A 58 1.08 1.80 -8.54
CA LEU A 58 2.50 1.97 -8.82
C LEU A 58 2.72 2.76 -10.11
N ASP A 59 1.88 2.51 -11.09
CA ASP A 59 1.97 3.20 -12.38
C ASP A 59 1.64 4.68 -12.22
N GLN A 60 0.54 4.97 -11.52
CA GLN A 60 0.12 6.35 -11.29
C GLN A 60 1.17 7.12 -10.50
N TRP A 61 1.71 6.49 -9.47
CA TRP A 61 2.72 7.12 -8.63
C TRP A 61 3.79 7.80 -9.49
N GLU A 62 4.32 7.05 -10.46
CA GLU A 62 5.35 7.58 -11.35
C GLU A 62 4.75 8.56 -12.35
N ILE A 63 3.55 8.25 -12.83
CA ILE A 63 2.87 9.10 -13.80
C ILE A 63 2.73 10.53 -13.27
N CYS A 64 2.96 10.70 -11.98
CA CYS A 64 2.87 12.01 -11.35
C CYS A 64 4.19 12.39 -10.69
N LYS A 65 4.91 11.39 -10.19
CA LYS A 65 6.19 11.63 -9.53
C LYS A 65 7.03 12.63 -10.30
N PRO A 66 7.92 13.32 -9.59
CA PRO A 66 8.12 13.12 -8.15
C PRO A 66 6.94 13.64 -7.33
N LYS A 67 5.95 14.21 -8.03
CA LYS A 67 4.77 14.74 -7.36
C LYS A 67 4.07 13.66 -6.54
N TYR A 68 3.74 14.00 -5.29
CA TYR A 68 3.06 13.06 -4.40
C TYR A 68 1.80 12.50 -5.05
N LEU A 69 1.37 11.33 -4.59
CA LEU A 69 0.17 10.69 -5.11
C LEU A 69 -0.79 10.31 -3.99
N ASN A 70 -1.91 11.03 -3.92
CA ASN A 70 -2.92 10.77 -2.89
C ASN A 70 -3.47 9.35 -3.02
N LYS A 71 -3.77 8.75 -1.87
CA LYS A 71 -4.32 7.39 -1.85
C LYS A 71 -5.74 7.36 -2.38
N THR A 72 -6.48 8.45 -2.15
CA THR A 72 -7.85 8.55 -2.61
C THR A 72 -7.92 8.95 -4.08
N SER A 73 -6.83 9.53 -4.58
CA SER A 73 -6.76 9.96 -5.97
C SER A 73 -6.85 8.76 -6.91
N VAL A 74 -6.61 7.57 -6.37
CA VAL A 74 -6.66 6.35 -7.17
C VAL A 74 -7.88 5.51 -6.81
N ARG A 75 -8.66 6.00 -5.86
CA ARG A 75 -9.87 5.29 -5.42
C ARG A 75 -10.89 5.23 -6.54
N PRO A 76 -11.33 6.41 -7.03
CA PRO A 76 -12.32 6.50 -8.10
C PRO A 76 -11.75 6.05 -9.45
N GLY A 77 -10.43 5.85 -9.49
CA GLY A 77 -9.79 5.42 -10.73
C GLY A 77 -10.21 4.02 -11.14
N LEU A 78 -10.34 3.13 -10.16
CA LEU A 78 -10.73 1.75 -10.43
C LEU A 78 -12.18 1.51 -10.03
N LYS A 79 -13.03 1.28 -11.04
CA LYS A 79 -14.44 1.04 -10.79
C LYS A 79 -14.71 -0.46 -10.60
N ASN A 80 -15.72 -0.77 -9.78
CA ASN A 80 -16.08 -2.16 -9.52
C ASN A 80 -14.83 -3.02 -9.41
N CYS A 81 -13.87 -2.59 -8.60
CA CYS A 81 -12.62 -3.32 -8.41
C CYS A 81 -12.25 -3.39 -6.94
N GLY A 82 -12.75 -4.42 -6.25
CA GLY A 82 -12.46 -4.59 -4.84
C GLY A 82 -13.38 -3.76 -3.96
N ASP A 83 -12.79 -2.92 -3.12
CA ASP A 83 -13.57 -2.07 -2.22
C ASP A 83 -12.73 -0.89 -1.73
N VAL A 84 -13.39 0.24 -1.50
CA VAL A 84 -12.71 1.44 -1.03
C VAL A 84 -11.66 1.11 0.03
N ASN A 85 -11.88 0.01 0.75
CA ASN A 85 -10.95 -0.43 1.78
C ASN A 85 -9.72 -1.06 1.16
N CYS A 86 -9.94 -2.03 0.28
CA CYS A 86 -8.83 -2.72 -0.39
C CYS A 86 -7.88 -1.73 -1.04
N ILE A 87 -8.45 -0.78 -1.78
CA ILE A 87 -7.65 0.23 -2.46
C ILE A 87 -6.68 0.90 -1.51
N GLY A 88 -7.21 1.59 -0.50
CA GLY A 88 -6.38 2.26 0.47
C GLY A 88 -5.34 1.35 1.08
N ARG A 89 -5.73 0.11 1.35
CA ARG A 89 -4.83 -0.88 1.93
C ARG A 89 -3.59 -1.05 1.08
N ILE A 90 -3.79 -1.37 -0.19
CA ILE A 90 -2.68 -1.57 -1.13
C ILE A 90 -1.82 -0.31 -1.23
N HIS A 91 -2.46 0.81 -1.53
CA HIS A 91 -1.75 2.09 -1.66
C HIS A 91 -0.93 2.37 -0.40
N THR A 92 -1.59 2.35 0.74
CA THR A 92 -0.93 2.61 2.01
C THR A 92 0.34 1.78 2.15
N TYR A 93 0.18 0.47 2.24
CA TYR A 93 1.31 -0.43 2.37
C TYR A 93 2.46 0.00 1.47
N LEU A 94 2.24 -0.06 0.16
CA LEU A 94 3.25 0.33 -0.81
C LEU A 94 3.91 1.64 -0.42
N GLU A 95 3.16 2.49 0.29
CA GLU A 95 3.68 3.78 0.73
C GLU A 95 4.56 3.63 1.96
N LEU A 96 4.24 2.64 2.79
CA LEU A 96 5.01 2.38 4.01
C LEU A 96 6.35 1.76 3.67
N ILE A 97 6.38 0.90 2.65
CA ILE A 97 7.61 0.25 2.23
C ILE A 97 8.52 1.20 1.48
N GLY A 98 7.91 2.25 0.89
CA GLY A 98 8.69 3.22 0.14
C GLY A 98 8.49 3.08 -1.35
N ALA A 99 8.17 1.87 -1.80
CA ALA A 99 7.96 1.61 -3.21
C ALA A 99 7.33 2.82 -3.91
N ILE A 100 6.46 3.52 -3.21
CA ILE A 100 5.80 4.69 -3.75
C ILE A 100 5.82 5.86 -2.75
N ASN A 101 5.67 7.07 -3.27
CA ASN A 101 5.68 8.26 -2.42
C ASN A 101 6.64 8.09 -1.24
N PHE A 102 7.87 7.70 -1.55
CA PHE A 102 8.88 7.51 -0.52
C PHE A 102 9.27 8.84 0.13
N GLY A 103 9.43 8.83 1.44
CA GLY A 103 9.80 10.04 2.15
C GLY A 103 9.08 11.26 1.63
N CYS A 104 7.88 11.52 2.15
CA CYS A 104 7.09 12.66 1.74
C CYS A 104 6.23 13.18 2.88
N GLU A 105 6.09 14.50 2.96
CA GLU A 105 5.30 15.13 4.00
C GLU A 105 3.81 14.83 3.81
N GLN A 106 3.49 14.20 2.69
CA GLN A 106 2.09 13.86 2.39
C GLN A 106 1.88 12.35 2.43
N ALA A 107 2.75 11.65 3.16
CA ALA A 107 2.66 10.21 3.28
C ALA A 107 1.71 9.81 4.41
N VAL A 108 1.54 8.51 4.61
CA VAL A 108 0.66 8.01 5.65
C VAL A 108 1.46 7.46 6.83
N TYR A 109 2.73 7.84 6.90
CA TYR A 109 3.60 7.37 7.98
C TYR A 109 4.27 8.56 8.67
N ASN A 110 4.84 9.47 7.88
CA ASN A 110 5.51 10.64 8.42
C ASN A 110 4.65 11.33 9.48
N ARG A 111 3.34 11.24 9.30
CA ARG A 111 2.40 11.86 10.23
C ARG A 111 1.91 10.84 11.27
N GLY A 1 -4.58 -6.60 37.73
CA GLY A 1 -3.87 -5.41 37.30
C GLY A 1 -4.58 -4.71 36.15
N SER A 2 -4.65 -3.39 36.21
CA SER A 2 -5.30 -2.60 35.18
C SER A 2 -4.45 -1.39 34.81
N SER A 3 -3.83 -1.45 33.63
CA SER A 3 -2.99 -0.35 33.17
C SER A 3 -2.86 -0.39 31.64
N GLY A 4 -2.61 0.78 31.05
CA GLY A 4 -2.47 0.86 29.61
C GLY A 4 -2.24 2.29 29.13
N SER A 5 -2.58 2.54 27.87
CA SER A 5 -2.41 3.88 27.29
C SER A 5 -3.47 4.14 26.22
N SER A 6 -4.15 5.27 26.35
CA SER A 6 -5.19 5.65 25.39
C SER A 6 -5.01 7.10 24.95
N GLY A 7 -5.33 7.37 23.69
CA GLY A 7 -5.23 8.71 23.16
C GLY A 7 -4.61 8.75 21.77
N HIS A 8 -3.35 8.31 21.67
CA HIS A 8 -2.66 8.28 20.39
C HIS A 8 -2.62 6.87 19.82
N GLU A 9 -3.12 6.70 18.60
CA GLU A 9 -3.14 5.40 17.95
C GLU A 9 -1.94 5.24 17.03
N GLU A 10 -1.51 3.99 16.83
CA GLU A 10 -0.38 3.71 15.97
C GLU A 10 -0.77 2.76 14.85
N GLU A 11 -1.41 1.66 15.21
CA GLU A 11 -1.85 0.66 14.23
C GLU A 11 -0.65 0.01 13.55
N GLU A 12 0.47 -0.07 14.27
CA GLU A 12 1.68 -0.66 13.73
C GLU A 12 2.17 0.11 12.51
N LEU A 13 2.24 1.43 12.63
CA LEU A 13 2.69 2.28 11.54
C LEU A 13 4.18 2.58 11.65
N LYS A 14 4.91 2.30 10.58
CA LYS A 14 6.35 2.53 10.55
C LYS A 14 6.81 2.95 9.16
N PRO A 15 7.56 4.07 9.10
CA PRO A 15 8.07 4.61 7.84
C PRO A 15 9.16 3.73 7.23
N PRO A 16 9.26 3.74 5.89
CA PRO A 16 10.26 2.95 5.17
C PRO A 16 11.68 3.46 5.38
N GLU A 17 12.65 2.59 5.14
CA GLU A 17 14.07 2.97 5.31
C GLU A 17 14.66 3.40 3.98
N GLN A 18 14.23 2.76 2.89
CA GLN A 18 14.74 3.07 1.57
C GLN A 18 13.87 2.43 0.49
N GLU A 19 13.73 3.11 -0.65
CA GLU A 19 12.94 2.60 -1.75
C GLU A 19 13.26 1.14 -2.03
N ILE A 20 12.22 0.32 -2.20
CA ILE A 20 12.40 -1.09 -2.48
C ILE A 20 12.14 -1.40 -3.95
N GLU A 21 12.20 -2.69 -4.29
CA GLU A 21 11.97 -3.12 -5.67
C GLU A 21 10.68 -3.93 -5.77
N ILE A 22 9.82 -3.55 -6.71
CA ILE A 22 8.55 -4.25 -6.91
C ILE A 22 8.41 -4.71 -8.35
N ASP A 23 7.80 -5.87 -8.54
CA ASP A 23 7.60 -6.43 -9.88
C ASP A 23 6.11 -6.55 -10.19
N ARG A 24 5.70 -6.00 -11.33
CA ARG A 24 4.31 -6.06 -11.75
C ARG A 24 3.95 -7.43 -12.28
N ASN A 25 4.95 -8.30 -12.40
CA ASN A 25 4.74 -9.65 -12.90
C ASN A 25 5.24 -10.68 -11.89
N ILE A 26 5.64 -10.21 -10.72
CA ILE A 26 6.14 -11.09 -9.67
C ILE A 26 5.68 -10.62 -8.29
N ILE A 27 5.17 -11.55 -7.49
CA ILE A 27 4.70 -11.23 -6.15
C ILE A 27 5.54 -11.93 -5.09
N GLN A 28 6.39 -11.16 -4.42
CA GLN A 28 7.24 -11.72 -3.37
C GLN A 28 6.58 -11.61 -2.01
N GLU A 29 6.81 -12.61 -1.16
CA GLU A 29 6.24 -12.64 0.17
C GLU A 29 6.12 -11.23 0.75
N GLU A 30 7.14 -10.41 0.48
CA GLU A 30 7.16 -9.04 0.97
C GLU A 30 5.75 -8.44 0.97
N GLU A 31 5.07 -8.55 -0.16
CA GLU A 31 3.70 -8.02 -0.29
C GLU A 31 2.70 -8.93 0.43
N LYS A 32 2.81 -10.22 0.17
CA LYS A 32 1.91 -11.19 0.79
C LYS A 32 1.88 -11.03 2.30
N GLN A 33 2.96 -10.48 2.84
CA GLN A 33 3.06 -10.26 4.28
C GLN A 33 2.19 -9.09 4.73
N ALA A 34 1.96 -8.16 3.80
CA ALA A 34 1.15 -6.98 4.09
C ALA A 34 -0.21 -7.06 3.40
N ILE A 35 -0.33 -8.00 2.47
CA ILE A 35 -1.57 -8.18 1.72
C ILE A 35 -1.97 -9.65 1.67
N PRO A 36 -1.88 -10.33 2.82
CA PRO A 36 -2.23 -11.75 2.94
C PRO A 36 -3.74 -11.99 2.79
N GLU A 37 -4.51 -10.92 2.87
CA GLU A 37 -5.97 -11.02 2.74
C GLU A 37 -6.35 -11.61 1.39
N PHE A 38 -5.81 -11.04 0.32
CA PHE A 38 -6.10 -11.52 -1.02
C PHE A 38 -5.55 -12.92 -1.23
N PHE A 39 -4.49 -13.26 -0.51
CA PHE A 39 -3.87 -14.57 -0.62
C PHE A 39 -4.44 -15.53 0.43
N GLU A 40 -5.64 -15.22 0.91
CA GLU A 40 -6.29 -16.04 1.93
C GLU A 40 -6.65 -17.42 1.36
N GLY A 41 -7.23 -17.42 0.16
CA GLY A 41 -7.62 -18.66 -0.47
C GLY A 41 -9.12 -18.78 -0.64
N ARG A 42 -9.78 -17.66 -0.89
CA ARG A 42 -11.23 -17.64 -1.07
C ARG A 42 -11.59 -17.41 -2.53
N GLN A 43 -12.86 -17.64 -2.87
CA GLN A 43 -13.34 -17.46 -4.23
C GLN A 43 -13.44 -15.97 -4.58
N ALA A 44 -13.93 -15.19 -3.63
CA ALA A 44 -14.08 -13.74 -3.83
C ALA A 44 -12.72 -13.07 -3.94
N LYS A 45 -11.83 -13.37 -3.00
CA LYS A 45 -10.50 -12.79 -2.99
C LYS A 45 -9.54 -13.59 -3.87
N THR A 46 -8.76 -12.88 -4.68
CA THR A 46 -7.80 -13.52 -5.58
C THR A 46 -6.54 -12.69 -5.72
N PRO A 47 -5.41 -13.37 -5.96
CA PRO A 47 -4.10 -12.72 -6.12
C PRO A 47 -4.02 -11.91 -7.42
N GLU A 48 -4.71 -12.39 -8.45
CA GLU A 48 -4.71 -11.71 -9.75
C GLU A 48 -5.30 -10.31 -9.62
N ARG A 49 -6.28 -10.16 -8.74
CA ARG A 49 -6.92 -8.87 -8.53
C ARG A 49 -5.96 -7.88 -7.85
N TYR A 50 -5.34 -8.32 -6.76
CA TYR A 50 -4.42 -7.47 -6.03
C TYR A 50 -3.38 -6.85 -6.96
N LEU A 51 -3.03 -7.59 -8.01
CA LEU A 51 -2.05 -7.12 -8.98
C LEU A 51 -2.65 -6.03 -9.87
N LYS A 52 -3.90 -6.22 -10.26
CA LYS A 52 -4.61 -5.26 -11.10
C LYS A 52 -4.70 -3.90 -10.42
N ILE A 53 -5.07 -3.92 -9.14
CA ILE A 53 -5.20 -2.69 -8.37
C ILE A 53 -3.84 -2.11 -8.02
N ARG A 54 -2.94 -2.96 -7.52
CA ARG A 54 -1.61 -2.53 -7.15
C ARG A 54 -0.86 -1.95 -8.34
N ASN A 55 -0.53 -2.82 -9.31
CA ASN A 55 0.18 -2.39 -10.51
C ASN A 55 -0.30 -1.01 -10.96
N TYR A 56 -1.58 -0.74 -10.78
CA TYR A 56 -2.17 0.53 -11.17
C TYR A 56 -1.61 1.67 -10.31
N ILE A 57 -1.70 1.50 -8.99
CA ILE A 57 -1.21 2.51 -8.06
C ILE A 57 0.24 2.88 -8.37
N LEU A 58 1.11 1.87 -8.42
CA LEU A 58 2.52 2.09 -8.71
C LEU A 58 2.70 2.85 -10.01
N ASP A 59 1.82 2.58 -10.97
CA ASP A 59 1.88 3.23 -12.28
C ASP A 59 1.59 4.73 -12.15
N GLN A 60 0.46 5.05 -11.52
CA GLN A 60 0.06 6.44 -11.34
C GLN A 60 1.13 7.21 -10.57
N TRP A 61 1.71 6.57 -9.56
CA TRP A 61 2.75 7.19 -8.75
C TRP A 61 3.78 7.88 -9.64
N GLU A 62 4.45 7.10 -10.48
CA GLU A 62 5.46 7.64 -11.38
C GLU A 62 4.86 8.65 -12.34
N ILE A 63 3.65 8.36 -12.80
CA ILE A 63 2.95 9.24 -13.74
C ILE A 63 2.82 10.65 -13.17
N CYS A 64 2.96 10.77 -11.85
CA CYS A 64 2.85 12.06 -11.18
C CYS A 64 4.21 12.49 -10.61
N LYS A 65 5.00 11.51 -10.20
CA LYS A 65 6.32 11.78 -9.63
C LYS A 65 7.05 12.84 -10.46
N PRO A 66 7.99 13.55 -9.81
CA PRO A 66 8.30 13.35 -8.39
C PRO A 66 7.16 13.81 -7.49
N LYS A 67 6.11 14.35 -8.08
CA LYS A 67 4.95 14.83 -7.33
C LYS A 67 4.36 13.73 -6.49
N TYR A 68 3.78 14.09 -5.35
CA TYR A 68 3.17 13.12 -4.45
C TYR A 68 1.82 12.66 -4.99
N LEU A 69 1.62 11.34 -5.04
CA LEU A 69 0.38 10.76 -5.52
C LEU A 69 -0.71 10.85 -4.47
N ASN A 70 -1.90 11.27 -4.89
CA ASN A 70 -3.04 11.39 -3.97
C ASN A 70 -3.75 10.04 -3.81
N LYS A 71 -3.95 9.63 -2.56
CA LYS A 71 -4.62 8.36 -2.28
C LYS A 71 -6.07 8.40 -2.72
N THR A 72 -6.61 9.61 -2.89
CA THR A 72 -7.99 9.78 -3.31
C THR A 72 -8.08 9.90 -4.82
N SER A 73 -6.93 9.97 -5.49
CA SER A 73 -6.89 10.09 -6.93
C SER A 73 -7.08 8.72 -7.59
N VAL A 74 -6.57 7.68 -6.94
CA VAL A 74 -6.70 6.33 -7.46
C VAL A 74 -8.01 5.69 -7.03
N ARG A 75 -8.58 6.20 -5.95
CA ARG A 75 -9.84 5.68 -5.43
C ARG A 75 -10.83 5.42 -6.56
N PRO A 76 -11.17 6.49 -7.30
CA PRO A 76 -12.11 6.40 -8.42
C PRO A 76 -11.52 5.63 -9.61
N GLY A 77 -10.20 5.63 -9.71
CA GLY A 77 -9.54 4.93 -10.80
C GLY A 77 -9.79 3.44 -10.77
N LEU A 78 -10.02 2.91 -9.57
CA LEU A 78 -10.27 1.48 -9.41
C LEU A 78 -11.47 1.24 -8.48
N LYS A 79 -12.66 1.56 -8.98
CA LYS A 79 -13.88 1.38 -8.20
C LYS A 79 -14.50 0.02 -8.48
N ASN A 80 -14.58 -0.34 -9.75
CA ASN A 80 -15.15 -1.63 -10.15
C ASN A 80 -14.32 -2.79 -9.62
N CYS A 81 -13.00 -2.63 -9.65
CA CYS A 81 -12.09 -3.67 -9.17
C CYS A 81 -12.30 -3.92 -7.68
N GLY A 82 -11.97 -2.93 -6.86
CA GLY A 82 -12.13 -3.08 -5.43
C GLY A 82 -12.70 -1.84 -4.79
N ASP A 83 -12.84 -1.87 -3.46
CA ASP A 83 -13.38 -0.73 -2.72
C ASP A 83 -12.33 -0.12 -1.82
N VAL A 84 -12.70 0.97 -1.14
CA VAL A 84 -11.78 1.66 -0.24
C VAL A 84 -11.17 0.69 0.76
N ASN A 85 -11.77 -0.48 0.90
CA ASN A 85 -11.30 -1.50 1.83
C ASN A 85 -9.90 -1.97 1.44
N CYS A 86 -9.80 -2.61 0.27
CA CYS A 86 -8.51 -3.11 -0.21
C CYS A 86 -7.63 -1.97 -0.70
N ILE A 87 -8.24 -1.03 -1.43
CA ILE A 87 -7.50 0.11 -1.96
C ILE A 87 -6.52 0.65 -0.93
N GLY A 88 -7.04 1.27 0.13
CA GLY A 88 -6.18 1.82 1.16
C GLY A 88 -5.06 0.88 1.55
N ARG A 89 -5.39 -0.39 1.75
CA ARG A 89 -4.40 -1.39 2.13
C ARG A 89 -3.25 -1.42 1.11
N ILE A 90 -3.60 -1.54 -0.16
CA ILE A 90 -2.60 -1.58 -1.22
C ILE A 90 -1.81 -0.28 -1.27
N HIS A 91 -2.49 0.82 -1.58
CA HIS A 91 -1.85 2.12 -1.66
C HIS A 91 -0.99 2.39 -0.43
N THR A 92 -1.61 2.31 0.74
CA THR A 92 -0.91 2.55 2.00
C THR A 92 0.36 1.70 2.09
N TYR A 93 0.17 0.39 2.21
CA TYR A 93 1.30 -0.53 2.30
C TYR A 93 2.45 -0.07 1.42
N LEU A 94 2.23 -0.11 0.11
CA LEU A 94 3.25 0.30 -0.86
C LEU A 94 3.92 1.59 -0.42
N GLU A 95 3.15 2.46 0.23
CA GLU A 95 3.67 3.74 0.71
C GLU A 95 4.54 3.55 1.95
N LEU A 96 4.19 2.56 2.76
CA LEU A 96 4.95 2.26 3.97
C LEU A 96 6.27 1.58 3.65
N ILE A 97 6.29 0.83 2.55
CA ILE A 97 7.50 0.14 2.14
C ILE A 97 8.40 1.04 1.30
N GLY A 98 7.83 2.13 0.80
CA GLY A 98 8.59 3.07 -0.01
C GLY A 98 8.29 2.94 -1.48
N ALA A 99 7.87 1.75 -1.90
CA ALA A 99 7.54 1.50 -3.30
C ALA A 99 6.96 2.75 -3.96
N ILE A 100 6.16 3.49 -3.21
CA ILE A 100 5.55 4.71 -3.72
C ILE A 100 5.61 5.83 -2.70
N ASN A 101 5.59 7.08 -3.19
CA ASN A 101 5.65 8.24 -2.31
C ASN A 101 6.57 7.99 -1.13
N PHE A 102 7.77 7.51 -1.41
CA PHE A 102 8.75 7.23 -0.37
C PHE A 102 9.13 8.49 0.39
N GLY A 103 9.14 8.40 1.73
CA GLY A 103 9.48 9.55 2.54
C GLY A 103 9.01 10.86 1.93
N CYS A 104 7.74 11.19 2.16
CA CYS A 104 7.18 12.42 1.62
C CYS A 104 6.64 13.30 2.75
N GLU A 105 6.50 14.60 2.47
CA GLU A 105 5.98 15.54 3.45
C GLU A 105 4.52 15.27 3.76
N GLN A 106 3.83 14.61 2.83
CA GLN A 106 2.41 14.30 3.00
C GLN A 106 2.21 12.78 3.07
N ALA A 107 3.21 12.08 3.60
CA ALA A 107 3.13 10.63 3.73
C ALA A 107 2.20 10.24 4.87
N VAL A 108 1.57 9.08 4.74
CA VAL A 108 0.66 8.58 5.77
C VAL A 108 1.39 8.29 7.07
N TYR A 109 2.72 8.27 7.00
CA TYR A 109 3.55 8.00 8.17
C TYR A 109 4.23 9.27 8.66
N ASN A 110 4.74 10.07 7.71
CA ASN A 110 5.42 11.30 8.04
C ASN A 110 4.57 12.16 8.98
N ARG A 111 3.27 12.23 8.71
CA ARG A 111 2.36 13.02 9.54
C ARG A 111 1.76 12.14 10.64
N GLY A 1 3.57 -9.20 39.22
CA GLY A 1 4.22 -7.91 39.09
C GLY A 1 4.06 -7.32 37.71
N SER A 2 3.44 -6.14 37.66
CA SER A 2 3.21 -5.46 36.38
C SER A 2 3.09 -3.94 36.59
N SER A 3 3.93 -3.20 35.87
CA SER A 3 3.93 -1.75 35.98
C SER A 3 3.23 -1.11 34.78
N GLY A 4 2.94 0.18 34.88
CA GLY A 4 2.28 0.88 33.80
C GLY A 4 2.75 0.42 32.43
N SER A 5 1.85 0.45 31.46
CA SER A 5 2.18 0.03 30.10
C SER A 5 1.69 1.04 29.08
N SER A 6 2.56 1.44 28.17
CA SER A 6 2.22 2.41 27.13
C SER A 6 3.26 2.40 26.01
N GLY A 7 2.79 2.18 24.78
CA GLY A 7 3.67 2.14 23.64
C GLY A 7 3.84 3.50 23.00
N HIS A 8 5.04 4.07 23.12
CA HIS A 8 5.33 5.38 22.55
C HIS A 8 5.94 5.24 21.15
N GLU A 9 7.04 4.51 21.07
CA GLU A 9 7.71 4.29 19.79
C GLU A 9 6.77 3.68 18.76
N GLU A 10 7.01 3.95 17.48
CA GLU A 10 6.18 3.42 16.41
C GLU A 10 6.51 1.96 16.13
N GLU A 11 5.65 1.07 16.62
CA GLU A 11 5.85 -0.37 16.43
C GLU A 11 5.01 -0.88 15.26
N GLU A 12 3.69 -0.75 15.39
CA GLU A 12 2.78 -1.21 14.34
C GLU A 12 3.19 -0.65 12.98
N LEU A 13 3.52 0.64 12.95
CA LEU A 13 3.93 1.29 11.71
C LEU A 13 5.40 1.69 11.77
N LYS A 14 6.05 1.71 10.60
CA LYS A 14 7.46 2.08 10.52
C LYS A 14 7.80 2.59 9.12
N PRO A 15 8.54 3.72 9.08
CA PRO A 15 8.96 4.33 7.81
C PRO A 15 9.99 3.49 7.07
N PRO A 16 9.99 3.60 5.73
CA PRO A 16 10.94 2.87 4.88
C PRO A 16 12.37 3.36 5.03
N GLU A 17 13.33 2.47 4.78
CA GLU A 17 14.74 2.82 4.89
C GLU A 17 15.26 3.36 3.57
N GLN A 18 14.81 2.78 2.47
CA GLN A 18 15.23 3.19 1.14
C GLN A 18 14.32 2.62 0.07
N GLU A 19 14.05 3.42 -0.96
CA GLU A 19 13.17 3.00 -2.05
C GLU A 19 13.47 1.55 -2.46
N ILE A 20 12.44 0.72 -2.45
CA ILE A 20 12.58 -0.68 -2.82
C ILE A 20 12.20 -0.92 -4.28
N GLU A 21 12.26 -2.17 -4.71
CA GLU A 21 11.92 -2.53 -6.08
C GLU A 21 10.69 -3.43 -6.12
N ILE A 22 9.73 -3.07 -6.96
CA ILE A 22 8.50 -3.83 -7.10
C ILE A 22 8.28 -4.28 -8.54
N ASP A 23 7.66 -5.44 -8.71
CA ASP A 23 7.38 -5.98 -10.03
C ASP A 23 5.89 -6.07 -10.29
N ARG A 24 5.46 -5.61 -11.46
CA ARG A 24 4.05 -5.64 -11.83
C ARG A 24 3.65 -7.02 -12.34
N ASN A 25 4.62 -7.92 -12.45
CA ASN A 25 4.38 -9.27 -12.91
C ASN A 25 4.87 -10.30 -11.91
N ILE A 26 5.43 -9.82 -10.80
CA ILE A 26 5.94 -10.70 -9.76
C ILE A 26 5.53 -10.21 -8.37
N ILE A 27 5.05 -11.13 -7.55
CA ILE A 27 4.63 -10.80 -6.19
C ILE A 27 5.47 -11.53 -5.15
N GLN A 28 6.47 -10.83 -4.62
CA GLN A 28 7.35 -11.41 -3.60
C GLN A 28 6.69 -11.41 -2.24
N GLU A 29 7.04 -12.39 -1.41
CA GLU A 29 6.47 -12.51 -0.06
C GLU A 29 6.42 -11.13 0.61
N GLU A 30 7.36 -10.26 0.26
CA GLU A 30 7.43 -8.93 0.83
C GLU A 30 6.04 -8.28 0.86
N GLU A 31 5.34 -8.33 -0.27
CA GLU A 31 4.01 -7.75 -0.37
C GLU A 31 2.96 -8.69 0.24
N LYS A 32 3.06 -9.97 -0.08
CA LYS A 32 2.12 -10.96 0.44
C LYS A 32 2.02 -10.87 1.96
N GLN A 33 3.11 -10.47 2.60
CA GLN A 33 3.14 -10.33 4.05
C GLN A 33 2.32 -9.13 4.51
N ALA A 34 2.20 -8.14 3.63
CA ALA A 34 1.43 -6.93 3.94
C ALA A 34 0.06 -6.98 3.29
N ILE A 35 -0.15 -7.93 2.39
CA ILE A 35 -1.42 -8.08 1.70
C ILE A 35 -1.92 -9.52 1.78
N PRO A 36 -1.85 -10.11 2.98
CA PRO A 36 -2.30 -11.49 3.21
C PRO A 36 -3.81 -11.63 3.11
N GLU A 37 -4.49 -10.52 2.84
CA GLU A 37 -5.95 -10.52 2.72
C GLU A 37 -6.38 -11.11 1.38
N PHE A 38 -5.55 -10.89 0.36
CA PHE A 38 -5.86 -11.39 -0.98
C PHE A 38 -5.36 -12.83 -1.15
N PHE A 39 -4.26 -13.14 -0.49
CA PHE A 39 -3.68 -14.49 -0.56
C PHE A 39 -4.11 -15.33 0.63
N GLU A 40 -5.24 -14.97 1.23
CA GLU A 40 -5.77 -15.70 2.38
C GLU A 40 -6.28 -17.08 1.96
N GLY A 41 -6.28 -17.33 0.66
CA GLY A 41 -6.74 -18.62 0.15
C GLY A 41 -8.17 -18.55 -0.34
N ARG A 42 -9.01 -17.78 0.36
CA ARG A 42 -10.41 -17.65 -0.01
C ARG A 42 -10.57 -17.67 -1.53
N GLN A 43 -11.62 -18.35 -2.00
CA GLN A 43 -11.88 -18.44 -3.43
C GLN A 43 -12.35 -17.09 -3.98
N ALA A 44 -13.06 -16.33 -3.16
CA ALA A 44 -13.57 -15.02 -3.57
C ALA A 44 -12.43 -14.02 -3.72
N LYS A 45 -11.35 -14.23 -2.97
CA LYS A 45 -10.19 -13.35 -3.03
C LYS A 45 -9.05 -14.00 -3.81
N THR A 46 -8.74 -13.42 -4.97
CA THR A 46 -7.67 -13.95 -5.81
C THR A 46 -6.50 -12.98 -5.87
N PRO A 47 -5.28 -13.52 -6.08
CA PRO A 47 -4.06 -12.71 -6.17
C PRO A 47 -4.01 -11.87 -7.44
N GLU A 48 -4.70 -12.32 -8.48
CA GLU A 48 -4.74 -11.60 -9.75
C GLU A 48 -5.45 -10.26 -9.59
N ARG A 49 -6.32 -10.17 -8.60
CA ARG A 49 -7.07 -8.94 -8.35
C ARG A 49 -6.20 -7.91 -7.65
N TYR A 50 -5.42 -8.37 -6.66
CA TYR A 50 -4.53 -7.48 -5.92
C TYR A 50 -3.53 -6.80 -6.86
N LEU A 51 -3.18 -7.49 -7.93
CA LEU A 51 -2.22 -6.95 -8.90
C LEU A 51 -2.85 -5.84 -9.72
N LYS A 52 -4.02 -6.11 -10.29
CA LYS A 52 -4.74 -5.13 -11.11
C LYS A 52 -4.77 -3.78 -10.40
N ILE A 53 -5.12 -3.78 -9.13
CA ILE A 53 -5.19 -2.54 -8.35
C ILE A 53 -3.80 -1.96 -8.13
N ARG A 54 -2.92 -2.75 -7.52
CA ARG A 54 -1.56 -2.31 -7.24
C ARG A 54 -0.90 -1.75 -8.50
N ASN A 55 -0.67 -2.62 -9.48
CA ASN A 55 -0.05 -2.22 -10.73
C ASN A 55 -0.50 -0.81 -11.13
N TYR A 56 -1.78 -0.54 -10.96
CA TYR A 56 -2.35 0.76 -11.30
C TYR A 56 -1.70 1.87 -10.47
N ILE A 57 -1.72 1.71 -9.16
CA ILE A 57 -1.14 2.69 -8.26
C ILE A 57 0.35 2.89 -8.55
N LEU A 58 1.10 1.79 -8.50
CA LEU A 58 2.54 1.83 -8.76
C LEU A 58 2.83 2.58 -10.06
N ASP A 59 1.98 2.39 -11.06
CA ASP A 59 2.15 3.04 -12.34
C ASP A 59 1.91 4.54 -12.22
N GLN A 60 0.74 4.91 -11.70
CA GLN A 60 0.39 6.31 -11.53
C GLN A 60 1.45 7.05 -10.72
N TRP A 61 1.92 6.40 -9.64
CA TRP A 61 2.93 7.01 -8.78
C TRP A 61 4.05 7.64 -9.60
N GLU A 62 4.63 6.84 -10.50
CA GLU A 62 5.71 7.32 -11.36
C GLU A 62 5.19 8.32 -12.39
N ILE A 63 3.88 8.27 -12.65
CA ILE A 63 3.25 9.16 -13.61
C ILE A 63 3.10 10.57 -13.04
N CYS A 64 3.08 10.66 -11.72
CA CYS A 64 2.94 11.95 -11.04
C CYS A 64 4.26 12.38 -10.41
N LYS A 65 5.02 11.41 -9.93
CA LYS A 65 6.31 11.68 -9.30
C LYS A 65 7.10 12.73 -10.09
N PRO A 66 7.99 13.45 -9.39
CA PRO A 66 8.21 13.26 -7.95
C PRO A 66 7.03 13.74 -7.13
N LYS A 67 6.00 14.25 -7.79
CA LYS A 67 4.81 14.74 -7.12
C LYS A 67 4.13 13.62 -6.32
N TYR A 68 3.81 13.90 -5.07
CA TYR A 68 3.16 12.92 -4.20
C TYR A 68 1.80 12.52 -4.77
N LEU A 69 1.60 11.21 -4.89
CA LEU A 69 0.33 10.69 -5.42
C LEU A 69 -0.71 10.58 -4.31
N ASN A 70 -1.94 10.98 -4.63
CA ASN A 70 -3.03 10.93 -3.67
C ASN A 70 -3.88 9.69 -3.89
N LYS A 71 -4.29 9.06 -2.79
CA LYS A 71 -5.11 7.86 -2.85
C LYS A 71 -6.50 8.18 -3.43
N THR A 72 -7.11 9.24 -2.94
CA THR A 72 -8.43 9.66 -3.41
C THR A 72 -8.43 9.86 -4.92
N SER A 73 -7.25 9.95 -5.51
CA SER A 73 -7.12 10.14 -6.95
C SER A 73 -7.33 8.82 -7.70
N VAL A 74 -6.85 7.73 -7.11
CA VAL A 74 -6.99 6.41 -7.71
C VAL A 74 -8.19 5.67 -7.13
N ARG A 75 -8.78 6.23 -6.08
CA ARG A 75 -9.94 5.62 -5.45
C ARG A 75 -11.01 5.27 -6.47
N PRO A 76 -11.50 6.29 -7.19
CA PRO A 76 -12.53 6.12 -8.22
C PRO A 76 -12.01 5.38 -9.45
N GLY A 77 -10.78 5.71 -9.85
CA GLY A 77 -10.19 5.07 -11.01
C GLY A 77 -10.57 3.61 -11.12
N LEU A 78 -10.59 2.91 -9.99
CA LEU A 78 -10.93 1.50 -9.97
C LEU A 78 -12.06 1.23 -8.98
N LYS A 79 -13.29 1.25 -9.46
CA LYS A 79 -14.45 1.00 -8.62
C LYS A 79 -14.86 -0.47 -8.67
N ASN A 80 -15.20 -0.95 -9.86
CA ASN A 80 -15.61 -2.34 -10.04
C ASN A 80 -14.57 -3.29 -9.45
N CYS A 81 -13.30 -3.00 -9.70
CA CYS A 81 -12.21 -3.82 -9.19
C CYS A 81 -11.58 -3.20 -7.96
N GLY A 82 -11.95 -3.70 -6.78
CA GLY A 82 -11.41 -3.18 -5.54
C GLY A 82 -12.40 -2.29 -4.82
N ASP A 83 -12.27 -2.21 -3.50
CA ASP A 83 -13.15 -1.38 -2.68
C ASP A 83 -12.35 -0.36 -1.87
N VAL A 84 -13.05 0.66 -1.37
CA VAL A 84 -12.40 1.69 -0.58
C VAL A 84 -11.50 1.10 0.49
N ASN A 85 -11.86 -0.08 0.98
CA ASN A 85 -11.08 -0.77 2.00
C ASN A 85 -9.79 -1.34 1.41
N CYS A 86 -9.95 -2.27 0.47
CA CYS A 86 -8.81 -2.90 -0.17
C CYS A 86 -7.82 -1.85 -0.67
N ILE A 87 -8.33 -0.87 -1.41
CA ILE A 87 -7.49 0.20 -1.94
C ILE A 87 -6.55 0.74 -0.88
N GLY A 88 -7.11 1.09 0.29
CA GLY A 88 -6.31 1.61 1.36
C GLY A 88 -5.20 0.67 1.79
N ARG A 89 -5.54 -0.61 1.92
CA ARG A 89 -4.57 -1.62 2.33
C ARG A 89 -3.38 -1.66 1.38
N ILE A 90 -3.68 -1.73 0.09
CA ILE A 90 -2.63 -1.76 -0.94
C ILE A 90 -1.83 -0.47 -0.94
N HIS A 91 -2.51 0.64 -1.20
CA HIS A 91 -1.86 1.95 -1.23
C HIS A 91 -0.99 2.15 0.00
N THR A 92 -1.61 2.10 1.17
CA THR A 92 -0.89 2.28 2.43
C THR A 92 0.42 1.50 2.43
N TYR A 93 0.32 0.17 2.46
CA TYR A 93 1.49 -0.68 2.47
C TYR A 93 2.57 -0.15 1.52
N LEU A 94 2.25 -0.12 0.23
CA LEU A 94 3.19 0.37 -0.78
C LEU A 94 3.84 1.67 -0.32
N GLU A 95 3.09 2.48 0.41
CA GLU A 95 3.60 3.77 0.91
C GLU A 95 4.55 3.55 2.07
N LEU A 96 4.28 2.52 2.87
CA LEU A 96 5.12 2.20 4.02
C LEU A 96 6.47 1.65 3.58
N ILE A 97 6.44 0.81 2.55
CA ILE A 97 7.66 0.20 2.04
C ILE A 97 8.50 1.23 1.27
N GLY A 98 7.84 2.26 0.76
CA GLY A 98 8.53 3.29 0.02
C GLY A 98 8.30 3.19 -1.48
N ALA A 99 7.97 2.00 -1.94
CA ALA A 99 7.72 1.77 -3.36
C ALA A 99 7.06 2.99 -4.00
N ILE A 100 6.17 3.64 -3.25
CA ILE A 100 5.48 4.82 -3.74
C ILE A 100 5.58 5.98 -2.76
N ASN A 101 5.58 7.20 -3.28
CA ASN A 101 5.68 8.39 -2.44
C ASN A 101 6.82 8.26 -1.43
N PHE A 102 7.98 7.85 -1.92
CA PHE A 102 9.16 7.68 -1.07
C PHE A 102 9.68 9.04 -0.59
N GLY A 103 10.21 9.07 0.63
CA GLY A 103 10.73 10.30 1.17
C GLY A 103 9.83 11.49 0.89
N CYS A 104 8.82 11.68 1.73
CA CYS A 104 7.88 12.78 1.56
C CYS A 104 7.21 13.14 2.89
N GLU A 105 7.34 14.39 3.30
CA GLU A 105 6.75 14.85 4.54
C GLU A 105 5.24 14.61 4.56
N GLN A 106 4.67 14.42 3.36
CA GLN A 106 3.23 14.19 3.24
C GLN A 106 2.94 12.70 3.12
N ALA A 107 3.77 11.88 3.77
CA ALA A 107 3.59 10.44 3.74
C ALA A 107 2.60 9.98 4.82
N VAL A 108 2.41 8.67 4.91
CA VAL A 108 1.49 8.11 5.90
C VAL A 108 2.24 7.65 7.14
N TYR A 109 3.54 7.92 7.19
CA TYR A 109 4.37 7.53 8.31
C TYR A 109 4.96 8.75 9.01
N ASN A 110 5.38 9.73 8.21
CA ASN A 110 5.97 10.96 8.75
C ASN A 110 4.96 11.70 9.63
N ARG A 111 3.70 11.68 9.22
CA ARG A 111 2.65 12.35 9.97
C ARG A 111 2.19 11.49 11.16
N GLY A 1 11.18 -13.20 21.36
CA GLY A 1 10.96 -11.78 21.14
C GLY A 1 9.96 -11.20 22.11
N SER A 2 8.98 -10.45 21.57
CA SER A 2 7.96 -9.83 22.39
C SER A 2 6.63 -9.73 21.63
N SER A 3 5.58 -9.34 22.34
CA SER A 3 4.27 -9.21 21.73
C SER A 3 3.49 -8.05 22.36
N GLY A 4 2.56 -7.49 21.59
CA GLY A 4 1.76 -6.38 22.09
C GLY A 4 1.51 -5.33 21.04
N SER A 5 2.57 -4.63 20.64
CA SER A 5 2.46 -3.58 19.64
C SER A 5 1.27 -2.67 19.93
N SER A 6 1.09 -2.34 21.20
CA SER A 6 -0.01 -1.49 21.62
C SER A 6 0.51 -0.19 22.23
N GLY A 7 -0.14 0.93 21.90
CA GLY A 7 0.27 2.21 22.42
C GLY A 7 -0.36 3.36 21.68
N HIS A 8 0.08 4.58 22.00
CA HIS A 8 -0.45 5.78 21.36
C HIS A 8 0.27 6.07 20.04
N GLU A 9 1.60 6.14 20.11
CA GLU A 9 2.41 6.41 18.94
C GLU A 9 2.65 5.12 18.13
N GLU A 10 3.27 5.27 16.98
CA GLU A 10 3.56 4.13 16.12
C GLU A 10 3.89 2.89 16.95
N GLU A 11 3.09 1.85 16.80
CA GLU A 11 3.29 0.60 17.54
C GLU A 11 3.31 -0.59 16.60
N GLU A 12 2.59 -0.48 15.48
CA GLU A 12 2.53 -1.56 14.50
C GLU A 12 3.02 -1.08 13.14
N LEU A 13 3.10 0.24 12.97
CA LEU A 13 3.55 0.82 11.72
C LEU A 13 5.03 1.16 11.78
N LYS A 14 5.59 1.55 10.64
CA LYS A 14 7.00 1.91 10.57
C LYS A 14 7.37 2.43 9.18
N PRO A 15 8.10 3.55 9.14
CA PRO A 15 8.53 4.17 7.88
C PRO A 15 9.57 3.34 7.14
N PRO A 16 9.60 3.47 5.81
CA PRO A 16 10.56 2.75 4.97
C PRO A 16 11.99 3.23 5.15
N GLU A 17 12.92 2.28 5.23
CA GLU A 17 14.33 2.62 5.41
C GLU A 17 14.93 3.18 4.11
N GLN A 18 14.57 2.56 2.99
CA GLN A 18 15.07 3.00 1.70
C GLN A 18 14.19 2.46 0.57
N GLU A 19 14.05 3.26 -0.49
CA GLU A 19 13.23 2.86 -1.64
C GLU A 19 13.53 1.42 -2.04
N ILE A 20 12.49 0.59 -2.03
CA ILE A 20 12.64 -0.82 -2.40
C ILE A 20 12.21 -1.05 -3.84
N GLU A 21 12.28 -2.30 -4.28
CA GLU A 21 11.90 -2.66 -5.64
C GLU A 21 10.63 -3.51 -5.66
N ILE A 22 9.85 -3.36 -6.71
CA ILE A 22 8.61 -4.12 -6.85
C ILE A 22 8.42 -4.62 -8.27
N ASP A 23 7.83 -5.80 -8.41
CA ASP A 23 7.59 -6.39 -9.72
C ASP A 23 6.10 -6.42 -10.04
N ARG A 24 5.70 -5.64 -11.04
CA ARG A 24 4.29 -5.58 -11.44
C ARG A 24 3.84 -6.88 -12.09
N ASN A 25 4.80 -7.80 -12.26
CA ASN A 25 4.50 -9.10 -12.87
C ASN A 25 4.87 -10.24 -11.92
N ILE A 26 5.35 -9.88 -10.74
CA ILE A 26 5.73 -10.87 -9.75
C ILE A 26 5.29 -10.46 -8.35
N ILE A 27 4.89 -11.44 -7.55
CA ILE A 27 4.43 -11.18 -6.19
C ILE A 27 5.31 -11.91 -5.17
N GLN A 28 6.18 -11.16 -4.50
CA GLN A 28 7.07 -11.74 -3.50
C GLN A 28 6.42 -11.71 -2.11
N GLU A 29 6.87 -12.60 -1.25
CA GLU A 29 6.33 -12.69 0.12
C GLU A 29 6.23 -11.29 0.73
N GLU A 30 7.28 -10.50 0.57
CA GLU A 30 7.31 -9.15 1.12
C GLU A 30 5.94 -8.49 1.03
N GLU A 31 5.31 -8.63 -0.14
CA GLU A 31 3.99 -8.05 -0.36
C GLU A 31 2.90 -8.90 0.29
N LYS A 32 3.05 -10.22 0.19
CA LYS A 32 2.09 -11.14 0.78
C LYS A 32 2.00 -10.95 2.29
N GLN A 33 3.06 -10.42 2.88
CA GLN A 33 3.11 -10.18 4.32
C GLN A 33 2.28 -8.96 4.69
N ALA A 34 2.11 -8.05 3.75
CA ALA A 34 1.34 -6.83 3.98
C ALA A 34 -0.04 -6.93 3.36
N ILE A 35 -0.18 -7.83 2.39
CA ILE A 35 -1.47 -8.02 1.72
C ILE A 35 -1.86 -9.49 1.69
N PRO A 36 -1.70 -10.17 2.86
CA PRO A 36 -2.04 -11.59 2.99
C PRO A 36 -3.54 -11.83 2.94
N GLU A 37 -4.31 -10.76 2.82
CA GLU A 37 -5.76 -10.86 2.75
C GLU A 37 -6.22 -11.38 1.38
N PHE A 38 -5.54 -10.92 0.34
CA PHE A 38 -5.87 -11.33 -1.02
C PHE A 38 -5.36 -12.74 -1.31
N PHE A 39 -4.48 -13.22 -0.43
CA PHE A 39 -3.91 -14.56 -0.59
C PHE A 39 -4.56 -15.54 0.38
N GLU A 40 -5.75 -15.21 0.85
CA GLU A 40 -6.47 -16.06 1.78
C GLU A 40 -7.04 -17.28 1.07
N GLY A 41 -7.63 -17.06 -0.10
CA GLY A 41 -8.20 -18.16 -0.87
C GLY A 41 -9.63 -17.89 -1.29
N ARG A 42 -10.32 -17.06 -0.51
CA ARG A 42 -11.71 -16.72 -0.81
C ARG A 42 -11.89 -16.37 -2.28
N GLN A 43 -13.01 -16.78 -2.86
CA GLN A 43 -13.29 -16.52 -4.27
C GLN A 43 -13.43 -15.02 -4.51
N ALA A 44 -13.75 -14.28 -3.46
CA ALA A 44 -13.91 -12.83 -3.58
C ALA A 44 -12.56 -12.13 -3.50
N LYS A 45 -11.67 -12.65 -2.66
CA LYS A 45 -10.34 -12.07 -2.49
C LYS A 45 -9.28 -12.94 -3.16
N THR A 46 -8.90 -12.57 -4.37
CA THR A 46 -7.89 -13.32 -5.12
C THR A 46 -6.62 -12.50 -5.29
N PRO A 47 -5.48 -13.20 -5.41
CA PRO A 47 -4.17 -12.55 -5.59
C PRO A 47 -4.03 -11.90 -6.95
N GLU A 48 -4.79 -12.39 -7.93
CA GLU A 48 -4.74 -11.85 -9.28
C GLU A 48 -5.42 -10.49 -9.34
N ARG A 49 -6.38 -10.27 -8.45
CA ARG A 49 -7.12 -9.01 -8.40
C ARG A 49 -6.28 -7.93 -7.74
N TYR A 50 -5.58 -8.29 -6.68
CA TYR A 50 -4.74 -7.34 -5.95
C TYR A 50 -3.73 -6.69 -6.89
N LEU A 51 -3.27 -7.44 -7.88
CA LEU A 51 -2.30 -6.94 -8.84
C LEU A 51 -2.89 -5.81 -9.67
N LYS A 52 -4.08 -6.04 -10.20
CA LYS A 52 -4.77 -5.05 -11.02
C LYS A 52 -4.72 -3.67 -10.36
N ILE A 53 -5.15 -3.61 -9.10
CA ILE A 53 -5.15 -2.36 -8.36
C ILE A 53 -3.74 -1.82 -8.19
N ARG A 54 -2.84 -2.65 -7.67
CA ARG A 54 -1.47 -2.25 -7.46
C ARG A 54 -0.85 -1.71 -8.75
N ASN A 55 -0.69 -2.58 -9.74
CA ASN A 55 -0.12 -2.19 -11.02
C ASN A 55 -0.55 -0.77 -11.39
N TYR A 56 -1.81 -0.45 -11.13
CA TYR A 56 -2.35 0.87 -11.44
C TYR A 56 -1.68 1.94 -10.58
N ILE A 57 -1.70 1.73 -9.27
CA ILE A 57 -1.10 2.67 -8.33
C ILE A 57 0.36 2.91 -8.66
N LEU A 58 1.15 1.83 -8.68
CA LEU A 58 2.57 1.93 -8.98
C LEU A 58 2.82 2.78 -10.23
N ASP A 59 1.94 2.63 -11.22
CA ASP A 59 2.05 3.39 -12.46
C ASP A 59 1.76 4.86 -12.22
N GLN A 60 0.59 5.15 -11.63
CA GLN A 60 0.20 6.51 -11.35
C GLN A 60 1.25 7.24 -10.53
N TRP A 61 1.79 6.55 -9.54
CA TRP A 61 2.82 7.12 -8.67
C TRP A 61 3.89 7.83 -9.50
N GLU A 62 4.43 7.12 -10.49
CA GLU A 62 5.47 7.68 -11.35
C GLU A 62 4.89 8.73 -12.28
N ILE A 63 3.60 8.62 -12.58
CA ILE A 63 2.92 9.56 -13.46
C ILE A 63 2.87 10.94 -12.83
N CYS A 64 2.93 10.99 -11.51
CA CYS A 64 2.89 12.26 -10.78
C CYS A 64 4.24 12.58 -10.16
N LYS A 65 4.95 11.54 -9.74
CA LYS A 65 6.26 11.70 -9.11
C LYS A 65 7.04 12.81 -9.80
N PRO A 66 7.99 13.42 -9.06
CA PRO A 66 8.26 13.04 -7.67
C PRO A 66 7.12 13.43 -6.73
N LYS A 67 6.19 14.23 -7.24
CA LYS A 67 5.04 14.68 -6.45
C LYS A 67 4.38 13.50 -5.73
N TYR A 68 3.77 13.80 -4.59
CA TYR A 68 3.11 12.76 -3.81
C TYR A 68 1.82 12.30 -4.48
N LEU A 69 1.51 11.01 -4.35
CA LEU A 69 0.30 10.46 -4.95
C LEU A 69 -0.75 10.16 -3.89
N ASN A 70 -1.96 10.66 -4.11
CA ASN A 70 -3.05 10.45 -3.17
C ASN A 70 -3.81 9.17 -3.50
N LYS A 71 -4.23 8.44 -2.46
CA LYS A 71 -4.96 7.20 -2.65
C LYS A 71 -6.30 7.45 -3.34
N THR A 72 -6.88 8.63 -3.08
CA THR A 72 -8.16 9.00 -3.68
C THR A 72 -8.00 9.29 -5.17
N SER A 73 -6.77 9.60 -5.58
CA SER A 73 -6.49 9.91 -6.98
C SER A 73 -6.72 8.69 -7.86
N VAL A 74 -6.62 7.50 -7.26
CA VAL A 74 -6.81 6.25 -7.99
C VAL A 74 -8.11 5.57 -7.58
N ARG A 75 -8.77 6.13 -6.57
CA ARG A 75 -10.02 5.58 -6.09
C ARG A 75 -11.04 5.43 -7.22
N PRO A 76 -11.37 6.55 -7.85
CA PRO A 76 -12.33 6.57 -8.97
C PRO A 76 -11.78 5.92 -10.22
N GLY A 77 -10.54 5.45 -10.14
CA GLY A 77 -9.91 4.80 -11.28
C GLY A 77 -10.02 3.29 -11.22
N LEU A 78 -10.29 2.76 -10.04
CA LEU A 78 -10.43 1.32 -9.85
C LEU A 78 -11.67 1.00 -9.02
N LYS A 79 -12.78 1.64 -9.34
CA LYS A 79 -14.04 1.41 -8.63
C LYS A 79 -14.63 0.05 -8.98
N ASN A 80 -14.77 -0.21 -10.28
CA ASN A 80 -15.32 -1.48 -10.74
C ASN A 80 -14.71 -2.65 -9.99
N CYS A 81 -13.41 -2.55 -9.72
CA CYS A 81 -12.70 -3.61 -9.00
C CYS A 81 -12.57 -3.27 -7.52
N GLY A 82 -12.69 -4.29 -6.67
CA GLY A 82 -12.58 -4.07 -5.25
C GLY A 82 -13.24 -2.78 -4.79
N ASP A 83 -12.82 -2.27 -3.65
CA ASP A 83 -13.37 -1.03 -3.11
C ASP A 83 -12.37 -0.36 -2.16
N VAL A 84 -12.64 0.90 -1.84
CA VAL A 84 -11.77 1.65 -0.95
C VAL A 84 -11.31 0.81 0.23
N ASN A 85 -12.09 -0.23 0.54
CA ASN A 85 -11.76 -1.12 1.65
C ASN A 85 -10.36 -1.69 1.49
N CYS A 86 -10.10 -2.29 0.33
CA CYS A 86 -8.78 -2.88 0.06
C CYS A 86 -7.80 -1.82 -0.41
N ILE A 87 -8.26 -0.92 -1.28
CA ILE A 87 -7.41 0.14 -1.79
C ILE A 87 -6.44 0.64 -0.72
N GLY A 88 -6.99 1.20 0.35
CA GLY A 88 -6.16 1.71 1.43
C GLY A 88 -5.00 0.79 1.75
N ARG A 89 -5.30 -0.49 1.94
CA ARG A 89 -4.28 -1.48 2.27
C ARG A 89 -3.15 -1.44 1.24
N ILE A 90 -3.48 -1.72 -0.02
CA ILE A 90 -2.50 -1.72 -1.09
C ILE A 90 -1.74 -0.40 -1.14
N HIS A 91 -2.47 0.69 -1.37
CA HIS A 91 -1.88 2.01 -1.43
C HIS A 91 -0.97 2.26 -0.25
N THR A 92 -1.54 2.26 0.95
CA THR A 92 -0.77 2.48 2.18
C THR A 92 0.50 1.65 2.18
N TYR A 93 0.33 0.33 2.27
CA TYR A 93 1.46 -0.58 2.29
C TYR A 93 2.58 -0.09 1.36
N LEU A 94 2.33 -0.16 0.06
CA LEU A 94 3.31 0.28 -0.93
C LEU A 94 3.96 1.59 -0.50
N GLU A 95 3.21 2.42 0.21
CA GLU A 95 3.72 3.71 0.68
C GLU A 95 4.60 3.52 1.91
N LEU A 96 4.26 2.53 2.73
CA LEU A 96 5.02 2.25 3.95
C LEU A 96 6.36 1.61 3.61
N ILE A 97 6.37 0.77 2.58
CA ILE A 97 7.59 0.10 2.16
C ILE A 97 8.50 1.04 1.40
N GLY A 98 7.93 2.11 0.86
CA GLY A 98 8.71 3.08 0.10
C GLY A 98 8.50 2.97 -1.39
N ALA A 99 8.14 1.78 -1.84
CA ALA A 99 7.91 1.54 -3.27
C ALA A 99 7.31 2.78 -3.94
N ILE A 100 6.34 3.40 -3.27
CA ILE A 100 5.69 4.59 -3.80
C ILE A 100 5.76 5.74 -2.79
N ASN A 101 5.87 6.97 -3.30
CA ASN A 101 5.93 8.15 -2.45
C ASN A 101 6.98 7.97 -1.36
N PHE A 102 8.20 7.61 -1.77
CA PHE A 102 9.29 7.42 -0.83
C PHE A 102 9.78 8.75 -0.27
N GLY A 103 10.17 8.75 1.00
CA GLY A 103 10.65 9.97 1.63
C GLY A 103 9.87 11.19 1.19
N CYS A 104 8.74 11.43 1.83
CA CYS A 104 7.90 12.57 1.51
C CYS A 104 7.29 13.18 2.76
N GLU A 105 7.31 14.51 2.85
CA GLU A 105 6.75 15.20 4.00
C GLU A 105 5.25 14.96 4.11
N GLN A 106 4.61 14.65 2.98
CA GLN A 106 3.18 14.39 2.96
C GLN A 106 2.91 12.90 2.83
N ALA A 107 3.40 12.12 3.78
CA ALA A 107 3.21 10.67 3.78
C ALA A 107 2.23 10.25 4.86
N VAL A 108 2.00 8.95 4.98
CA VAL A 108 1.08 8.41 5.98
C VAL A 108 1.84 7.96 7.22
N TYR A 109 3.16 7.87 7.12
CA TYR A 109 4.00 7.45 8.23
C TYR A 109 4.73 8.64 8.83
N ASN A 110 5.22 9.52 7.97
CA ASN A 110 5.96 10.70 8.42
C ASN A 110 5.12 11.52 9.40
N ARG A 111 3.81 11.60 9.13
CA ARG A 111 2.90 12.35 9.99
C ARG A 111 2.60 11.58 11.27
N GLY A 1 5.61 -8.07 37.13
CA GLY A 1 4.57 -7.12 36.77
C GLY A 1 5.13 -5.78 36.36
N SER A 2 4.53 -5.19 35.32
CA SER A 2 4.98 -3.90 34.83
C SER A 2 3.83 -3.15 34.15
N SER A 3 3.44 -2.02 34.73
CA SER A 3 2.37 -1.21 34.18
C SER A 3 2.59 -0.93 32.71
N GLY A 4 3.86 -0.82 32.31
CA GLY A 4 4.18 -0.55 30.92
C GLY A 4 3.25 0.48 30.29
N SER A 5 3.53 1.74 30.56
CA SER A 5 2.71 2.83 30.03
C SER A 5 3.03 3.08 28.56
N SER A 6 2.05 2.79 27.69
CA SER A 6 2.24 2.97 26.26
C SER A 6 2.77 4.37 25.94
N GLY A 7 2.09 5.39 26.47
CA GLY A 7 2.51 6.75 26.24
C GLY A 7 2.33 7.19 24.79
N HIS A 8 3.02 8.25 24.40
CA HIS A 8 2.93 8.76 23.03
C HIS A 8 3.86 8.00 22.11
N GLU A 9 3.35 6.90 21.53
CA GLU A 9 4.14 6.08 20.62
C GLU A 9 3.41 5.89 19.29
N GLU A 10 4.11 5.33 18.33
CA GLU A 10 3.54 5.09 17.00
C GLU A 10 2.38 4.10 17.08
N GLU A 11 1.44 4.20 16.14
CA GLU A 11 0.29 3.32 16.10
C GLU A 11 0.40 2.31 14.96
N GLU A 12 1.12 1.22 15.21
CA GLU A 12 1.30 0.19 14.21
C GLU A 12 1.67 0.80 12.85
N LEU A 13 2.69 1.66 12.87
CA LEU A 13 3.15 2.32 11.64
C LEU A 13 4.62 2.68 11.74
N LYS A 14 5.39 2.24 10.76
CA LYS A 14 6.83 2.53 10.74
C LYS A 14 7.28 2.92 9.32
N PRO A 15 8.00 4.04 9.23
CA PRO A 15 8.50 4.56 7.95
C PRO A 15 9.61 3.67 7.38
N PRO A 16 9.72 3.65 6.04
CA PRO A 16 10.75 2.86 5.35
C PRO A 16 12.14 3.42 5.55
N GLU A 17 13.15 2.54 5.46
CA GLU A 17 14.53 2.96 5.63
C GLU A 17 15.16 3.31 4.28
N GLN A 18 14.76 2.60 3.24
CA GLN A 18 15.29 2.84 1.90
C GLN A 18 14.33 2.31 0.84
N GLU A 19 14.14 3.09 -0.22
CA GLU A 19 13.25 2.69 -1.31
C GLU A 19 13.52 1.26 -1.75
N ILE A 20 12.46 0.46 -1.82
CA ILE A 20 12.59 -0.93 -2.23
C ILE A 20 12.17 -1.12 -3.69
N GLU A 21 12.15 -2.37 -4.13
CA GLU A 21 11.77 -2.68 -5.50
C GLU A 21 10.55 -3.59 -5.53
N ILE A 22 9.67 -3.36 -6.51
CA ILE A 22 8.46 -4.16 -6.64
C ILE A 22 8.26 -4.61 -8.09
N ASP A 23 7.70 -5.80 -8.27
CA ASP A 23 7.45 -6.35 -9.59
C ASP A 23 5.97 -6.32 -9.92
N ARG A 24 5.64 -5.96 -11.16
CA ARG A 24 4.25 -5.90 -11.60
C ARG A 24 3.78 -7.26 -12.09
N ASN A 25 4.70 -8.22 -12.17
CA ASN A 25 4.38 -9.56 -12.63
C ASN A 25 4.83 -10.60 -11.62
N ILE A 26 5.43 -10.15 -10.53
CA ILE A 26 5.90 -11.05 -9.49
C ILE A 26 5.47 -10.56 -8.11
N ILE A 27 4.96 -11.48 -7.29
CA ILE A 27 4.52 -11.15 -5.94
C ILE A 27 5.36 -11.86 -4.89
N GLN A 28 6.40 -11.17 -4.41
CA GLN A 28 7.29 -11.73 -3.41
C GLN A 28 6.63 -11.68 -2.03
N GLU A 29 7.03 -12.62 -1.17
CA GLU A 29 6.48 -12.69 0.19
C GLU A 29 6.42 -11.30 0.81
N GLU A 30 7.45 -10.50 0.58
CA GLU A 30 7.50 -9.15 1.13
C GLU A 30 6.14 -8.47 1.05
N GLU A 31 5.39 -8.76 -0.02
CA GLU A 31 4.08 -8.18 -0.21
C GLU A 31 2.99 -9.09 0.38
N LYS A 32 3.14 -10.39 0.18
CA LYS A 32 2.18 -11.36 0.69
C LYS A 32 2.10 -11.29 2.21
N GLN A 33 3.13 -10.73 2.83
CA GLN A 33 3.17 -10.61 4.28
C GLN A 33 2.34 -9.41 4.75
N ALA A 34 2.07 -8.49 3.83
CA ALA A 34 1.29 -7.30 4.15
C ALA A 34 -0.09 -7.38 3.51
N ILE A 35 -0.24 -8.26 2.53
CA ILE A 35 -1.51 -8.43 1.84
C ILE A 35 -1.86 -9.90 1.67
N PRO A 36 -1.83 -10.65 2.78
CA PRO A 36 -2.14 -12.09 2.79
C PRO A 36 -3.61 -12.36 2.52
N GLU A 37 -4.47 -11.39 2.86
CA GLU A 37 -5.91 -11.53 2.65
C GLU A 37 -6.21 -11.94 1.22
N PHE A 38 -5.46 -11.38 0.27
CA PHE A 38 -5.65 -11.68 -1.14
C PHE A 38 -5.03 -13.03 -1.49
N PHE A 39 -4.20 -13.55 -0.60
CA PHE A 39 -3.52 -14.82 -0.82
C PHE A 39 -4.07 -15.89 0.14
N GLU A 40 -5.20 -15.59 0.77
CA GLU A 40 -5.81 -16.52 1.70
C GLU A 40 -6.87 -17.37 1.00
N GLY A 41 -6.57 -17.80 -0.22
CA GLY A 41 -7.49 -18.62 -0.97
C GLY A 41 -8.93 -18.25 -0.70
N ARG A 42 -9.25 -16.97 -0.83
CA ARG A 42 -10.61 -16.48 -0.60
C ARG A 42 -11.38 -16.35 -1.91
N GLN A 43 -12.59 -15.84 -1.83
CA GLN A 43 -13.43 -15.66 -3.01
C GLN A 43 -13.15 -14.33 -3.69
N ALA A 44 -13.56 -13.25 -3.03
CA ALA A 44 -13.36 -11.90 -3.56
C ALA A 44 -11.92 -11.45 -3.36
N LYS A 45 -11.33 -11.85 -2.24
CA LYS A 45 -9.95 -11.48 -1.92
C LYS A 45 -8.97 -12.38 -2.66
N THR A 46 -8.93 -12.22 -3.99
CA THR A 46 -8.03 -13.02 -4.81
C THR A 46 -6.72 -12.28 -5.07
N PRO A 47 -5.64 -13.04 -5.28
CA PRO A 47 -4.31 -12.47 -5.54
C PRO A 47 -4.22 -11.81 -6.91
N GLU A 48 -4.90 -12.40 -7.89
CA GLU A 48 -4.91 -11.86 -9.25
C GLU A 48 -5.49 -10.45 -9.28
N ARG A 49 -6.41 -10.18 -8.34
CA ARG A 49 -7.06 -8.87 -8.26
C ARG A 49 -6.11 -7.84 -7.66
N TYR A 50 -5.42 -8.22 -6.59
CA TYR A 50 -4.48 -7.32 -5.92
C TYR A 50 -3.48 -6.74 -6.91
N LEU A 51 -3.04 -7.57 -7.85
CA LEU A 51 -2.07 -7.13 -8.86
C LEU A 51 -2.65 -5.99 -9.69
N LYS A 52 -3.79 -6.23 -10.31
CA LYS A 52 -4.45 -5.22 -11.13
C LYS A 52 -4.43 -3.86 -10.44
N ILE A 53 -4.90 -3.82 -9.21
CA ILE A 53 -4.94 -2.58 -8.44
C ILE A 53 -3.52 -2.05 -8.20
N ARG A 54 -2.60 -2.95 -7.90
CA ARG A 54 -1.21 -2.57 -7.65
C ARG A 54 -0.62 -1.84 -8.87
N ASN A 55 -0.53 -2.55 -9.98
CA ASN A 55 0.02 -1.98 -11.20
C ASN A 55 -0.51 -0.56 -11.42
N TYR A 56 -1.80 -0.37 -11.21
CA TYR A 56 -2.42 0.94 -11.38
C TYR A 56 -1.81 1.96 -10.43
N ILE A 57 -1.75 1.61 -9.16
CA ILE A 57 -1.18 2.49 -8.15
C ILE A 57 0.27 2.84 -8.46
N LEU A 58 1.11 1.81 -8.57
CA LEU A 58 2.52 2.00 -8.87
C LEU A 58 2.69 2.84 -10.13
N ASP A 59 1.82 2.63 -11.11
CA ASP A 59 1.87 3.38 -12.35
C ASP A 59 1.60 4.86 -12.12
N GLN A 60 0.51 5.16 -11.44
CA GLN A 60 0.13 6.54 -11.14
C GLN A 60 1.25 7.26 -10.41
N TRP A 61 1.83 6.59 -9.42
CA TRP A 61 2.91 7.17 -8.63
C TRP A 61 3.96 7.82 -9.54
N GLU A 62 4.44 7.07 -10.51
CA GLU A 62 5.45 7.57 -11.44
C GLU A 62 4.84 8.60 -12.39
N ILE A 63 3.52 8.53 -12.57
CA ILE A 63 2.82 9.45 -13.44
C ILE A 63 2.70 10.84 -12.80
N CYS A 64 2.80 10.88 -11.48
CA CYS A 64 2.71 12.14 -10.75
C CYS A 64 4.08 12.56 -10.22
N LYS A 65 4.90 11.58 -9.86
CA LYS A 65 6.23 11.85 -9.34
C LYS A 65 6.94 12.91 -10.18
N PRO A 66 7.89 13.62 -9.55
CA PRO A 66 8.25 13.40 -8.15
C PRO A 66 7.16 13.85 -7.19
N LYS A 67 6.07 14.38 -7.75
CA LYS A 67 4.96 14.86 -6.95
C LYS A 67 4.36 13.71 -6.11
N TYR A 68 3.70 14.07 -5.02
CA TYR A 68 3.09 13.08 -4.14
C TYR A 68 1.84 12.49 -4.77
N LEU A 69 1.47 11.29 -4.33
CA LEU A 69 0.29 10.62 -4.86
C LEU A 69 -0.65 10.22 -3.73
N ASN A 70 -1.93 10.60 -3.87
CA ASN A 70 -2.93 10.29 -2.86
C ASN A 70 -3.76 9.08 -3.27
N LYS A 71 -4.38 8.43 -2.29
CA LYS A 71 -5.20 7.26 -2.56
C LYS A 71 -6.57 7.67 -3.10
N THR A 72 -6.98 8.90 -2.80
CA THR A 72 -8.26 9.41 -3.26
C THR A 72 -8.30 9.53 -4.78
N SER A 73 -7.13 9.66 -5.39
CA SER A 73 -7.03 9.78 -6.84
C SER A 73 -7.23 8.43 -7.51
N VAL A 74 -6.78 7.36 -6.84
CA VAL A 74 -6.91 6.02 -7.37
C VAL A 74 -8.20 5.35 -6.88
N ARG A 75 -8.83 5.95 -5.88
CA ARG A 75 -10.07 5.42 -5.32
C ARG A 75 -11.12 5.27 -6.41
N PRO A 76 -11.48 6.39 -7.05
CA PRO A 76 -12.49 6.40 -8.12
C PRO A 76 -12.00 5.71 -9.39
N GLY A 77 -10.71 5.35 -9.41
CA GLY A 77 -10.14 4.69 -10.56
C GLY A 77 -10.45 3.19 -10.59
N LEU A 78 -10.86 2.67 -9.44
CA LEU A 78 -11.19 1.25 -9.33
C LEU A 78 -12.33 1.03 -8.33
N LYS A 79 -13.51 0.74 -8.86
CA LYS A 79 -14.68 0.50 -8.02
C LYS A 79 -15.05 -0.98 -8.01
N ASN A 80 -15.48 -1.50 -9.16
CA ASN A 80 -15.86 -2.90 -9.28
C ASN A 80 -14.74 -3.81 -8.79
N CYS A 81 -13.53 -3.57 -9.28
CA CYS A 81 -12.37 -4.37 -8.89
C CYS A 81 -12.24 -4.43 -7.37
N GLY A 82 -11.78 -3.33 -6.78
CA GLY A 82 -11.61 -3.27 -5.33
C GLY A 82 -12.46 -2.20 -4.69
N ASP A 83 -12.49 -2.19 -3.36
CA ASP A 83 -13.28 -1.20 -2.63
C ASP A 83 -12.36 -0.19 -1.94
N VAL A 84 -12.89 1.00 -1.69
CA VAL A 84 -12.13 2.06 -1.03
C VAL A 84 -11.18 1.47 0.02
N ASN A 85 -11.73 0.68 0.93
CA ASN A 85 -10.93 0.06 1.98
C ASN A 85 -9.78 -0.75 1.39
N CYS A 86 -10.12 -1.75 0.57
CA CYS A 86 -9.11 -2.60 -0.05
C CYS A 86 -8.04 -1.75 -0.73
N ILE A 87 -8.47 -0.66 -1.36
CA ILE A 87 -7.54 0.23 -2.05
C ILE A 87 -6.46 0.75 -1.10
N GLY A 88 -6.87 1.09 0.12
CA GLY A 88 -5.92 1.59 1.10
C GLY A 88 -4.88 0.56 1.47
N ARG A 89 -5.29 -0.70 1.54
CA ARG A 89 -4.37 -1.78 1.90
C ARG A 89 -3.17 -1.80 0.96
N ILE A 90 -3.43 -1.80 -0.34
CA ILE A 90 -2.36 -1.82 -1.34
C ILE A 90 -1.64 -0.48 -1.39
N HIS A 91 -2.38 0.58 -1.64
CA HIS A 91 -1.81 1.93 -1.71
C HIS A 91 -0.99 2.23 -0.46
N THR A 92 -1.62 2.14 0.70
CA THR A 92 -0.94 2.41 1.96
C THR A 92 0.33 1.59 2.08
N TYR A 93 0.18 0.27 2.15
CA TYR A 93 1.33 -0.63 2.27
C TYR A 93 2.48 -0.17 1.38
N LEU A 94 2.27 -0.23 0.08
CA LEU A 94 3.29 0.19 -0.89
C LEU A 94 3.96 1.49 -0.44
N GLU A 95 3.18 2.35 0.22
CA GLU A 95 3.70 3.62 0.70
C GLU A 95 4.55 3.43 1.95
N LEU A 96 4.15 2.49 2.79
CA LEU A 96 4.88 2.21 4.02
C LEU A 96 6.24 1.59 3.72
N ILE A 97 6.27 0.70 2.73
CA ILE A 97 7.50 0.04 2.34
C ILE A 97 8.41 0.98 1.56
N GLY A 98 7.82 2.04 1.01
CA GLY A 98 8.59 3.00 0.25
C GLY A 98 8.41 2.84 -1.25
N ALA A 99 8.03 1.64 -1.67
CA ALA A 99 7.81 1.37 -3.08
C ALA A 99 7.26 2.59 -3.81
N ILE A 100 6.39 3.33 -3.14
CA ILE A 100 5.79 4.52 -3.72
C ILE A 100 5.86 5.70 -2.74
N ASN A 101 5.80 6.91 -3.29
CA ASN A 101 5.84 8.12 -2.47
C ASN A 101 6.87 7.97 -1.35
N PHE A 102 8.10 7.63 -1.72
CA PHE A 102 9.16 7.46 -0.75
C PHE A 102 9.77 8.81 -0.35
N GLY A 103 10.04 8.98 0.93
CA GLY A 103 10.61 10.22 1.41
C GLY A 103 9.85 11.43 0.92
N CYS A 104 8.61 11.57 1.35
CA CYS A 104 7.77 12.69 0.94
C CYS A 104 7.23 13.44 2.16
N GLU A 105 6.85 14.70 1.96
CA GLU A 105 6.32 15.51 3.04
C GLU A 105 4.83 15.29 3.20
N GLN A 106 4.26 14.48 2.33
CA GLN A 106 2.83 14.18 2.38
C GLN A 106 2.59 12.70 2.67
N ALA A 107 3.65 12.00 3.03
CA ALA A 107 3.56 10.57 3.33
C ALA A 107 2.58 10.32 4.48
N VAL A 108 2.22 9.06 4.68
CA VAL A 108 1.30 8.69 5.74
C VAL A 108 2.05 8.32 7.02
N TYR A 109 3.37 8.24 6.92
CA TYR A 109 4.20 7.90 8.08
C TYR A 109 4.93 9.12 8.60
N ASN A 110 5.30 10.03 7.69
CA ASN A 110 6.01 11.24 8.06
C ASN A 110 5.22 12.03 9.11
N ARG A 111 3.89 11.96 9.02
CA ARG A 111 3.03 12.67 9.96
C ARG A 111 3.53 12.51 11.39
N GLY A 1 -9.78 3.71 41.89
CA GLY A 1 -9.10 4.93 41.51
C GLY A 1 -8.03 4.70 40.46
N SER A 2 -8.05 5.51 39.41
CA SER A 2 -7.08 5.39 38.33
C SER A 2 -6.44 6.74 38.01
N SER A 3 -5.24 6.70 37.44
CA SER A 3 -4.52 7.91 37.09
C SER A 3 -5.16 8.61 35.89
N GLY A 4 -5.33 7.85 34.81
CA GLY A 4 -5.93 8.40 33.60
C GLY A 4 -5.15 8.07 32.35
N SER A 5 -5.24 6.81 31.93
CA SER A 5 -4.51 6.36 30.74
C SER A 5 -5.35 6.58 29.48
N SER A 6 -5.12 7.72 28.83
CA SER A 6 -5.86 8.06 27.62
C SER A 6 -4.89 8.39 26.48
N GLY A 7 -5.18 7.85 25.30
CA GLY A 7 -4.34 8.09 24.15
C GLY A 7 -4.03 6.82 23.38
N HIS A 8 -3.68 6.97 22.10
CA HIS A 8 -3.36 5.83 21.26
C HIS A 8 -2.48 6.24 20.08
N GLU A 9 -1.25 5.75 20.06
CA GLU A 9 -0.31 6.07 18.99
C GLU A 9 -0.12 4.88 18.06
N GLU A 10 0.21 5.17 16.81
CA GLU A 10 0.43 4.12 15.81
C GLU A 10 1.84 3.54 15.93
N GLU A 11 2.15 3.01 17.11
CA GLU A 11 3.47 2.42 17.36
C GLU A 11 3.75 1.30 16.36
N GLU A 12 2.71 0.84 15.67
CA GLU A 12 2.85 -0.23 14.69
C GLU A 12 3.45 0.29 13.39
N LEU A 13 2.85 1.34 12.84
CA LEU A 13 3.33 1.93 11.60
C LEU A 13 4.81 2.29 11.70
N LYS A 14 5.44 2.51 10.56
CA LYS A 14 6.86 2.86 10.52
C LYS A 14 7.28 3.24 9.10
N PRO A 15 8.05 4.33 8.98
CA PRO A 15 8.54 4.82 7.68
C PRO A 15 9.59 3.89 7.08
N PRO A 16 9.68 3.88 5.75
CA PRO A 16 10.63 3.05 5.01
C PRO A 16 12.08 3.53 5.21
N GLU A 17 13.00 2.57 5.23
CA GLU A 17 14.41 2.89 5.40
C GLU A 17 15.03 3.35 4.09
N GLN A 18 14.61 2.73 2.99
CA GLN A 18 15.13 3.07 1.67
C GLN A 18 14.23 2.50 0.57
N GLU A 19 13.93 3.34 -0.42
CA GLU A 19 13.08 2.92 -1.53
C GLU A 19 13.40 1.48 -1.95
N ILE A 20 12.35 0.71 -2.18
CA ILE A 20 12.51 -0.68 -2.59
C ILE A 20 12.05 -0.89 -4.03
N GLU A 21 12.08 -2.14 -4.48
CA GLU A 21 11.67 -2.48 -5.84
C GLU A 21 10.50 -3.46 -5.82
N ILE A 22 9.45 -3.13 -6.57
CA ILE A 22 8.26 -3.98 -6.65
C ILE A 22 8.05 -4.51 -8.06
N ASP A 23 7.63 -5.77 -8.17
CA ASP A 23 7.39 -6.39 -9.46
C ASP A 23 5.89 -6.44 -9.77
N ARG A 24 5.48 -5.75 -10.83
CA ARG A 24 4.08 -5.72 -11.23
C ARG A 24 3.67 -7.05 -11.85
N ASN A 25 4.64 -7.93 -12.04
CA ASN A 25 4.37 -9.24 -12.63
C ASN A 25 4.83 -10.35 -11.70
N ILE A 26 5.28 -9.98 -10.51
CA ILE A 26 5.74 -10.95 -9.53
C ILE A 26 5.34 -10.54 -8.12
N ILE A 27 4.87 -11.51 -7.34
CA ILE A 27 4.47 -11.25 -5.97
C ILE A 27 5.41 -11.92 -4.98
N GLN A 28 6.36 -11.14 -4.47
CA GLN A 28 7.33 -11.65 -3.51
C GLN A 28 6.75 -11.65 -2.10
N GLU A 29 7.25 -12.56 -1.26
CA GLU A 29 6.78 -12.65 0.12
C GLU A 29 6.67 -11.27 0.75
N GLU A 30 7.61 -10.39 0.42
CA GLU A 30 7.61 -9.03 0.96
C GLU A 30 6.21 -8.40 0.86
N GLU A 31 5.58 -8.58 -0.30
CA GLU A 31 4.24 -8.02 -0.52
C GLU A 31 3.18 -8.93 0.09
N LYS A 32 3.45 -10.22 0.11
CA LYS A 32 2.52 -11.20 0.65
C LYS A 32 2.38 -11.02 2.17
N GLN A 33 3.43 -10.53 2.80
CA GLN A 33 3.42 -10.31 4.24
C GLN A 33 2.60 -9.09 4.61
N ALA A 34 2.40 -8.21 3.63
CA ALA A 34 1.63 -6.98 3.86
C ALA A 34 0.24 -7.08 3.22
N ILE A 35 0.11 -7.99 2.26
CA ILE A 35 -1.16 -8.19 1.57
C ILE A 35 -1.58 -9.66 1.59
N PRO A 36 -1.51 -10.28 2.78
CA PRO A 36 -1.88 -11.68 2.97
C PRO A 36 -3.38 -11.91 2.82
N GLU A 37 -4.16 -10.87 3.08
CA GLU A 37 -5.61 -10.96 2.98
C GLU A 37 -6.03 -11.33 1.55
N PHE A 38 -5.14 -11.10 0.60
CA PHE A 38 -5.42 -11.39 -0.80
C PHE A 38 -4.71 -12.68 -1.23
N PHE A 39 -4.04 -13.33 -0.28
CA PHE A 39 -3.33 -14.57 -0.56
C PHE A 39 -3.78 -15.69 0.37
N GLU A 40 -4.87 -15.45 1.08
CA GLU A 40 -5.42 -16.43 2.00
C GLU A 40 -5.95 -17.65 1.25
N GLY A 41 -6.96 -17.43 0.42
CA GLY A 41 -7.55 -18.52 -0.34
C GLY A 41 -9.00 -18.27 -0.69
N ARG A 42 -9.64 -17.37 0.05
CA ARG A 42 -11.05 -17.05 -0.18
C ARG A 42 -11.26 -16.59 -1.62
N GLN A 43 -12.51 -16.66 -2.07
CA GLN A 43 -12.85 -16.25 -3.42
C GLN A 43 -12.86 -14.73 -3.55
N ALA A 44 -13.46 -14.06 -2.57
CA ALA A 44 -13.54 -12.61 -2.57
C ALA A 44 -12.15 -11.99 -2.73
N LYS A 45 -11.23 -12.36 -1.84
CA LYS A 45 -9.88 -11.84 -1.89
C LYS A 45 -8.97 -12.74 -2.71
N THR A 46 -8.66 -12.32 -3.93
CA THR A 46 -7.81 -13.08 -4.82
C THR A 46 -6.53 -12.32 -5.15
N PRO A 47 -5.45 -13.06 -5.43
CA PRO A 47 -4.15 -12.48 -5.78
C PRO A 47 -4.16 -11.80 -7.14
N GLU A 48 -4.84 -12.43 -8.10
CA GLU A 48 -4.92 -11.88 -9.45
C GLU A 48 -5.67 -10.55 -9.45
N ARG A 49 -6.54 -10.36 -8.46
CA ARG A 49 -7.31 -9.14 -8.35
C ARG A 49 -6.49 -8.02 -7.72
N TYR A 50 -5.76 -8.36 -6.66
CA TYR A 50 -4.92 -7.40 -5.96
C TYR A 50 -3.90 -6.77 -6.92
N LEU A 51 -3.36 -7.59 -7.80
CA LEU A 51 -2.36 -7.14 -8.77
C LEU A 51 -2.92 -6.00 -9.62
N LYS A 52 -4.14 -6.17 -10.09
CA LYS A 52 -4.79 -5.16 -10.93
C LYS A 52 -4.77 -3.80 -10.24
N ILE A 53 -5.05 -3.79 -8.94
CA ILE A 53 -5.06 -2.56 -8.16
C ILE A 53 -3.65 -2.08 -7.89
N ARG A 54 -2.78 -2.99 -7.49
CA ARG A 54 -1.40 -2.66 -7.19
C ARG A 54 -0.76 -1.90 -8.35
N ASN A 55 -0.45 -2.62 -9.42
CA ASN A 55 0.16 -2.01 -10.60
C ASN A 55 -0.51 -0.69 -10.95
N TYR A 56 -1.83 -0.66 -10.86
CA TYR A 56 -2.60 0.54 -11.16
C TYR A 56 -2.10 1.72 -10.34
N ILE A 57 -1.99 1.50 -9.03
CA ILE A 57 -1.51 2.55 -8.13
C ILE A 57 -0.07 2.94 -8.43
N LEU A 58 0.81 1.93 -8.48
CA LEU A 58 2.22 2.17 -8.76
C LEU A 58 2.39 2.96 -10.05
N ASP A 59 1.51 2.71 -11.01
CA ASP A 59 1.56 3.40 -12.30
C ASP A 59 1.35 4.90 -12.12
N GLN A 60 0.26 5.26 -11.46
CA GLN A 60 -0.06 6.66 -11.21
C GLN A 60 1.04 7.35 -10.43
N TRP A 61 1.71 6.59 -9.56
CA TRP A 61 2.79 7.12 -8.74
C TRP A 61 3.88 7.73 -9.61
N GLU A 62 4.33 6.97 -10.61
CA GLU A 62 5.37 7.44 -11.52
C GLU A 62 4.86 8.57 -12.41
N ILE A 63 3.54 8.68 -12.51
CA ILE A 63 2.92 9.71 -13.32
C ILE A 63 2.97 11.07 -12.63
N CYS A 64 3.03 11.04 -11.30
CA CYS A 64 3.09 12.26 -10.51
C CYS A 64 4.50 12.52 -10.00
N LYS A 65 5.21 11.45 -9.66
CA LYS A 65 6.57 11.56 -9.15
C LYS A 65 7.35 12.62 -9.93
N PRO A 66 8.38 13.19 -9.29
CA PRO A 66 8.75 12.84 -7.91
C PRO A 66 7.72 13.32 -6.90
N LYS A 67 6.76 14.11 -7.36
CA LYS A 67 5.71 14.64 -6.49
C LYS A 67 4.95 13.51 -5.81
N TYR A 68 4.49 13.76 -4.59
CA TYR A 68 3.75 12.76 -3.84
C TYR A 68 2.46 12.37 -4.56
N LEU A 69 1.92 11.21 -4.20
CA LEU A 69 0.69 10.72 -4.81
C LEU A 69 -0.31 10.27 -3.76
N ASN A 70 -1.56 10.70 -3.90
CA ASN A 70 -2.61 10.33 -2.96
C ASN A 70 -3.29 9.04 -3.38
N LYS A 71 -3.94 8.38 -2.42
CA LYS A 71 -4.64 7.13 -2.70
C LYS A 71 -6.02 7.40 -3.29
N THR A 72 -6.49 8.63 -3.14
CA THR A 72 -7.79 9.02 -3.67
C THR A 72 -7.70 9.42 -5.14
N SER A 73 -6.48 9.50 -5.64
CA SER A 73 -6.25 9.88 -7.03
C SER A 73 -6.69 8.77 -7.98
N VAL A 74 -6.35 7.53 -7.62
CA VAL A 74 -6.70 6.38 -8.45
C VAL A 74 -8.16 5.97 -8.22
N ARG A 75 -8.85 6.73 -7.37
CA ARG A 75 -10.25 6.45 -7.06
C ARG A 75 -11.00 6.04 -8.32
N PRO A 76 -11.03 6.95 -9.31
CA PRO A 76 -11.72 6.72 -10.58
C PRO A 76 -11.01 5.66 -11.43
N GLY A 77 -11.51 4.43 -11.36
CA GLY A 77 -10.90 3.35 -12.13
C GLY A 77 -11.27 1.98 -11.59
N LEU A 78 -11.05 1.78 -10.29
CA LEU A 78 -11.36 0.51 -9.65
C LEU A 78 -12.67 0.59 -8.88
N LYS A 79 -13.77 0.73 -9.62
CA LYS A 79 -15.09 0.82 -9.01
C LYS A 79 -15.73 -0.56 -8.90
N ASN A 80 -15.72 -1.30 -10.00
CA ASN A 80 -16.29 -2.64 -10.03
C ASN A 80 -15.39 -3.64 -9.32
N CYS A 81 -14.10 -3.59 -9.63
CA CYS A 81 -13.13 -4.48 -9.01
C CYS A 81 -12.56 -3.88 -7.74
N GLY A 82 -13.03 -4.37 -6.59
CA GLY A 82 -12.57 -3.86 -5.31
C GLY A 82 -13.04 -2.44 -5.04
N ASP A 83 -12.98 -2.03 -3.78
CA ASP A 83 -13.41 -0.69 -3.39
C ASP A 83 -12.34 -0.01 -2.55
N VAL A 84 -12.62 1.23 -2.15
CA VAL A 84 -11.68 2.00 -1.33
C VAL A 84 -11.22 1.20 -0.13
N ASN A 85 -12.03 0.24 0.29
CA ASN A 85 -11.71 -0.60 1.44
C ASN A 85 -10.37 -1.30 1.24
N CYS A 86 -10.29 -2.13 0.20
CA CYS A 86 -9.07 -2.86 -0.10
C CYS A 86 -8.00 -1.93 -0.67
N ILE A 87 -8.41 -1.10 -1.64
CA ILE A 87 -7.49 -0.17 -2.27
C ILE A 87 -6.55 0.47 -1.25
N GLY A 88 -7.13 1.11 -0.23
CA GLY A 88 -6.34 1.74 0.80
C GLY A 88 -5.22 0.85 1.30
N ARG A 89 -5.56 -0.38 1.67
CA ARG A 89 -4.59 -1.33 2.17
C ARG A 89 -3.37 -1.40 1.25
N ILE A 90 -3.63 -1.50 -0.05
CA ILE A 90 -2.57 -1.58 -1.04
C ILE A 90 -1.74 -0.29 -1.06
N HIS A 91 -2.38 0.82 -1.41
CA HIS A 91 -1.72 2.10 -1.46
C HIS A 91 -0.86 2.33 -0.22
N THR A 92 -1.49 2.25 0.96
CA THR A 92 -0.79 2.44 2.22
C THR A 92 0.49 1.62 2.26
N TYR A 93 0.36 0.31 2.32
CA TYR A 93 1.50 -0.59 2.37
C TYR A 93 2.62 -0.09 1.46
N LEU A 94 2.37 -0.16 0.14
CA LEU A 94 3.35 0.29 -0.84
C LEU A 94 4.02 1.59 -0.39
N GLU A 95 3.28 2.41 0.34
CA GLU A 95 3.80 3.68 0.82
C GLU A 95 4.69 3.47 2.05
N LEU A 96 4.33 2.50 2.88
CA LEU A 96 5.09 2.20 4.08
C LEU A 96 6.43 1.55 3.74
N ILE A 97 6.47 0.84 2.61
CA ILE A 97 7.68 0.18 2.16
C ILE A 97 8.54 1.12 1.33
N GLY A 98 7.92 2.19 0.84
CA GLY A 98 8.64 3.15 0.03
C GLY A 98 8.34 3.00 -1.45
N ALA A 99 7.90 1.82 -1.85
CA ALA A 99 7.56 1.55 -3.25
C ALA A 99 6.95 2.78 -3.90
N ILE A 100 6.16 3.53 -3.14
CA ILE A 100 5.51 4.74 -3.65
C ILE A 100 5.58 5.87 -2.63
N ASN A 101 5.65 7.09 -3.13
CA ASN A 101 5.72 8.28 -2.27
C ASN A 101 6.79 8.10 -1.20
N PHE A 102 7.95 7.60 -1.61
CA PHE A 102 9.06 7.38 -0.67
C PHE A 102 9.55 8.70 -0.10
N GLY A 103 9.83 8.70 1.20
CA GLY A 103 10.30 9.90 1.87
C GLY A 103 9.52 11.13 1.45
N CYS A 104 8.38 11.36 2.09
CA CYS A 104 7.54 12.51 1.78
C CYS A 104 6.83 13.01 3.03
N GLU A 105 7.12 14.26 3.40
CA GLU A 105 6.51 14.86 4.59
C GLU A 105 5.00 14.62 4.60
N GLN A 106 4.41 14.57 3.41
CA GLN A 106 2.97 14.36 3.29
C GLN A 106 2.65 12.87 3.19
N ALA A 107 3.40 12.06 3.92
CA ALA A 107 3.20 10.62 3.93
C ALA A 107 2.14 10.22 4.95
N VAL A 108 1.88 8.91 5.04
CA VAL A 108 0.89 8.40 5.98
C VAL A 108 1.54 7.95 7.28
N TYR A 109 2.75 7.42 7.19
CA TYR A 109 3.48 6.96 8.36
C TYR A 109 3.99 8.14 9.18
N ASN A 110 4.59 9.12 8.50
CA ASN A 110 5.11 10.30 9.17
C ASN A 110 4.12 10.84 10.19
N ARG A 111 2.85 10.90 9.80
CA ARG A 111 1.80 11.39 10.68
C ARG A 111 1.14 10.24 11.44
N GLY A 1 10.02 -6.63 34.73
CA GLY A 1 11.00 -5.55 34.65
C GLY A 1 10.35 -4.18 34.69
N SER A 2 11.02 -3.19 34.11
CA SER A 2 10.51 -1.83 34.09
C SER A 2 11.05 -1.06 32.88
N SER A 3 10.16 -0.35 32.19
CA SER A 3 10.54 0.42 31.02
C SER A 3 9.67 1.66 30.87
N GLY A 4 10.22 2.69 30.23
CA GLY A 4 9.47 3.92 30.04
C GLY A 4 8.51 3.84 28.87
N SER A 5 7.26 3.50 29.16
CA SER A 5 6.23 3.39 28.13
C SER A 5 6.07 4.71 27.38
N SER A 6 5.98 5.80 28.13
CA SER A 6 5.81 7.12 27.54
C SER A 6 7.12 7.62 26.94
N GLY A 7 7.26 7.47 25.62
CA GLY A 7 8.47 7.90 24.95
C GLY A 7 8.28 8.04 23.45
N HIS A 8 7.90 6.93 22.79
CA HIS A 8 7.69 6.94 21.36
C HIS A 8 6.20 6.85 21.03
N GLU A 9 5.83 7.41 19.87
CA GLU A 9 4.43 7.40 19.45
C GLU A 9 4.29 6.73 18.08
N GLU A 10 3.97 5.45 18.08
CA GLU A 10 3.80 4.70 16.84
C GLU A 10 2.83 3.53 17.04
N GLU A 11 2.01 3.27 16.02
CA GLU A 11 1.05 2.18 16.08
C GLU A 11 1.41 1.07 15.10
N GLU A 12 2.38 0.25 15.48
CA GLU A 12 2.82 -0.85 14.63
C GLU A 12 3.15 -0.36 13.23
N LEU A 13 3.76 0.82 13.15
CA LEU A 13 4.13 1.41 11.87
C LEU A 13 5.57 1.90 11.90
N LYS A 14 6.25 1.79 10.76
CA LYS A 14 7.64 2.23 10.66
C LYS A 14 7.95 2.71 9.24
N PRO A 15 8.65 3.85 9.14
CA PRO A 15 9.02 4.44 7.85
C PRO A 15 10.07 3.62 7.11
N PRO A 16 10.04 3.68 5.78
CA PRO A 16 10.98 2.93 4.93
C PRO A 16 12.40 3.49 5.03
N GLU A 17 13.39 2.62 4.88
CA GLU A 17 14.79 3.02 4.95
C GLU A 17 15.27 3.52 3.59
N GLN A 18 14.86 2.82 2.53
CA GLN A 18 15.25 3.20 1.18
C GLN A 18 14.30 2.62 0.15
N GLU A 19 13.98 3.41 -0.87
CA GLU A 19 13.06 2.97 -1.92
C GLU A 19 13.42 1.57 -2.41
N ILE A 20 12.42 0.69 -2.47
CA ILE A 20 12.64 -0.67 -2.92
C ILE A 20 12.09 -0.88 -4.32
N GLU A 21 12.23 -2.10 -4.84
CA GLU A 21 11.74 -2.42 -6.17
C GLU A 21 10.58 -3.42 -6.11
N ILE A 22 9.61 -3.24 -6.99
CA ILE A 22 8.44 -4.12 -7.04
C ILE A 22 8.16 -4.59 -8.45
N ASP A 23 7.88 -5.89 -8.60
CA ASP A 23 7.59 -6.46 -9.90
C ASP A 23 6.09 -6.49 -10.16
N ARG A 24 5.63 -5.65 -11.08
CA ARG A 24 4.22 -5.58 -11.41
C ARG A 24 3.74 -6.88 -12.05
N ASN A 25 4.69 -7.76 -12.35
CA ASN A 25 4.38 -9.05 -12.97
C ASN A 25 4.78 -10.21 -12.06
N ILE A 26 5.23 -9.87 -10.86
CA ILE A 26 5.65 -10.89 -9.89
C ILE A 26 5.27 -10.48 -8.47
N ILE A 27 4.97 -11.47 -7.64
CA ILE A 27 4.58 -11.21 -6.25
C ILE A 27 5.49 -11.97 -5.29
N GLN A 28 6.40 -11.25 -4.64
CA GLN A 28 7.32 -11.86 -3.69
C GLN A 28 6.78 -11.76 -2.26
N GLU A 29 7.21 -12.68 -1.41
CA GLU A 29 6.77 -12.72 -0.02
C GLU A 29 6.72 -11.30 0.55
N GLU A 30 7.62 -10.44 0.09
CA GLU A 30 7.68 -9.06 0.56
C GLU A 30 6.29 -8.43 0.60
N GLU A 31 5.52 -8.66 -0.46
CA GLU A 31 4.16 -8.12 -0.55
C GLU A 31 3.17 -9.01 0.20
N LYS A 32 3.27 -10.32 -0.04
CA LYS A 32 2.39 -11.28 0.60
C LYS A 32 2.42 -11.13 2.12
N GLN A 33 3.52 -10.60 2.64
CA GLN A 33 3.68 -10.40 4.07
C GLN A 33 2.91 -9.17 4.53
N ALA A 34 2.67 -8.24 3.61
CA ALA A 34 1.93 -7.02 3.91
C ALA A 34 0.52 -7.07 3.35
N ILE A 35 0.27 -8.02 2.46
CA ILE A 35 -1.05 -8.17 1.85
C ILE A 35 -1.50 -9.63 1.86
N PRO A 36 -1.31 -10.29 3.01
CA PRO A 36 -1.70 -11.70 3.19
C PRO A 36 -3.21 -11.88 3.19
N GLU A 37 -3.94 -10.77 3.08
CA GLU A 37 -5.40 -10.83 3.08
C GLU A 37 -5.92 -11.45 1.81
N PHE A 38 -5.30 -11.13 0.68
CA PHE A 38 -5.70 -11.67 -0.62
C PHE A 38 -4.97 -12.96 -0.91
N PHE A 39 -4.02 -13.32 -0.05
CA PHE A 39 -3.25 -14.55 -0.22
C PHE A 39 -3.66 -15.60 0.81
N GLU A 40 -4.85 -15.41 1.39
CA GLU A 40 -5.37 -16.34 2.39
C GLU A 40 -5.75 -17.67 1.74
N GLY A 41 -6.36 -17.60 0.56
CA GLY A 41 -6.77 -18.81 -0.14
C GLY A 41 -8.27 -18.96 -0.20
N ARG A 42 -8.97 -17.85 -0.38
CA ARG A 42 -10.43 -17.88 -0.46
C ARG A 42 -10.91 -17.62 -1.88
N GLN A 43 -12.22 -17.70 -2.08
CA GLN A 43 -12.80 -17.47 -3.40
C GLN A 43 -12.87 -15.99 -3.72
N ALA A 44 -13.80 -15.29 -3.10
CA ALA A 44 -13.96 -13.86 -3.33
C ALA A 44 -12.61 -13.15 -3.36
N LYS A 45 -11.73 -13.53 -2.44
CA LYS A 45 -10.40 -12.94 -2.36
C LYS A 45 -9.40 -13.71 -3.22
N THR A 46 -8.77 -13.02 -4.15
CA THR A 46 -7.79 -13.64 -5.04
C THR A 46 -6.59 -12.73 -5.24
N PRO A 47 -5.42 -13.35 -5.49
CA PRO A 47 -4.17 -12.62 -5.72
C PRO A 47 -4.16 -11.86 -7.04
N GLU A 48 -5.02 -12.29 -7.96
CA GLU A 48 -5.10 -11.65 -9.27
C GLU A 48 -5.76 -10.27 -9.17
N ARG A 49 -6.58 -10.10 -8.13
CA ARG A 49 -7.28 -8.84 -7.91
C ARG A 49 -6.35 -7.82 -7.26
N TYR A 50 -5.63 -8.25 -6.23
CA TYR A 50 -4.71 -7.38 -5.51
C TYR A 50 -3.71 -6.74 -6.47
N LEU A 51 -3.34 -7.49 -7.50
CA LEU A 51 -2.39 -7.00 -8.49
C LEU A 51 -2.95 -5.81 -9.26
N LYS A 52 -4.12 -6.00 -9.87
CA LYS A 52 -4.77 -4.94 -10.63
C LYS A 52 -4.67 -3.60 -9.90
N ILE A 53 -5.24 -3.55 -8.70
CA ILE A 53 -5.21 -2.33 -7.89
C ILE A 53 -3.79 -1.78 -7.79
N ARG A 54 -2.88 -2.62 -7.29
CA ARG A 54 -1.49 -2.22 -7.13
C ARG A 54 -0.91 -1.70 -8.45
N ASN A 55 -0.75 -2.60 -9.41
CA ASN A 55 -0.21 -2.24 -10.72
C ASN A 55 -0.69 -0.85 -11.13
N TYR A 56 -1.95 -0.55 -10.84
CA TYR A 56 -2.53 0.74 -11.19
C TYR A 56 -1.92 1.85 -10.36
N ILE A 57 -1.91 1.67 -9.04
CA ILE A 57 -1.34 2.66 -8.14
C ILE A 57 0.13 2.89 -8.42
N LEU A 58 0.88 1.80 -8.57
CA LEU A 58 2.30 1.88 -8.85
C LEU A 58 2.57 2.69 -10.11
N ASP A 59 1.60 2.68 -11.03
CA ASP A 59 1.73 3.41 -12.28
C ASP A 59 1.52 4.90 -12.06
N GLN A 60 0.39 5.26 -11.47
CA GLN A 60 0.08 6.65 -11.20
C GLN A 60 1.19 7.32 -10.40
N TRP A 61 1.68 6.62 -9.38
CA TRP A 61 2.75 7.15 -8.54
C TRP A 61 3.83 7.81 -9.38
N GLU A 62 4.27 7.13 -10.42
CA GLU A 62 5.30 7.66 -11.31
C GLU A 62 4.73 8.74 -12.22
N ILE A 63 3.46 8.60 -12.58
CA ILE A 63 2.80 9.56 -13.45
C ILE A 63 2.82 10.96 -12.84
N CYS A 64 3.05 11.02 -11.52
CA CYS A 64 3.09 12.29 -10.81
C CYS A 64 4.48 12.52 -10.20
N LYS A 65 5.12 11.43 -9.79
CA LYS A 65 6.44 11.52 -9.18
C LYS A 65 7.29 12.57 -9.88
N PRO A 66 8.28 13.11 -9.15
CA PRO A 66 8.53 12.74 -7.76
C PRO A 66 7.43 13.23 -6.82
N LYS A 67 6.56 14.09 -7.34
CA LYS A 67 5.46 14.62 -6.54
C LYS A 67 4.74 13.51 -5.78
N TYR A 68 4.14 13.87 -4.65
CA TYR A 68 3.42 12.90 -3.83
C TYR A 68 2.17 12.39 -4.55
N LEU A 69 1.60 11.30 -4.05
CA LEU A 69 0.40 10.72 -4.64
C LEU A 69 -0.58 10.29 -3.57
N ASN A 70 -1.86 10.59 -3.78
CA ASN A 70 -2.90 10.22 -2.82
C ASN A 70 -3.68 9.02 -3.32
N LYS A 71 -4.24 8.26 -2.38
CA LYS A 71 -5.02 7.07 -2.71
C LYS A 71 -6.24 7.44 -3.54
N THR A 72 -6.79 8.63 -3.28
CA THR A 72 -7.97 9.10 -4.01
C THR A 72 -7.61 9.48 -5.44
N SER A 73 -6.31 9.53 -5.73
CA SER A 73 -5.84 9.88 -7.06
C SER A 73 -6.21 8.79 -8.07
N VAL A 74 -6.17 7.54 -7.62
CA VAL A 74 -6.50 6.41 -8.48
C VAL A 74 -7.94 5.96 -8.28
N ARG A 75 -8.71 6.76 -7.55
CA ARG A 75 -10.11 6.45 -7.29
C ARG A 75 -10.87 6.23 -8.58
N PRO A 76 -10.88 7.25 -9.45
CA PRO A 76 -11.58 7.20 -10.75
C PRO A 76 -10.88 6.25 -11.73
N GLY A 77 -11.39 5.02 -11.81
CA GLY A 77 -10.81 4.04 -12.71
C GLY A 77 -11.19 2.62 -12.36
N LEU A 78 -10.65 2.11 -11.25
CA LEU A 78 -10.95 0.76 -10.81
C LEU A 78 -12.29 0.71 -10.06
N LYS A 79 -13.38 0.68 -10.83
CA LYS A 79 -14.71 0.63 -10.24
C LYS A 79 -15.17 -0.81 -10.05
N ASN A 80 -14.87 -1.66 -11.04
CA ASN A 80 -15.25 -3.07 -10.98
C ASN A 80 -14.43 -3.81 -9.94
N CYS A 81 -13.12 -3.54 -9.93
CA CYS A 81 -12.22 -4.20 -8.99
C CYS A 81 -11.86 -3.25 -7.84
N GLY A 82 -11.87 -3.78 -6.63
CA GLY A 82 -11.54 -2.97 -5.46
C GLY A 82 -12.53 -1.85 -5.24
N ASP A 83 -13.39 -2.00 -4.24
CA ASP A 83 -14.40 -0.99 -3.93
C ASP A 83 -13.96 -0.15 -2.73
N VAL A 84 -13.07 0.80 -2.97
CA VAL A 84 -12.57 1.67 -1.91
C VAL A 84 -12.50 0.92 -0.58
N ASN A 85 -12.18 -0.36 -0.65
CA ASN A 85 -12.07 -1.19 0.55
C ASN A 85 -10.64 -1.68 0.76
N CYS A 86 -10.11 -2.39 -0.24
CA CYS A 86 -8.76 -2.91 -0.18
C CYS A 86 -7.76 -1.89 -0.70
N ILE A 87 -8.21 -1.04 -1.62
CA ILE A 87 -7.34 -0.02 -2.20
C ILE A 87 -6.42 0.59 -1.15
N GLY A 88 -7.02 1.16 -0.11
CA GLY A 88 -6.24 1.77 0.95
C GLY A 88 -5.13 0.87 1.45
N ARG A 89 -5.50 -0.34 1.89
CA ARG A 89 -4.53 -1.30 2.39
C ARG A 89 -3.32 -1.38 1.47
N ILE A 90 -3.57 -1.49 0.17
CA ILE A 90 -2.50 -1.58 -0.82
C ILE A 90 -1.69 -0.29 -0.86
N HIS A 91 -2.38 0.82 -1.10
CA HIS A 91 -1.71 2.13 -1.16
C HIS A 91 -0.80 2.33 0.04
N THR A 92 -1.37 2.23 1.23
CA THR A 92 -0.60 2.41 2.46
C THR A 92 0.68 1.58 2.44
N TYR A 93 0.52 0.26 2.49
CA TYR A 93 1.67 -0.64 2.48
C TYR A 93 2.72 -0.16 1.48
N LEU A 94 2.37 -0.19 0.20
CA LEU A 94 3.29 0.24 -0.86
C LEU A 94 3.99 1.53 -0.47
N GLU A 95 3.30 2.37 0.30
CA GLU A 95 3.87 3.63 0.74
C GLU A 95 4.81 3.44 1.93
N LEU A 96 4.51 2.44 2.76
CA LEU A 96 5.34 2.15 3.92
C LEU A 96 6.67 1.55 3.51
N ILE A 97 6.67 0.79 2.43
CA ILE A 97 7.89 0.17 1.92
C ILE A 97 8.73 1.17 1.12
N GLY A 98 8.07 2.19 0.59
CA GLY A 98 8.77 3.20 -0.18
C GLY A 98 8.47 3.10 -1.67
N ALA A 99 8.10 1.91 -2.11
CA ALA A 99 7.79 1.68 -3.52
C ALA A 99 7.12 2.91 -4.14
N ILE A 100 6.26 3.56 -3.37
CA ILE A 100 5.56 4.74 -3.85
C ILE A 100 5.65 5.88 -2.83
N ASN A 101 5.66 7.11 -3.33
CA ASN A 101 5.75 8.29 -2.47
C ASN A 101 6.81 8.09 -1.40
N PHE A 102 8.01 7.71 -1.82
CA PHE A 102 9.12 7.50 -0.90
C PHE A 102 9.57 8.81 -0.27
N GLY A 103 9.85 8.78 1.03
CA GLY A 103 10.28 9.97 1.73
C GLY A 103 9.50 11.21 1.31
N CYS A 104 8.38 11.45 1.97
CA CYS A 104 7.55 12.60 1.66
C CYS A 104 6.79 13.08 2.90
N GLU A 105 6.61 14.39 3.00
CA GLU A 105 5.91 14.98 4.15
C GLU A 105 4.44 14.56 4.14
N GLN A 106 3.95 14.16 2.98
CA GLN A 106 2.56 13.74 2.84
C GLN A 106 2.40 12.26 3.20
N ALA A 107 3.51 11.52 3.16
CA ALA A 107 3.49 10.10 3.49
C ALA A 107 2.59 9.83 4.70
N VAL A 108 2.22 8.57 4.87
CA VAL A 108 1.37 8.17 5.98
C VAL A 108 2.19 7.69 7.17
N TYR A 109 3.49 7.98 7.14
CA TYR A 109 4.39 7.59 8.20
C TYR A 109 5.20 8.77 8.70
N ASN A 110 5.48 9.72 7.81
CA ASN A 110 6.25 10.90 8.15
C ASN A 110 5.48 11.79 9.12
N ARG A 111 4.17 11.59 9.17
CA ARG A 111 3.30 12.38 10.05
C ARG A 111 3.81 12.31 11.49
N GLY A 1 3.45 16.68 34.57
CA GLY A 1 3.51 15.59 33.62
C GLY A 1 4.40 15.90 32.44
N SER A 2 3.91 15.65 31.23
CA SER A 2 4.68 15.90 30.02
C SER A 2 3.83 16.62 28.98
N SER A 3 4.45 17.54 28.24
CA SER A 3 3.75 18.30 27.21
C SER A 3 4.46 18.19 25.88
N GLY A 4 3.71 17.89 24.82
CA GLY A 4 4.29 17.76 23.50
C GLY A 4 3.51 16.80 22.62
N SER A 5 4.23 15.88 21.97
CA SER A 5 3.60 14.91 21.09
C SER A 5 4.42 13.62 21.04
N SER A 6 3.88 12.56 21.63
CA SER A 6 4.55 11.27 21.66
C SER A 6 3.81 10.23 20.83
N GLY A 7 4.44 9.09 20.59
CA GLY A 7 3.82 8.05 19.81
C GLY A 7 2.89 7.18 20.63
N HIS A 8 1.60 7.52 20.63
CA HIS A 8 0.60 6.77 21.38
C HIS A 8 -0.14 5.79 20.48
N GLU A 9 -0.65 6.29 19.36
CA GLU A 9 -1.39 5.46 18.42
C GLU A 9 -0.43 4.81 17.42
N GLU A 10 0.26 3.76 17.84
CA GLU A 10 1.20 3.06 16.99
C GLU A 10 0.69 1.65 16.66
N GLU A 11 0.20 1.48 15.44
CA GLU A 11 -0.31 0.18 15.00
C GLU A 11 0.79 -0.65 14.35
N GLU A 12 1.85 -0.91 15.11
CA GLU A 12 2.97 -1.69 14.60
C GLU A 12 3.40 -1.21 13.22
N LEU A 13 3.58 0.10 13.08
CA LEU A 13 3.98 0.70 11.81
C LEU A 13 5.43 1.17 11.87
N LYS A 14 6.03 1.36 10.70
CA LYS A 14 7.41 1.82 10.61
C LYS A 14 7.69 2.43 9.24
N PRO A 15 8.35 3.60 9.24
CA PRO A 15 8.70 4.31 8.01
C PRO A 15 9.78 3.59 7.21
N PRO A 16 9.76 3.76 5.88
CA PRO A 16 10.72 3.14 4.98
C PRO A 16 12.11 3.74 5.12
N GLU A 17 13.14 2.89 5.00
CA GLU A 17 14.52 3.35 5.11
C GLU A 17 15.04 3.86 3.76
N GLN A 18 14.69 3.14 2.69
CA GLN A 18 15.13 3.53 1.36
C GLN A 18 14.20 2.93 0.30
N GLU A 19 14.22 3.51 -0.90
CA GLU A 19 13.39 3.02 -1.99
C GLU A 19 13.70 1.58 -2.32
N ILE A 20 12.67 0.74 -2.35
CA ILE A 20 12.83 -0.68 -2.65
C ILE A 20 12.45 -0.97 -4.10
N GLU A 21 12.51 -2.25 -4.47
CA GLU A 21 12.19 -2.67 -5.82
C GLU A 21 10.95 -3.57 -5.83
N ILE A 22 9.95 -3.19 -6.61
CA ILE A 22 8.71 -3.95 -6.70
C ILE A 22 8.53 -4.54 -8.10
N ASP A 23 7.97 -5.74 -8.16
CA ASP A 23 7.74 -6.41 -9.44
C ASP A 23 6.25 -6.49 -9.75
N ARG A 24 5.81 -5.70 -10.72
CA ARG A 24 4.41 -5.68 -11.11
C ARG A 24 4.01 -7.00 -11.79
N ASN A 25 5.00 -7.86 -12.01
CA ASN A 25 4.76 -9.15 -12.65
C ASN A 25 5.14 -10.29 -11.71
N ILE A 26 5.51 -9.95 -10.48
CA ILE A 26 5.90 -10.95 -9.49
C ILE A 26 5.47 -10.54 -8.09
N ILE A 27 5.01 -11.51 -7.31
CA ILE A 27 4.58 -11.23 -5.94
C ILE A 27 5.45 -11.97 -4.93
N GLN A 28 6.37 -11.23 -4.31
CA GLN A 28 7.27 -11.82 -3.31
C GLN A 28 6.64 -11.79 -1.93
N GLU A 29 6.98 -12.78 -1.11
CA GLU A 29 6.45 -12.88 0.24
C GLU A 29 6.37 -11.49 0.89
N GLU A 30 7.23 -10.59 0.45
CA GLU A 30 7.25 -9.23 0.98
C GLU A 30 5.87 -8.60 0.93
N GLU A 31 5.29 -8.56 -0.27
CA GLU A 31 3.97 -7.97 -0.46
C GLU A 31 2.88 -8.88 0.13
N LYS A 32 3.10 -10.18 0.03
CA LYS A 32 2.14 -11.15 0.55
C LYS A 32 2.00 -11.02 2.06
N GLN A 33 3.06 -10.53 2.71
CA GLN A 33 3.05 -10.36 4.16
C GLN A 33 2.23 -9.13 4.56
N ALA A 34 2.07 -8.20 3.61
CA ALA A 34 1.32 -6.98 3.86
C ALA A 34 -0.08 -7.06 3.25
N ILE A 35 -0.21 -7.91 2.22
CA ILE A 35 -1.49 -8.08 1.55
C ILE A 35 -1.92 -9.54 1.56
N PRO A 36 -1.79 -10.19 2.73
CA PRO A 36 -2.15 -11.59 2.90
C PRO A 36 -3.67 -11.81 2.84
N GLU A 37 -4.41 -10.73 2.59
CA GLU A 37 -5.86 -10.79 2.50
C GLU A 37 -6.30 -11.57 1.26
N PHE A 38 -5.71 -11.22 0.13
CA PHE A 38 -6.05 -11.88 -1.14
C PHE A 38 -5.36 -13.24 -1.24
N PHE A 39 -4.35 -13.45 -0.41
CA PHE A 39 -3.61 -14.71 -0.40
C PHE A 39 -4.13 -15.64 0.69
N GLU A 40 -5.31 -15.32 1.21
CA GLU A 40 -5.91 -16.13 2.27
C GLU A 40 -6.27 -17.52 1.75
N GLY A 41 -6.97 -17.57 0.62
CA GLY A 41 -7.36 -18.84 0.05
C GLY A 41 -8.86 -18.92 -0.22
N ARG A 42 -9.42 -17.85 -0.78
CA ARG A 42 -10.84 -17.81 -1.09
C ARG A 42 -11.08 -17.68 -2.59
N GLN A 43 -12.31 -17.91 -3.01
CA GLN A 43 -12.67 -17.82 -4.42
C GLN A 43 -12.88 -16.37 -4.83
N ALA A 44 -13.59 -15.61 -4.00
CA ALA A 44 -13.86 -14.21 -4.29
C ALA A 44 -12.58 -13.38 -4.25
N LYS A 45 -11.69 -13.72 -3.32
CA LYS A 45 -10.43 -13.01 -3.17
C LYS A 45 -9.31 -13.75 -3.89
N THR A 46 -8.91 -13.22 -5.05
CA THR A 46 -7.84 -13.83 -5.84
C THR A 46 -6.61 -12.93 -5.87
N PRO A 47 -5.43 -13.56 -6.00
CA PRO A 47 -4.15 -12.84 -6.05
C PRO A 47 -3.99 -12.03 -7.33
N GLU A 48 -4.60 -12.51 -8.41
CA GLU A 48 -4.52 -11.83 -9.70
C GLU A 48 -5.17 -10.45 -9.63
N ARG A 49 -6.23 -10.33 -8.84
CA ARG A 49 -6.94 -9.07 -8.69
C ARG A 49 -6.08 -8.05 -7.94
N TYR A 50 -5.53 -8.48 -6.80
CA TYR A 50 -4.69 -7.60 -5.99
C TYR A 50 -3.62 -6.92 -6.84
N LEU A 51 -3.15 -7.63 -7.87
CA LEU A 51 -2.14 -7.09 -8.76
C LEU A 51 -2.72 -5.97 -9.63
N LYS A 52 -3.98 -6.12 -10.01
CA LYS A 52 -4.64 -5.11 -10.85
C LYS A 52 -4.65 -3.75 -10.15
N ILE A 53 -5.16 -3.73 -8.92
CA ILE A 53 -5.22 -2.49 -8.16
C ILE A 53 -3.83 -1.92 -7.90
N ARG A 54 -2.92 -2.77 -7.42
CA ARG A 54 -1.56 -2.36 -7.15
C ARG A 54 -0.90 -1.78 -8.39
N ASN A 55 -0.80 -2.61 -9.44
CA ASN A 55 -0.19 -2.19 -10.69
C ASN A 55 -0.70 -0.81 -11.11
N TYR A 56 -1.96 -0.53 -10.78
CA TYR A 56 -2.56 0.75 -11.14
C TYR A 56 -1.93 1.89 -10.33
N ILE A 57 -1.87 1.70 -9.01
CA ILE A 57 -1.29 2.71 -8.13
C ILE A 57 0.17 2.98 -8.49
N LEU A 58 0.98 1.92 -8.51
CA LEU A 58 2.39 2.03 -8.84
C LEU A 58 2.59 2.85 -10.11
N ASP A 59 1.77 2.58 -11.11
CA ASP A 59 1.85 3.29 -12.38
C ASP A 59 1.59 4.79 -12.19
N GLN A 60 0.45 5.11 -11.58
CA GLN A 60 0.09 6.50 -11.33
C GLN A 60 1.18 7.22 -10.54
N TRP A 61 1.72 6.54 -9.54
CA TRP A 61 2.77 7.11 -8.72
C TRP A 61 3.82 7.82 -9.57
N GLU A 62 4.36 7.11 -10.55
CA GLU A 62 5.37 7.67 -11.44
C GLU A 62 4.75 8.70 -12.38
N ILE A 63 3.48 8.50 -12.71
CA ILE A 63 2.77 9.41 -13.61
C ILE A 63 2.72 10.82 -13.02
N CYS A 64 2.82 10.91 -11.71
CA CYS A 64 2.78 12.20 -11.03
C CYS A 64 4.15 12.54 -10.43
N LYS A 65 4.86 11.51 -9.99
CA LYS A 65 6.18 11.69 -9.39
C LYS A 65 6.96 12.78 -10.12
N PRO A 66 7.91 13.41 -9.41
CA PRO A 66 8.20 13.07 -8.01
C PRO A 66 7.09 13.49 -7.07
N LYS A 67 6.08 14.17 -7.62
CA LYS A 67 4.95 14.63 -6.82
C LYS A 67 4.30 13.47 -6.06
N TYR A 68 3.73 13.77 -4.91
CA TYR A 68 3.08 12.75 -4.09
C TYR A 68 1.80 12.24 -4.77
N LEU A 69 1.35 11.06 -4.35
CA LEU A 69 0.15 10.47 -4.91
C LEU A 69 -0.76 9.92 -3.82
N ASN A 70 -2.00 10.39 -3.79
CA ASN A 70 -2.97 9.96 -2.79
C ASN A 70 -3.74 8.74 -3.27
N LYS A 71 -4.34 8.01 -2.35
CA LYS A 71 -5.11 6.82 -2.67
C LYS A 71 -6.47 7.19 -3.25
N THR A 72 -6.88 8.45 -3.03
CA THR A 72 -8.16 8.93 -3.54
C THR A 72 -8.09 9.22 -5.03
N SER A 73 -6.90 9.54 -5.52
CA SER A 73 -6.71 9.84 -6.94
C SER A 73 -7.01 8.60 -7.80
N VAL A 74 -6.90 7.43 -7.19
CA VAL A 74 -7.18 6.18 -7.89
C VAL A 74 -8.48 5.55 -7.41
N ARG A 75 -9.12 6.18 -6.44
CA ARG A 75 -10.37 5.69 -5.90
C ARG A 75 -11.43 5.56 -7.00
N PRO A 76 -11.75 6.69 -7.64
CA PRO A 76 -12.74 6.73 -8.71
C PRO A 76 -12.25 6.04 -9.98
N GLY A 77 -11.06 5.45 -9.91
CA GLY A 77 -10.50 4.77 -11.06
C GLY A 77 -10.79 3.28 -11.04
N LEU A 78 -10.70 2.68 -9.86
CA LEU A 78 -10.96 1.25 -9.70
C LEU A 78 -12.32 1.01 -9.06
N LYS A 79 -13.37 1.02 -9.88
CA LYS A 79 -14.72 0.79 -9.38
C LYS A 79 -15.06 -0.70 -9.39
N ASN A 80 -14.94 -1.33 -10.55
CA ASN A 80 -15.23 -2.75 -10.69
C ASN A 80 -14.23 -3.59 -9.91
N CYS A 81 -13.00 -3.11 -9.83
CA CYS A 81 -11.95 -3.82 -9.11
C CYS A 81 -11.87 -3.34 -7.67
N GLY A 82 -11.95 -4.29 -6.73
CA GLY A 82 -11.89 -3.95 -5.32
C GLY A 82 -12.68 -2.69 -4.99
N ASP A 83 -12.33 -2.06 -3.88
CA ASP A 83 -13.02 -0.85 -3.45
C ASP A 83 -12.11 -0.01 -2.55
N VAL A 84 -12.51 1.25 -2.32
CA VAL A 84 -11.75 2.14 -1.47
C VAL A 84 -11.23 1.43 -0.23
N ASN A 85 -12.00 0.44 0.23
CA ASN A 85 -11.61 -0.33 1.41
C ASN A 85 -10.24 -0.96 1.24
N CYS A 86 -10.09 -1.76 0.18
CA CYS A 86 -8.82 -2.42 -0.09
C CYS A 86 -7.77 -1.41 -0.56
N ILE A 87 -8.18 -0.51 -1.44
CA ILE A 87 -7.27 0.51 -1.95
C ILE A 87 -6.32 1.01 -0.87
N GLY A 88 -6.88 1.33 0.30
CA GLY A 88 -6.07 1.82 1.40
C GLY A 88 -5.01 0.83 1.81
N ARG A 89 -5.38 -0.45 1.89
CA ARG A 89 -4.44 -1.50 2.28
C ARG A 89 -3.25 -1.55 1.31
N ILE A 90 -3.55 -1.55 0.02
CA ILE A 90 -2.50 -1.61 -1.00
C ILE A 90 -1.70 -0.31 -1.02
N HIS A 91 -2.40 0.80 -1.23
CA HIS A 91 -1.74 2.11 -1.27
C HIS A 91 -0.84 2.31 -0.07
N THR A 92 -1.41 2.14 1.13
CA THR A 92 -0.67 2.32 2.37
C THR A 92 0.61 1.48 2.35
N TYR A 93 0.45 0.16 2.38
CA TYR A 93 1.59 -0.74 2.38
C TYR A 93 2.71 -0.20 1.50
N LEU A 94 2.46 -0.16 0.19
CA LEU A 94 3.45 0.33 -0.76
C LEU A 94 4.07 1.64 -0.27
N GLU A 95 3.27 2.44 0.42
CA GLU A 95 3.74 3.72 0.94
C GLU A 95 4.63 3.52 2.17
N LEU A 96 4.37 2.44 2.91
CA LEU A 96 5.15 2.13 4.10
C LEU A 96 6.51 1.55 3.73
N ILE A 97 6.57 0.87 2.59
CA ILE A 97 7.80 0.27 2.12
C ILE A 97 8.63 1.27 1.30
N GLY A 98 7.96 2.29 0.78
CA GLY A 98 8.64 3.31 0.00
C GLY A 98 8.36 3.18 -1.48
N ALA A 99 8.01 1.98 -1.92
CA ALA A 99 7.72 1.72 -3.32
C ALA A 99 7.07 2.94 -3.98
N ILE A 100 6.24 3.64 -3.21
CA ILE A 100 5.55 4.82 -3.71
C ILE A 100 5.62 5.96 -2.70
N ASN A 101 5.64 7.19 -3.21
CA ASN A 101 5.70 8.37 -2.36
C ASN A 101 6.70 8.17 -1.22
N PHE A 102 7.93 7.82 -1.58
CA PHE A 102 8.99 7.60 -0.59
C PHE A 102 9.43 8.91 0.03
N GLY A 103 9.64 8.91 1.34
CA GLY A 103 10.07 10.10 2.03
C GLY A 103 9.32 11.34 1.58
N CYS A 104 8.23 11.64 2.27
CA CYS A 104 7.42 12.81 1.93
C CYS A 104 6.48 13.17 3.07
N GLU A 105 6.43 14.45 3.42
CA GLU A 105 5.58 14.93 4.50
C GLU A 105 4.14 14.44 4.31
N GLN A 106 3.74 14.31 3.05
CA GLN A 106 2.39 13.86 2.73
C GLN A 106 2.20 12.40 3.12
N ALA A 107 3.28 11.64 3.08
CA ALA A 107 3.25 10.22 3.43
C ALA A 107 2.34 9.97 4.63
N VAL A 108 1.89 8.74 4.79
CA VAL A 108 1.01 8.37 5.89
C VAL A 108 1.81 8.05 7.15
N TYR A 109 3.13 7.97 7.00
CA TYR A 109 4.01 7.67 8.12
C TYR A 109 4.77 8.91 8.57
N ASN A 110 4.78 9.93 7.71
CA ASN A 110 5.48 11.17 8.01
C ASN A 110 4.63 12.06 8.94
N ARG A 111 3.33 12.08 8.69
CA ARG A 111 2.42 12.88 9.50
C ARG A 111 1.80 12.05 10.61
N GLY A 1 -12.47 -15.02 31.01
CA GLY A 1 -12.24 -13.62 30.66
C GLY A 1 -12.17 -13.40 29.16
N SER A 2 -12.03 -12.14 28.76
CA SER A 2 -11.96 -11.80 27.34
C SER A 2 -10.66 -11.05 27.04
N SER A 3 -10.33 -10.08 27.88
CA SER A 3 -9.12 -9.29 27.70
C SER A 3 -9.02 -8.79 26.26
N GLY A 4 -10.14 -8.35 25.71
CA GLY A 4 -10.15 -7.85 24.34
C GLY A 4 -10.22 -6.35 24.27
N SER A 5 -9.36 -5.68 25.03
CA SER A 5 -9.34 -4.21 25.06
C SER A 5 -8.51 -3.66 23.90
N SER A 6 -9.05 -2.66 23.21
CA SER A 6 -8.36 -2.04 22.09
C SER A 6 -8.75 -0.57 21.95
N GLY A 7 -8.11 0.12 21.02
CA GLY A 7 -8.40 1.52 20.80
C GLY A 7 -8.17 1.95 19.37
N HIS A 8 -8.54 3.19 19.05
CA HIS A 8 -8.38 3.71 17.70
C HIS A 8 -7.03 4.40 17.55
N GLU A 9 -6.05 3.66 17.05
CA GLU A 9 -4.71 4.20 16.85
C GLU A 9 -3.85 3.24 16.04
N GLU A 10 -2.88 3.78 15.33
CA GLU A 10 -1.97 2.98 14.51
C GLU A 10 -0.52 3.30 14.81
N GLU A 11 0.00 2.70 15.88
CA GLU A 11 1.38 2.93 16.28
C GLU A 11 2.34 2.08 15.44
N GLU A 12 2.00 0.80 15.27
CA GLU A 12 2.82 -0.11 14.50
C GLU A 12 3.44 0.60 13.29
N LEU A 13 2.64 1.45 12.65
CA LEU A 13 3.11 2.21 11.48
C LEU A 13 4.59 2.58 11.64
N LYS A 14 5.29 2.63 10.51
CA LYS A 14 6.71 2.98 10.52
C LYS A 14 7.19 3.31 9.10
N PRO A 15 7.94 4.42 8.98
CA PRO A 15 8.48 4.87 7.70
C PRO A 15 9.57 3.95 7.18
N PRO A 16 9.70 3.87 5.84
CA PRO A 16 10.71 3.03 5.18
C PRO A 16 12.12 3.56 5.38
N GLU A 17 13.10 2.66 5.34
CA GLU A 17 14.49 3.04 5.52
C GLU A 17 15.14 3.38 4.17
N GLN A 18 14.65 2.76 3.11
CA GLN A 18 15.17 2.99 1.77
C GLN A 18 14.23 2.43 0.71
N GLU A 19 14.20 3.08 -0.45
CA GLU A 19 13.35 2.64 -1.55
C GLU A 19 13.64 1.19 -1.94
N ILE A 20 12.61 0.37 -1.94
CA ILE A 20 12.76 -1.04 -2.29
C ILE A 20 12.39 -1.29 -3.75
N GLU A 21 12.41 -2.56 -4.14
CA GLU A 21 12.08 -2.93 -5.51
C GLU A 21 10.80 -3.76 -5.57
N ILE A 22 9.88 -3.38 -6.44
CA ILE A 22 8.61 -4.09 -6.59
C ILE A 22 8.44 -4.61 -8.01
N ASP A 23 7.81 -5.77 -8.14
CA ASP A 23 7.56 -6.37 -9.44
C ASP A 23 6.07 -6.40 -9.76
N ARG A 24 5.67 -5.68 -10.80
CA ARG A 24 4.28 -5.63 -11.20
C ARG A 24 3.82 -6.97 -11.78
N ASN A 25 4.78 -7.88 -11.98
CA ASN A 25 4.47 -9.19 -12.52
C ASN A 25 4.83 -10.29 -11.54
N ILE A 26 5.37 -9.89 -10.38
CA ILE A 26 5.74 -10.84 -9.35
C ILE A 26 5.30 -10.36 -7.97
N ILE A 27 4.84 -11.30 -7.15
CA ILE A 27 4.39 -10.98 -5.80
C ILE A 27 5.19 -11.72 -4.74
N GLN A 28 6.18 -11.05 -4.17
CA GLN A 28 7.02 -11.65 -3.15
C GLN A 28 6.34 -11.63 -1.79
N GLU A 29 6.60 -12.65 -0.97
CA GLU A 29 6.01 -12.74 0.36
C GLU A 29 5.96 -11.37 1.02
N GLU A 30 6.97 -10.55 0.76
CA GLU A 30 7.04 -9.21 1.34
C GLU A 30 5.68 -8.53 1.30
N GLU A 31 5.02 -8.59 0.16
CA GLU A 31 3.70 -7.98 -0.01
C GLU A 31 2.61 -8.86 0.60
N LYS A 32 2.73 -10.17 0.38
CA LYS A 32 1.75 -11.13 0.90
C LYS A 32 1.59 -10.96 2.41
N GLN A 33 2.63 -10.46 3.06
CA GLN A 33 2.59 -10.24 4.50
C GLN A 33 1.82 -8.98 4.84
N ALA A 34 1.73 -8.06 3.90
CA ALA A 34 1.02 -6.81 4.10
C ALA A 34 -0.33 -6.83 3.40
N ILE A 35 -0.51 -7.78 2.50
CA ILE A 35 -1.76 -7.90 1.76
C ILE A 35 -2.29 -9.34 1.81
N PRO A 36 -2.28 -9.92 3.01
CA PRO A 36 -2.76 -11.29 3.23
C PRO A 36 -4.27 -11.41 3.09
N GLU A 37 -4.95 -10.26 3.09
CA GLU A 37 -6.40 -10.23 2.96
C GLU A 37 -6.84 -10.76 1.59
N PHE A 38 -5.88 -10.85 0.67
CA PHE A 38 -6.17 -11.34 -0.67
C PHE A 38 -5.78 -12.81 -0.81
N PHE A 39 -4.69 -13.19 -0.16
CA PHE A 39 -4.20 -14.57 -0.21
C PHE A 39 -4.70 -15.36 1.00
N GLU A 40 -5.78 -14.88 1.61
CA GLU A 40 -6.35 -15.54 2.78
C GLU A 40 -6.93 -16.90 2.40
N GLY A 41 -7.03 -17.15 1.09
CA GLY A 41 -7.58 -18.41 0.62
C GLY A 41 -8.96 -18.25 0.02
N ARG A 42 -9.78 -17.43 0.67
CA ARG A 42 -11.15 -17.19 0.20
C ARG A 42 -11.18 -17.05 -1.32
N GLN A 43 -12.24 -17.57 -1.94
CA GLN A 43 -12.39 -17.51 -3.38
C GLN A 43 -12.70 -16.09 -3.83
N ALA A 44 -13.53 -15.39 -3.06
CA ALA A 44 -13.90 -14.03 -3.38
C ALA A 44 -12.66 -13.13 -3.54
N LYS A 45 -11.66 -13.38 -2.71
CA LYS A 45 -10.43 -12.60 -2.76
C LYS A 45 -9.31 -13.41 -3.43
N THR A 46 -8.92 -12.98 -4.62
CA THR A 46 -7.86 -13.66 -5.37
C THR A 46 -6.62 -12.80 -5.47
N PRO A 47 -5.45 -13.44 -5.55
CA PRO A 47 -4.16 -12.75 -5.65
C PRO A 47 -3.98 -12.07 -7.01
N GLU A 48 -4.56 -12.66 -8.04
CA GLU A 48 -4.46 -12.11 -9.39
C GLU A 48 -5.16 -10.75 -9.47
N ARG A 49 -6.15 -10.55 -8.60
CA ARG A 49 -6.91 -9.30 -8.58
C ARG A 49 -6.10 -8.18 -7.93
N TYR A 50 -5.50 -8.48 -6.79
CA TYR A 50 -4.69 -7.50 -6.06
C TYR A 50 -3.68 -6.84 -6.99
N LEU A 51 -3.14 -7.62 -7.92
CA LEU A 51 -2.16 -7.12 -8.88
C LEU A 51 -2.74 -5.97 -9.70
N LYS A 52 -3.94 -6.17 -10.22
CA LYS A 52 -4.61 -5.16 -11.03
C LYS A 52 -4.53 -3.80 -10.37
N ILE A 53 -4.95 -3.73 -9.10
CA ILE A 53 -4.91 -2.49 -8.35
C ILE A 53 -3.49 -1.99 -8.15
N ARG A 54 -2.64 -2.85 -7.58
CA ARG A 54 -1.25 -2.51 -7.34
C ARG A 54 -0.63 -1.83 -8.56
N ASN A 55 -0.56 -2.57 -9.66
CA ASN A 55 0.00 -2.04 -10.90
C ASN A 55 -0.46 -0.61 -11.14
N TYR A 56 -1.77 -0.38 -11.02
CA TYR A 56 -2.34 0.94 -11.23
C TYR A 56 -1.69 1.96 -10.30
N ILE A 57 -1.67 1.66 -9.01
CA ILE A 57 -1.08 2.56 -8.02
C ILE A 57 0.37 2.89 -8.38
N LEU A 58 1.14 1.87 -8.74
CA LEU A 58 2.54 2.06 -9.12
C LEU A 58 2.66 2.91 -10.37
N ASP A 59 1.74 2.70 -11.32
CA ASP A 59 1.74 3.46 -12.55
C ASP A 59 1.40 4.92 -12.31
N GLN A 60 0.36 5.16 -11.53
CA GLN A 60 -0.07 6.52 -11.21
C GLN A 60 1.05 7.29 -10.54
N TRP A 61 1.71 6.66 -9.58
CA TRP A 61 2.81 7.29 -8.85
C TRP A 61 3.78 7.98 -9.81
N GLU A 62 4.18 7.25 -10.85
CA GLU A 62 5.10 7.79 -11.84
C GLU A 62 4.41 8.82 -12.74
N ILE A 63 3.10 8.69 -12.87
CA ILE A 63 2.32 9.61 -13.68
C ILE A 63 2.24 10.99 -13.03
N CYS A 64 2.48 11.03 -11.73
CA CYS A 64 2.44 12.29 -10.99
C CYS A 64 3.83 12.71 -10.55
N LYS A 65 4.65 11.73 -10.19
CA LYS A 65 6.02 12.00 -9.75
C LYS A 65 6.65 13.11 -10.58
N PRO A 66 7.64 13.79 -9.99
CA PRO A 66 8.11 13.50 -8.63
C PRO A 66 7.08 13.90 -7.57
N LYS A 67 6.00 14.52 -8.02
CA LYS A 67 4.93 14.96 -7.11
C LYS A 67 4.40 13.78 -6.30
N TYR A 68 3.98 14.05 -5.08
CA TYR A 68 3.44 13.01 -4.21
C TYR A 68 2.08 12.55 -4.68
N LEU A 69 1.87 11.24 -4.73
CA LEU A 69 0.60 10.66 -5.17
C LEU A 69 -0.23 10.23 -3.98
N ASN A 70 -1.40 10.86 -3.82
CA ASN A 70 -2.30 10.53 -2.72
C ASN A 70 -3.10 9.27 -3.03
N LYS A 71 -3.48 8.55 -1.98
CA LYS A 71 -4.25 7.32 -2.13
C LYS A 71 -5.63 7.61 -2.72
N THR A 72 -6.21 8.74 -2.30
CA THR A 72 -7.53 9.14 -2.79
C THR A 72 -7.51 9.40 -4.29
N SER A 73 -6.32 9.65 -4.83
CA SER A 73 -6.17 9.94 -6.25
C SER A 73 -6.38 8.66 -7.07
N VAL A 74 -6.12 7.51 -6.45
CA VAL A 74 -6.29 6.23 -7.12
C VAL A 74 -7.62 5.59 -6.76
N ARG A 75 -8.33 6.20 -5.81
CA ARG A 75 -9.63 5.68 -5.38
C ARG A 75 -10.62 5.64 -6.54
N PRO A 76 -10.88 6.81 -7.13
CA PRO A 76 -11.81 6.94 -8.26
C PRO A 76 -11.26 6.30 -9.54
N GLY A 77 -9.99 5.93 -9.50
CA GLY A 77 -9.37 5.32 -10.66
C GLY A 77 -9.74 3.86 -10.82
N LEU A 78 -9.92 3.17 -9.69
CA LEU A 78 -10.28 1.76 -9.70
C LEU A 78 -11.42 1.48 -8.74
N LYS A 79 -12.63 1.85 -9.15
CA LYS A 79 -13.82 1.64 -8.33
C LYS A 79 -14.46 0.29 -8.63
N ASN A 80 -14.77 0.06 -9.90
CA ASN A 80 -15.39 -1.19 -10.32
C ASN A 80 -14.61 -2.39 -9.79
N CYS A 81 -13.28 -2.28 -9.78
CA CYS A 81 -12.42 -3.34 -9.29
C CYS A 81 -11.94 -3.07 -7.88
N GLY A 82 -12.26 -3.97 -6.96
CA GLY A 82 -11.86 -3.79 -5.57
C GLY A 82 -12.78 -2.87 -4.82
N ASP A 83 -12.53 -2.70 -3.53
CA ASP A 83 -13.34 -1.83 -2.69
C ASP A 83 -12.51 -0.70 -2.11
N VAL A 84 -13.18 0.24 -1.45
CA VAL A 84 -12.50 1.39 -0.85
C VAL A 84 -11.47 0.94 0.19
N ASN A 85 -11.70 -0.24 0.77
CA ASN A 85 -10.79 -0.79 1.76
C ASN A 85 -9.53 -1.34 1.11
N CYS A 86 -9.70 -2.33 0.23
CA CYS A 86 -8.57 -2.94 -0.46
C CYS A 86 -7.71 -1.88 -1.13
N ILE A 87 -8.35 -0.97 -1.86
CA ILE A 87 -7.63 0.09 -2.55
C ILE A 87 -6.63 0.77 -1.63
N GLY A 88 -7.14 1.43 -0.59
CA GLY A 88 -6.26 2.11 0.36
C GLY A 88 -5.24 1.18 0.97
N ARG A 89 -5.68 -0.01 1.38
CA ARG A 89 -4.79 -0.98 1.99
C ARG A 89 -3.51 -1.17 1.16
N ILE A 90 -3.69 -1.41 -0.14
CA ILE A 90 -2.56 -1.59 -1.04
C ILE A 90 -1.71 -0.34 -1.11
N HIS A 91 -2.33 0.77 -1.52
CA HIS A 91 -1.62 2.04 -1.64
C HIS A 91 -0.78 2.31 -0.39
N THR A 92 -1.44 2.33 0.76
CA THR A 92 -0.75 2.58 2.03
C THR A 92 0.50 1.71 2.15
N TYR A 93 0.29 0.41 2.28
CA TYR A 93 1.40 -0.53 2.41
C TYR A 93 2.55 -0.13 1.49
N LEU A 94 2.31 -0.20 0.19
CA LEU A 94 3.33 0.14 -0.80
C LEU A 94 4.04 1.44 -0.42
N GLU A 95 3.32 2.32 0.27
CA GLU A 95 3.88 3.60 0.70
C GLU A 95 4.74 3.43 1.95
N LEU A 96 4.34 2.50 2.81
CA LEU A 96 5.07 2.24 4.05
C LEU A 96 6.40 1.55 3.75
N ILE A 97 6.42 0.73 2.70
CA ILE A 97 7.63 0.02 2.31
C ILE A 97 8.59 0.93 1.55
N GLY A 98 8.04 2.01 0.98
CA GLY A 98 8.86 2.94 0.23
C GLY A 98 8.67 2.81 -1.26
N ALA A 99 8.25 1.64 -1.71
CA ALA A 99 8.02 1.39 -3.12
C ALA A 99 7.51 2.64 -3.83
N ILE A 100 6.56 3.32 -3.19
CA ILE A 100 5.99 4.54 -3.76
C ILE A 100 6.09 5.70 -2.77
N ASN A 101 6.04 6.92 -3.31
CA ASN A 101 6.13 8.11 -2.47
C ASN A 101 7.21 7.97 -1.41
N PHE A 102 8.42 7.62 -1.86
CA PHE A 102 9.54 7.44 -0.94
C PHE A 102 10.05 8.79 -0.43
N GLY A 103 10.47 8.81 0.83
CA GLY A 103 10.97 10.04 1.42
C GLY A 103 10.17 11.26 1.00
N CYS A 104 9.05 11.49 1.67
CA CYS A 104 8.19 12.63 1.35
C CYS A 104 7.46 13.12 2.60
N GLU A 105 7.89 14.25 3.13
CA GLU A 105 7.27 14.82 4.31
C GLU A 105 5.75 14.63 4.29
N GLN A 106 5.19 14.59 3.09
CA GLN A 106 3.75 14.41 2.92
C GLN A 106 3.40 12.93 2.80
N ALA A 107 3.99 12.11 3.67
CA ALA A 107 3.73 10.67 3.65
C ALA A 107 2.82 10.26 4.80
N VAL A 108 1.98 9.27 4.56
CA VAL A 108 1.05 8.78 5.58
C VAL A 108 1.80 8.36 6.83
N TYR A 109 2.96 7.74 6.65
CA TYR A 109 3.77 7.28 7.78
C TYR A 109 4.37 8.46 8.53
N ASN A 110 4.83 9.46 7.78
CA ASN A 110 5.44 10.64 8.37
C ASN A 110 4.47 11.31 9.36
N ARG A 111 3.21 11.40 8.96
CA ARG A 111 2.19 12.01 9.80
C ARG A 111 2.46 11.73 11.28
N GLY A 1 12.13 -20.66 27.48
CA GLY A 1 11.63 -19.59 26.63
C GLY A 1 10.62 -18.71 27.34
N SER A 2 11.08 -17.59 27.88
CA SER A 2 10.21 -16.67 28.60
C SER A 2 10.73 -15.23 28.47
N SER A 3 9.85 -14.32 28.06
CA SER A 3 10.22 -12.93 27.91
C SER A 3 8.98 -12.04 27.79
N GLY A 4 9.19 -10.74 27.73
CA GLY A 4 8.08 -9.81 27.62
C GLY A 4 8.41 -8.59 26.79
N SER A 5 7.39 -7.87 26.35
CA SER A 5 7.59 -6.68 25.53
C SER A 5 6.42 -5.70 25.69
N SER A 6 6.74 -4.43 25.91
CA SER A 6 5.72 -3.41 26.08
C SER A 6 6.13 -2.10 25.41
N GLY A 7 5.22 -1.14 25.37
CA GLY A 7 5.51 0.14 24.75
C GLY A 7 4.36 0.65 23.93
N HIS A 8 3.79 1.78 24.33
CA HIS A 8 2.67 2.38 23.62
C HIS A 8 3.16 3.23 22.45
N GLU A 9 4.17 2.74 21.74
CA GLU A 9 4.73 3.45 20.61
C GLU A 9 4.10 2.98 19.30
N GLU A 10 4.43 3.66 18.20
CA GLU A 10 3.90 3.31 16.90
C GLU A 10 4.70 2.17 16.28
N GLU A 11 5.04 1.18 17.10
CA GLU A 11 5.80 0.03 16.62
C GLU A 11 5.10 -0.65 15.44
N GLU A 12 3.82 -0.95 15.63
CA GLU A 12 3.03 -1.59 14.58
C GLU A 12 3.46 -1.10 13.19
N LEU A 13 3.53 0.21 13.04
CA LEU A 13 3.93 0.81 11.77
C LEU A 13 5.40 1.21 11.79
N LYS A 14 5.95 1.49 10.61
CA LYS A 14 7.35 1.89 10.49
C LYS A 14 7.64 2.44 9.10
N PRO A 15 8.34 3.58 9.05
CA PRO A 15 8.70 4.23 7.79
C PRO A 15 9.75 3.45 7.01
N PRO A 16 9.71 3.56 5.67
CA PRO A 16 10.65 2.87 4.79
C PRO A 16 12.06 3.44 4.89
N GLU A 17 13.06 2.57 4.73
CA GLU A 17 14.46 2.98 4.81
C GLU A 17 14.91 3.59 3.49
N GLN A 18 14.51 2.97 2.39
CA GLN A 18 14.88 3.44 1.06
C GLN A 18 13.96 2.86 -0.01
N GLU A 19 13.63 3.68 -1.01
CA GLU A 19 12.76 3.23 -2.09
C GLU A 19 13.11 1.83 -2.54
N ILE A 20 12.16 0.91 -2.41
CA ILE A 20 12.37 -0.48 -2.82
C ILE A 20 11.87 -0.72 -4.23
N GLU A 21 11.94 -1.98 -4.67
CA GLU A 21 11.49 -2.35 -6.00
C GLU A 21 10.30 -3.30 -5.94
N ILE A 22 9.43 -3.22 -6.93
CA ILE A 22 8.24 -4.08 -6.99
C ILE A 22 7.99 -4.58 -8.40
N ASP A 23 7.82 -5.89 -8.53
CA ASP A 23 7.58 -6.50 -9.84
C ASP A 23 6.08 -6.58 -10.12
N ARG A 24 5.65 -5.93 -11.20
CA ARG A 24 4.23 -5.92 -11.58
C ARG A 24 3.85 -7.25 -12.22
N ASN A 25 4.80 -8.16 -12.30
CA ASN A 25 4.55 -9.48 -12.89
C ASN A 25 5.03 -10.59 -11.96
N ILE A 26 5.53 -10.22 -10.80
CA ILE A 26 6.02 -11.18 -9.83
C ILE A 26 5.59 -10.80 -8.41
N ILE A 27 4.98 -11.74 -7.70
CA ILE A 27 4.52 -11.50 -6.34
C ILE A 27 5.47 -12.13 -5.33
N GLN A 28 6.35 -11.31 -4.76
CA GLN A 28 7.32 -11.78 -3.79
C GLN A 28 6.71 -11.78 -2.38
N GLU A 29 7.14 -12.73 -1.56
CA GLU A 29 6.63 -12.83 -0.19
C GLU A 29 6.50 -11.45 0.45
N GLU A 30 7.39 -10.55 0.07
CA GLU A 30 7.38 -9.19 0.60
C GLU A 30 5.96 -8.61 0.57
N GLU A 31 5.28 -8.78 -0.57
CA GLU A 31 3.92 -8.28 -0.72
C GLU A 31 2.91 -9.21 -0.06
N LYS A 32 3.28 -10.48 0.06
CA LYS A 32 2.41 -11.47 0.68
C LYS A 32 2.32 -11.26 2.18
N GLN A 33 3.37 -10.67 2.75
CA GLN A 33 3.41 -10.41 4.18
C GLN A 33 2.63 -9.16 4.54
N ALA A 34 2.35 -8.33 3.54
CA ALA A 34 1.61 -7.10 3.74
C ALA A 34 0.20 -7.20 3.14
N ILE A 35 0.04 -8.09 2.18
CA ILE A 35 -1.25 -8.28 1.53
C ILE A 35 -1.63 -9.77 1.51
N PRO A 36 -1.45 -10.44 2.66
CA PRO A 36 -1.77 -11.86 2.79
C PRO A 36 -3.28 -12.12 2.77
N GLU A 37 -4.05 -11.14 3.23
CA GLU A 37 -5.50 -11.26 3.27
C GLU A 37 -6.06 -11.52 1.87
N PHE A 38 -5.21 -11.35 0.87
CA PHE A 38 -5.61 -11.56 -0.53
C PHE A 38 -5.20 -12.95 -1.00
N PHE A 39 -4.32 -13.59 -0.25
CA PHE A 39 -3.85 -14.93 -0.59
C PHE A 39 -4.51 -15.98 0.29
N GLU A 40 -5.06 -15.54 1.42
CA GLU A 40 -5.71 -16.45 2.35
C GLU A 40 -6.56 -17.48 1.62
N GLY A 41 -7.34 -17.01 0.65
CA GLY A 41 -8.19 -17.90 -0.12
C GLY A 41 -9.64 -17.45 -0.14
N ARG A 42 -9.85 -16.14 -0.02
CA ARG A 42 -11.19 -15.58 -0.04
C ARG A 42 -11.63 -15.25 -1.46
N GLN A 43 -12.94 -15.27 -1.69
CA GLN A 43 -13.50 -14.97 -3.00
C GLN A 43 -13.36 -13.48 -3.32
N ALA A 44 -13.69 -12.64 -2.35
CA ALA A 44 -13.61 -11.19 -2.53
C ALA A 44 -12.16 -10.75 -2.69
N LYS A 45 -11.27 -11.31 -1.89
CA LYS A 45 -9.85 -10.98 -1.95
C LYS A 45 -9.07 -12.04 -2.71
N THR A 46 -8.58 -11.68 -3.90
CA THR A 46 -7.82 -12.60 -4.72
C THR A 46 -6.44 -12.04 -5.05
N PRO A 47 -5.47 -12.93 -5.28
CA PRO A 47 -4.09 -12.55 -5.60
C PRO A 47 -3.98 -11.94 -6.99
N GLU A 48 -4.86 -12.37 -7.90
CA GLU A 48 -4.85 -11.85 -9.26
C GLU A 48 -5.40 -10.44 -9.32
N ARG A 49 -6.44 -10.18 -8.53
CA ARG A 49 -7.07 -8.86 -8.48
C ARG A 49 -6.17 -7.87 -7.76
N TYR A 50 -5.56 -8.31 -6.66
CA TYR A 50 -4.69 -7.45 -5.86
C TYR A 50 -3.57 -6.87 -6.73
N LEU A 51 -3.14 -7.64 -7.72
CA LEU A 51 -2.08 -7.20 -8.62
C LEU A 51 -2.55 -6.04 -9.49
N LYS A 52 -3.77 -6.15 -10.01
CA LYS A 52 -4.34 -5.11 -10.86
C LYS A 52 -4.42 -3.79 -10.12
N ILE A 53 -5.07 -3.80 -8.96
CA ILE A 53 -5.21 -2.60 -8.15
C ILE A 53 -3.86 -1.97 -7.85
N ARG A 54 -2.92 -2.78 -7.40
CA ARG A 54 -1.58 -2.31 -7.07
C ARG A 54 -0.88 -1.76 -8.32
N ASN A 55 -0.57 -2.65 -9.25
CA ASN A 55 0.10 -2.25 -10.49
C ASN A 55 -0.43 -0.91 -10.99
N TYR A 56 -1.72 -0.68 -10.78
CA TYR A 56 -2.36 0.56 -11.20
C TYR A 56 -1.83 1.75 -10.41
N ILE A 57 -1.75 1.59 -9.09
CA ILE A 57 -1.26 2.64 -8.22
C ILE A 57 0.19 3.00 -8.55
N LEU A 58 1.04 1.99 -8.64
CA LEU A 58 2.44 2.20 -8.96
C LEU A 58 2.61 3.05 -10.22
N ASP A 59 1.90 2.68 -11.27
CA ASP A 59 1.95 3.41 -12.53
C ASP A 59 1.67 4.89 -12.31
N GLN A 60 0.57 5.18 -11.62
CA GLN A 60 0.18 6.56 -11.34
C GLN A 60 1.26 7.27 -10.53
N TRP A 61 1.81 6.58 -9.53
CA TRP A 61 2.84 7.15 -8.68
C TRP A 61 3.93 7.81 -9.51
N GLU A 62 4.40 7.09 -10.54
CA GLU A 62 5.44 7.62 -11.42
C GLU A 62 4.90 8.74 -12.30
N ILE A 63 3.65 8.60 -12.71
CA ILE A 63 3.01 9.60 -13.56
C ILE A 63 3.05 10.98 -12.91
N CYS A 64 3.12 11.00 -11.58
CA CYS A 64 3.17 12.25 -10.84
C CYS A 64 4.55 12.49 -10.25
N LYS A 65 5.21 11.41 -9.85
CA LYS A 65 6.54 11.50 -9.27
C LYS A 65 7.38 12.55 -9.98
N PRO A 66 8.39 13.09 -9.28
CA PRO A 66 8.67 12.72 -7.89
C PRO A 66 7.59 13.19 -6.93
N LYS A 67 6.71 14.06 -7.42
CA LYS A 67 5.63 14.59 -6.59
C LYS A 67 4.89 13.48 -5.88
N TYR A 68 4.22 13.83 -4.79
CA TYR A 68 3.46 12.85 -4.00
C TYR A 68 2.24 12.36 -4.77
N LEU A 69 1.61 11.31 -4.25
CA LEU A 69 0.42 10.75 -4.89
C LEU A 69 -0.67 10.46 -3.86
N ASN A 70 -1.88 10.92 -4.15
CA ASN A 70 -3.00 10.71 -3.24
C ASN A 70 -3.80 9.47 -3.64
N LYS A 71 -4.21 8.69 -2.64
CA LYS A 71 -4.98 7.47 -2.89
C LYS A 71 -6.35 7.80 -3.47
N THR A 72 -6.79 9.04 -3.26
CA THR A 72 -8.09 9.49 -3.77
C THR A 72 -8.09 9.54 -5.30
N SER A 73 -6.89 9.63 -5.88
CA SER A 73 -6.76 9.69 -7.33
C SER A 73 -7.03 8.32 -7.97
N VAL A 74 -6.69 7.26 -7.23
CA VAL A 74 -6.89 5.91 -7.72
C VAL A 74 -8.16 5.29 -7.13
N ARG A 75 -8.56 5.79 -5.96
CA ARG A 75 -9.75 5.29 -5.28
C ARG A 75 -10.91 5.14 -6.27
N PRO A 76 -11.30 6.25 -6.91
CA PRO A 76 -12.39 6.27 -7.88
C PRO A 76 -12.03 5.54 -9.17
N GLY A 77 -10.82 5.78 -9.66
CA GLY A 77 -10.36 5.14 -10.88
C GLY A 77 -10.82 3.70 -10.98
N LEU A 78 -10.67 2.94 -9.91
CA LEU A 78 -11.07 1.55 -9.88
C LEU A 78 -12.16 1.31 -8.83
N LYS A 79 -13.41 1.31 -9.28
CA LYS A 79 -14.54 1.10 -8.38
C LYS A 79 -15.09 -0.33 -8.52
N ASN A 80 -14.90 -0.91 -9.70
CA ASN A 80 -15.38 -2.26 -9.97
C ASN A 80 -14.38 -3.30 -9.45
N CYS A 81 -13.10 -3.05 -9.71
CA CYS A 81 -12.05 -3.96 -9.27
C CYS A 81 -11.42 -3.49 -7.96
N GLY A 82 -12.14 -3.67 -6.86
CA GLY A 82 -11.64 -3.24 -5.57
C GLY A 82 -12.34 -1.99 -5.05
N ASP A 83 -12.47 -1.90 -3.73
CA ASP A 83 -13.12 -0.75 -3.11
C ASP A 83 -12.22 -0.12 -2.05
N VAL A 84 -12.61 1.05 -1.57
CA VAL A 84 -11.84 1.76 -0.54
C VAL A 84 -11.24 0.78 0.45
N ASN A 85 -11.94 -0.32 0.71
CA ASN A 85 -11.48 -1.34 1.65
C ASN A 85 -10.05 -1.76 1.32
N CYS A 86 -9.84 -2.21 0.08
CA CYS A 86 -8.53 -2.65 -0.37
C CYS A 86 -7.65 -1.45 -0.73
N ILE A 87 -8.20 -0.53 -1.51
CA ILE A 87 -7.47 0.65 -1.93
C ILE A 87 -6.55 1.16 -0.83
N GLY A 88 -7.15 1.42 0.33
CA GLY A 88 -6.37 1.92 1.46
C GLY A 88 -5.22 0.99 1.82
N ARG A 89 -5.50 -0.30 1.85
CA ARG A 89 -4.49 -1.29 2.19
C ARG A 89 -3.35 -1.27 1.16
N ILE A 90 -3.67 -1.64 -0.07
CA ILE A 90 -2.68 -1.66 -1.14
C ILE A 90 -1.91 -0.36 -1.20
N HIS A 91 -2.63 0.75 -1.32
CA HIS A 91 -2.00 2.07 -1.39
C HIS A 91 -1.11 2.31 -0.17
N THR A 92 -1.70 2.22 1.02
CA THR A 92 -0.96 2.43 2.25
C THR A 92 0.31 1.57 2.29
N TYR A 93 0.12 0.26 2.26
CA TYR A 93 1.24 -0.68 2.30
C TYR A 93 2.39 -0.18 1.42
N LEU A 94 2.17 -0.18 0.12
CA LEU A 94 3.19 0.28 -0.83
C LEU A 94 3.83 1.58 -0.35
N GLU A 95 3.05 2.39 0.37
CA GLU A 95 3.54 3.66 0.89
C GLU A 95 4.45 3.45 2.09
N LEU A 96 4.16 2.42 2.87
CA LEU A 96 4.95 2.11 4.05
C LEU A 96 6.30 1.52 3.67
N ILE A 97 6.32 0.73 2.59
CA ILE A 97 7.55 0.12 2.12
C ILE A 97 8.41 1.12 1.36
N GLY A 98 7.77 2.16 0.84
CA GLY A 98 8.49 3.18 0.09
C GLY A 98 8.25 3.09 -1.40
N ALA A 99 7.94 1.88 -1.87
CA ALA A 99 7.68 1.67 -3.29
C ALA A 99 7.02 2.88 -3.92
N ILE A 100 6.14 3.52 -3.17
CA ILE A 100 5.42 4.70 -3.65
C ILE A 100 5.48 5.84 -2.64
N ASN A 101 5.47 7.07 -3.13
CA ASN A 101 5.52 8.24 -2.27
C ASN A 101 6.65 8.13 -1.25
N PHE A 102 7.81 7.67 -1.72
CA PHE A 102 8.97 7.51 -0.84
C PHE A 102 9.38 8.84 -0.24
N GLY A 103 9.68 8.84 1.06
CA GLY A 103 10.09 10.05 1.74
C GLY A 103 9.32 11.27 1.26
N CYS A 104 8.21 11.57 1.92
CA CYS A 104 7.38 12.72 1.55
C CYS A 104 6.57 13.21 2.74
N GLU A 105 6.53 14.52 2.92
CA GLU A 105 5.79 15.12 4.03
C GLU A 105 4.33 14.68 3.99
N GLN A 106 3.83 14.38 2.79
CA GLN A 106 2.45 13.96 2.62
C GLN A 106 2.32 12.45 2.77
N ALA A 107 3.23 11.86 3.54
CA ALA A 107 3.22 10.42 3.77
C ALA A 107 2.25 10.04 4.89
N VAL A 108 2.16 8.76 5.18
CA VAL A 108 1.27 8.27 6.23
C VAL A 108 2.06 7.83 7.46
N TYR A 109 3.33 7.49 7.25
CA TYR A 109 4.19 7.04 8.33
C TYR A 109 4.77 8.23 9.09
N ASN A 110 5.33 9.18 8.36
CA ASN A 110 5.91 10.37 8.97
C ASN A 110 5.12 10.80 10.19
N ARG A 111 3.80 10.73 10.10
CA ARG A 111 2.93 11.11 11.20
C ARG A 111 2.49 9.88 11.99
N GLY A 1 -4.98 -8.77 41.53
CA GLY A 1 -3.86 -8.21 40.80
C GLY A 1 -4.14 -8.06 39.32
N SER A 2 -3.76 -6.92 38.76
CA SER A 2 -3.99 -6.65 37.35
C SER A 2 -3.33 -5.34 36.93
N SER A 3 -2.51 -5.39 35.88
CA SER A 3 -1.82 -4.20 35.38
C SER A 3 -1.60 -4.29 33.88
N GLY A 4 -1.23 -3.17 33.27
CA GLY A 4 -0.99 -3.15 31.84
C GLY A 4 -1.91 -2.18 31.12
N SER A 5 -1.43 -0.96 30.90
CA SER A 5 -2.22 0.06 30.21
C SER A 5 -1.39 0.75 29.13
N SER A 6 -1.58 0.32 27.88
CA SER A 6 -0.84 0.89 26.76
C SER A 6 -1.76 1.74 25.88
N GLY A 7 -1.18 2.49 24.97
CA GLY A 7 -1.95 3.33 24.08
C GLY A 7 -1.13 4.44 23.45
N HIS A 8 -1.76 5.20 22.56
CA HIS A 8 -1.07 6.30 21.87
C HIS A 8 0.32 5.85 21.40
N GLU A 9 0.41 4.62 20.91
CA GLU A 9 1.68 4.08 20.44
C GLU A 9 1.54 3.57 19.01
N GLU A 10 2.64 3.59 18.26
CA GLU A 10 2.64 3.11 16.88
C GLU A 10 1.79 1.87 16.73
N GLU A 11 0.62 2.01 16.11
CA GLU A 11 -0.28 0.88 15.90
C GLU A 11 0.13 0.07 14.68
N GLU A 12 1.00 -0.91 14.89
CA GLU A 12 1.47 -1.77 13.81
C GLU A 12 1.87 -0.93 12.60
N LEU A 13 2.55 0.18 12.85
CA LEU A 13 2.99 1.07 11.78
C LEU A 13 4.48 1.38 11.91
N LYS A 14 5.14 1.60 10.77
CA LYS A 14 6.56 1.91 10.76
C LYS A 14 6.97 2.49 9.41
N PRO A 15 7.64 3.65 9.44
CA PRO A 15 8.10 4.33 8.24
C PRO A 15 9.25 3.59 7.56
N PRO A 16 9.34 3.73 6.23
CA PRO A 16 10.40 3.08 5.43
C PRO A 16 11.77 3.68 5.69
N GLU A 17 12.81 2.89 5.45
CA GLU A 17 14.18 3.35 5.66
C GLU A 17 14.83 3.74 4.33
N GLN A 18 14.39 3.10 3.26
CA GLN A 18 14.92 3.38 1.93
C GLN A 18 13.99 2.86 0.84
N GLU A 19 13.90 3.59 -0.26
CA GLU A 19 13.04 3.21 -1.37
C GLU A 19 13.35 1.78 -1.81
N ILE A 20 12.31 0.94 -1.84
CA ILE A 20 12.46 -0.44 -2.25
C ILE A 20 12.07 -0.64 -3.70
N GLU A 21 12.14 -1.88 -4.18
CA GLU A 21 11.80 -2.20 -5.56
C GLU A 21 10.63 -3.18 -5.62
N ILE A 22 9.75 -2.99 -6.60
CA ILE A 22 8.59 -3.85 -6.76
C ILE A 22 8.42 -4.27 -8.21
N ASP A 23 7.99 -5.51 -8.42
CA ASP A 23 7.79 -6.04 -9.76
C ASP A 23 6.30 -6.19 -10.07
N ARG A 24 5.82 -5.40 -11.02
CA ARG A 24 4.40 -5.44 -11.41
C ARG A 24 4.08 -6.75 -12.11
N ASN A 25 5.09 -7.59 -12.29
CA ASN A 25 4.90 -8.88 -12.96
C ASN A 25 5.35 -10.03 -12.05
N ILE A 26 5.72 -9.69 -10.82
CA ILE A 26 6.16 -10.70 -9.87
C ILE A 26 5.68 -10.36 -8.46
N ILE A 27 5.22 -11.38 -7.74
CA ILE A 27 4.72 -11.20 -6.38
C ILE A 27 5.65 -11.87 -5.36
N GLN A 28 6.53 -11.08 -4.77
CA GLN A 28 7.47 -11.59 -3.78
C GLN A 28 6.83 -11.63 -2.39
N GLU A 29 7.32 -12.53 -1.54
CA GLU A 29 6.81 -12.68 -0.19
C GLU A 29 6.60 -11.31 0.46
N GLU A 30 7.63 -10.47 0.38
CA GLU A 30 7.57 -9.13 0.97
C GLU A 30 6.17 -8.56 0.88
N GLU A 31 5.54 -8.72 -0.29
CA GLU A 31 4.20 -8.22 -0.51
C GLU A 31 3.16 -9.13 0.15
N LYS A 32 3.28 -10.43 -0.09
CA LYS A 32 2.36 -11.40 0.48
C LYS A 32 2.32 -11.29 1.99
N GLN A 33 3.31 -10.62 2.56
CA GLN A 33 3.39 -10.43 4.00
C GLN A 33 2.57 -9.22 4.45
N ALA A 34 2.32 -8.31 3.51
CA ALA A 34 1.54 -7.11 3.80
C ALA A 34 0.13 -7.21 3.24
N ILE A 35 -0.02 -8.04 2.20
CA ILE A 35 -1.32 -8.23 1.57
C ILE A 35 -1.71 -9.69 1.54
N PRO A 36 -1.54 -10.38 2.68
CA PRO A 36 -1.86 -11.80 2.81
C PRO A 36 -3.36 -12.06 2.77
N GLU A 37 -4.14 -10.98 2.83
CA GLU A 37 -5.60 -11.09 2.79
C GLU A 37 -6.09 -11.44 1.39
N PHE A 38 -5.21 -11.27 0.41
CA PHE A 38 -5.56 -11.56 -0.98
C PHE A 38 -4.90 -12.85 -1.44
N PHE A 39 -4.23 -13.53 -0.52
CA PHE A 39 -3.55 -14.79 -0.84
C PHE A 39 -4.06 -15.91 0.06
N GLU A 40 -5.13 -15.64 0.80
CA GLU A 40 -5.71 -16.63 1.70
C GLU A 40 -6.43 -17.73 0.91
N GLY A 41 -7.54 -17.34 0.27
CA GLY A 41 -8.29 -18.30 -0.52
C GLY A 41 -9.73 -17.84 -0.75
N ARG A 42 -10.21 -16.96 0.10
CA ARG A 42 -11.57 -16.43 -0.02
C ARG A 42 -11.92 -16.16 -1.48
N GLN A 43 -12.93 -16.85 -1.98
CA GLN A 43 -13.36 -16.68 -3.37
C GLN A 43 -13.28 -15.21 -3.78
N ALA A 44 -13.92 -14.35 -3.01
CA ALA A 44 -13.93 -12.91 -3.30
C ALA A 44 -12.50 -12.37 -3.40
N LYS A 45 -11.63 -12.86 -2.50
CA LYS A 45 -10.24 -12.43 -2.48
C LYS A 45 -9.40 -13.26 -3.45
N THR A 46 -8.65 -12.59 -4.32
CA THR A 46 -7.81 -13.27 -5.28
C THR A 46 -6.50 -12.51 -5.50
N PRO A 47 -5.43 -13.25 -5.82
CA PRO A 47 -4.10 -12.67 -6.07
C PRO A 47 -4.05 -11.85 -7.35
N GLU A 48 -4.86 -12.26 -8.33
CA GLU A 48 -4.90 -11.56 -9.61
C GLU A 48 -5.49 -10.17 -9.45
N ARG A 49 -6.52 -10.06 -8.61
CA ARG A 49 -7.19 -8.78 -8.37
C ARG A 49 -6.25 -7.82 -7.65
N TYR A 50 -5.52 -8.34 -6.67
CA TYR A 50 -4.59 -7.53 -5.90
C TYR A 50 -3.55 -6.87 -6.80
N LEU A 51 -3.15 -7.58 -7.84
CA LEU A 51 -2.16 -7.07 -8.78
C LEU A 51 -2.75 -5.95 -9.64
N LYS A 52 -3.99 -6.14 -10.08
CA LYS A 52 -4.67 -5.14 -10.89
C LYS A 52 -4.62 -3.77 -10.23
N ILE A 53 -5.13 -3.69 -9.00
CA ILE A 53 -5.14 -2.43 -8.26
C ILE A 53 -3.73 -1.91 -8.05
N ARG A 54 -2.87 -2.75 -7.47
CA ARG A 54 -1.50 -2.37 -7.21
C ARG A 54 -0.84 -1.78 -8.45
N ASN A 55 -0.74 -2.59 -9.50
CA ASN A 55 -0.14 -2.14 -10.75
C ASN A 55 -0.56 -0.71 -11.08
N TYR A 56 -1.86 -0.46 -11.02
CA TYR A 56 -2.40 0.87 -11.31
C TYR A 56 -1.73 1.93 -10.44
N ILE A 57 -1.78 1.73 -9.13
CA ILE A 57 -1.18 2.66 -8.19
C ILE A 57 0.28 2.92 -8.53
N LEU A 58 1.08 1.85 -8.50
CA LEU A 58 2.50 1.97 -8.82
C LEU A 58 2.72 2.76 -10.09
N ASP A 59 1.89 2.52 -11.09
CA ASP A 59 1.99 3.22 -12.36
C ASP A 59 1.73 4.72 -12.18
N GLN A 60 0.62 5.05 -11.54
CA GLN A 60 0.25 6.44 -11.31
C GLN A 60 1.33 7.16 -10.50
N TRP A 61 1.82 6.49 -9.46
CA TRP A 61 2.86 7.06 -8.61
C TRP A 61 3.96 7.72 -9.45
N GLU A 62 4.48 6.97 -10.41
CA GLU A 62 5.53 7.48 -11.29
C GLU A 62 4.98 8.52 -12.25
N ILE A 63 3.74 8.31 -12.70
CA ILE A 63 3.11 9.22 -13.64
C ILE A 63 3.03 10.63 -13.05
N CYS A 64 3.18 10.74 -11.75
CA CYS A 64 3.12 12.02 -11.07
C CYS A 64 4.46 12.35 -10.39
N LYS A 65 5.15 11.30 -9.94
CA LYS A 65 6.43 11.46 -9.28
C LYS A 65 7.28 12.51 -9.98
N PRO A 66 8.20 13.14 -9.24
CA PRO A 66 8.40 12.84 -7.82
C PRO A 66 7.23 13.32 -6.96
N LYS A 67 6.25 13.94 -7.59
CA LYS A 67 5.07 14.44 -6.90
C LYS A 67 4.41 13.33 -6.09
N TYR A 68 3.86 13.68 -4.94
CA TYR A 68 3.20 12.72 -4.07
C TYR A 68 1.90 12.23 -4.71
N LEU A 69 1.55 10.98 -4.44
CA LEU A 69 0.33 10.38 -4.98
C LEU A 69 -0.62 9.98 -3.87
N ASN A 70 -1.88 10.40 -3.99
CA ASN A 70 -2.89 10.07 -2.99
C ASN A 70 -3.73 8.88 -3.43
N LYS A 71 -4.42 8.27 -2.48
CA LYS A 71 -5.26 7.11 -2.76
C LYS A 71 -6.60 7.55 -3.36
N THR A 72 -6.90 8.84 -3.24
CA THR A 72 -8.14 9.39 -3.77
C THR A 72 -8.07 9.58 -5.28
N SER A 73 -6.84 9.66 -5.80
CA SER A 73 -6.64 9.85 -7.23
C SER A 73 -6.86 8.54 -7.98
N VAL A 74 -6.69 7.43 -7.29
CA VAL A 74 -6.87 6.11 -7.89
C VAL A 74 -8.21 5.50 -7.47
N ARG A 75 -8.95 6.21 -6.63
CA ARG A 75 -10.24 5.74 -6.17
C ARG A 75 -11.24 5.66 -7.32
N PRO A 76 -11.50 6.81 -7.96
CA PRO A 76 -12.44 6.89 -9.09
C PRO A 76 -11.90 6.19 -10.33
N GLY A 77 -10.73 5.58 -10.21
CA GLY A 77 -10.13 4.89 -11.33
C GLY A 77 -10.48 3.41 -11.36
N LEU A 78 -10.39 2.77 -10.20
CA LEU A 78 -10.69 1.35 -10.09
C LEU A 78 -11.83 1.11 -9.10
N LYS A 79 -12.79 2.02 -9.08
CA LYS A 79 -13.93 1.90 -8.18
C LYS A 79 -14.85 0.76 -8.60
N ASN A 80 -14.50 0.11 -9.71
CA ASN A 80 -15.29 -1.00 -10.22
C ASN A 80 -14.81 -2.33 -9.64
N CYS A 81 -13.55 -2.35 -9.21
CA CYS A 81 -12.97 -3.56 -8.63
C CYS A 81 -12.55 -3.32 -7.19
N GLY A 82 -12.95 -4.23 -6.30
CA GLY A 82 -12.62 -4.10 -4.89
C GLY A 82 -13.48 -3.08 -4.18
N ASP A 83 -12.88 -2.33 -3.26
CA ASP A 83 -13.60 -1.32 -2.51
C ASP A 83 -12.63 -0.37 -1.80
N VAL A 84 -13.16 0.73 -1.27
CA VAL A 84 -12.34 1.71 -0.57
C VAL A 84 -11.60 1.07 0.59
N ASN A 85 -12.01 -0.14 0.96
CA ASN A 85 -11.37 -0.85 2.06
C ASN A 85 -10.12 -1.58 1.59
N CYS A 86 -10.13 -1.99 0.32
CA CYS A 86 -8.99 -2.69 -0.25
C CYS A 86 -7.94 -1.71 -0.77
N ILE A 87 -8.40 -0.65 -1.41
CA ILE A 87 -7.50 0.37 -1.95
C ILE A 87 -6.54 0.87 -0.88
N GLY A 88 -7.09 1.31 0.24
CA GLY A 88 -6.27 1.82 1.32
C GLY A 88 -5.17 0.86 1.71
N ARG A 89 -5.51 -0.42 1.83
CA ARG A 89 -4.54 -1.45 2.20
C ARG A 89 -3.32 -1.39 1.29
N ILE A 90 -3.54 -1.53 0.00
CA ILE A 90 -2.45 -1.49 -0.98
C ILE A 90 -1.76 -0.13 -0.97
N HIS A 91 -2.49 0.89 -1.43
CA HIS A 91 -1.95 2.25 -1.49
C HIS A 91 -1.10 2.54 -0.25
N THR A 92 -1.63 2.24 0.92
CA THR A 92 -0.92 2.47 2.17
C THR A 92 0.36 1.63 2.23
N TYR A 93 0.20 0.32 2.28
CA TYR A 93 1.35 -0.59 2.34
C TYR A 93 2.48 -0.09 1.47
N LEU A 94 2.26 -0.10 0.15
CA LEU A 94 3.27 0.35 -0.80
C LEU A 94 3.95 1.63 -0.31
N GLU A 95 3.18 2.49 0.35
CA GLU A 95 3.71 3.74 0.87
C GLU A 95 4.56 3.50 2.12
N LEU A 96 4.17 2.48 2.90
CA LEU A 96 4.90 2.15 4.13
C LEU A 96 6.26 1.54 3.80
N ILE A 97 6.36 0.89 2.65
CA ILE A 97 7.60 0.27 2.22
C ILE A 97 8.43 1.22 1.36
N GLY A 98 7.79 2.30 0.90
CA GLY A 98 8.48 3.27 0.07
C GLY A 98 8.15 3.12 -1.40
N ALA A 99 7.75 1.92 -1.79
CA ALA A 99 7.40 1.65 -3.18
C ALA A 99 6.74 2.85 -3.83
N ILE A 100 5.99 3.61 -3.04
CA ILE A 100 5.31 4.79 -3.54
C ILE A 100 5.37 5.93 -2.53
N ASN A 101 5.47 7.16 -3.03
CA ASN A 101 5.56 8.33 -2.17
C ASN A 101 6.58 8.13 -1.06
N PHE A 102 7.78 7.71 -1.44
CA PHE A 102 8.85 7.49 -0.47
C PHE A 102 9.27 8.78 0.20
N GLY A 103 9.44 8.74 1.52
CA GLY A 103 9.84 9.93 2.25
C GLY A 103 9.12 11.18 1.78
N CYS A 104 7.83 11.27 2.10
CA CYS A 104 7.03 12.43 1.70
C CYS A 104 6.43 13.12 2.92
N GLU A 105 6.54 14.44 2.95
CA GLU A 105 6.01 15.23 4.06
C GLU A 105 4.54 14.92 4.29
N GLN A 106 3.84 14.57 3.22
CA GLN A 106 2.42 14.25 3.30
C GLN A 106 2.19 12.74 3.20
N ALA A 107 2.83 11.99 4.10
CA ALA A 107 2.70 10.54 4.11
C ALA A 107 1.71 10.08 5.19
N VAL A 108 1.27 8.83 5.09
CA VAL A 108 0.34 8.28 6.06
C VAL A 108 1.03 7.97 7.39
N TYR A 109 2.36 7.90 7.34
CA TYR A 109 3.15 7.61 8.54
C TYR A 109 3.88 8.86 9.02
N ASN A 110 4.05 9.82 8.12
CA ASN A 110 4.74 11.06 8.44
C ASN A 110 4.06 11.78 9.61
N ARG A 111 2.73 11.78 9.60
CA ARG A 111 1.96 12.43 10.65
C ARG A 111 1.51 11.41 11.69
N GLY A 1 -5.50 10.17 42.65
CA GLY A 1 -5.09 9.10 41.77
C GLY A 1 -5.14 9.48 40.31
N SER A 2 -4.31 8.85 39.50
CA SER A 2 -4.26 9.14 38.07
C SER A 2 -3.84 7.91 37.28
N SER A 3 -4.25 7.87 36.01
CA SER A 3 -3.93 6.74 35.14
C SER A 3 -4.20 7.09 33.68
N GLY A 4 -3.60 6.30 32.78
CA GLY A 4 -3.79 6.55 31.36
C GLY A 4 -3.96 5.26 30.58
N SER A 5 -5.20 4.79 30.47
CA SER A 5 -5.49 3.55 29.74
C SER A 5 -5.75 3.85 28.27
N SER A 6 -4.96 4.76 27.70
CA SER A 6 -5.11 5.13 26.30
C SER A 6 -3.74 5.21 25.62
N GLY A 7 -3.77 5.38 24.30
CA GLY A 7 -2.52 5.47 23.54
C GLY A 7 -2.70 6.19 22.23
N HIS A 8 -1.80 5.93 21.28
CA HIS A 8 -1.86 6.55 19.97
C HIS A 8 -2.30 5.54 18.90
N GLU A 9 -2.49 6.03 17.68
CA GLU A 9 -2.91 5.17 16.58
C GLU A 9 -1.71 4.67 15.79
N GLU A 10 -0.67 4.24 16.50
CA GLU A 10 0.54 3.75 15.87
C GLU A 10 0.61 2.23 15.94
N GLU A 11 -0.12 1.56 15.06
CA GLU A 11 -0.15 0.10 15.03
C GLU A 11 1.17 -0.45 14.46
N GLU A 12 2.26 -0.22 15.18
CA GLU A 12 3.56 -0.70 14.74
C GLU A 12 3.94 -0.09 13.39
N LEU A 13 3.65 1.19 13.22
CA LEU A 13 3.96 1.90 11.98
C LEU A 13 5.40 2.36 11.97
N LYS A 14 6.15 1.96 10.93
CA LYS A 14 7.55 2.34 10.80
C LYS A 14 7.86 2.77 9.37
N PRO A 15 8.53 3.93 9.23
CA PRO A 15 8.91 4.47 7.93
C PRO A 15 9.99 3.64 7.24
N PRO A 16 10.01 3.69 5.89
CA PRO A 16 10.98 2.94 5.09
C PRO A 16 12.40 3.50 5.24
N GLU A 17 13.38 2.66 4.96
CA GLU A 17 14.78 3.06 5.06
C GLU A 17 15.33 3.47 3.70
N GLN A 18 14.81 2.85 2.65
CA GLN A 18 15.24 3.15 1.28
C GLN A 18 14.29 2.56 0.26
N GLU A 19 14.09 3.27 -0.85
CA GLU A 19 13.19 2.80 -1.90
C GLU A 19 13.47 1.35 -2.25
N ILE A 20 12.43 0.51 -2.18
CA ILE A 20 12.57 -0.91 -2.48
C ILE A 20 12.20 -1.18 -3.94
N GLU A 21 12.20 -2.46 -4.31
CA GLU A 21 11.87 -2.86 -5.68
C GLU A 21 10.63 -3.75 -5.69
N ILE A 22 9.69 -3.44 -6.58
CA ILE A 22 8.47 -4.20 -6.70
C ILE A 22 8.32 -4.78 -8.11
N ASP A 23 7.92 -6.05 -8.18
CA ASP A 23 7.72 -6.71 -9.47
C ASP A 23 6.25 -6.81 -9.81
N ARG A 24 5.80 -5.98 -10.75
CA ARG A 24 4.41 -5.98 -11.17
C ARG A 24 4.04 -7.30 -11.86
N ASN A 25 5.04 -8.14 -12.06
CA ASN A 25 4.83 -9.43 -12.72
C ASN A 25 5.25 -10.58 -11.81
N ILE A 26 5.53 -10.26 -10.54
CA ILE A 26 5.94 -11.26 -9.58
C ILE A 26 5.49 -10.88 -8.17
N ILE A 27 4.77 -11.79 -7.52
CA ILE A 27 4.29 -11.55 -6.17
C ILE A 27 5.18 -12.23 -5.12
N GLN A 28 6.11 -11.45 -4.57
CA GLN A 28 7.03 -11.98 -3.57
C GLN A 28 6.39 -11.97 -2.19
N GLU A 29 6.94 -12.78 -1.29
CA GLU A 29 6.41 -12.87 0.08
C GLU A 29 6.29 -11.48 0.70
N GLU A 30 7.29 -10.64 0.45
CA GLU A 30 7.30 -9.29 0.99
C GLU A 30 5.94 -8.62 0.82
N GLU A 31 5.22 -9.01 -0.24
CA GLU A 31 3.92 -8.46 -0.52
C GLU A 31 2.82 -9.26 0.16
N LYS A 32 2.98 -10.58 0.16
CA LYS A 32 2.00 -11.47 0.78
C LYS A 32 1.98 -11.28 2.29
N GLN A 33 3.02 -10.66 2.82
CA GLN A 33 3.11 -10.41 4.26
C GLN A 33 2.36 -9.14 4.64
N ALA A 34 2.23 -8.22 3.68
CA ALA A 34 1.53 -6.97 3.92
C ALA A 34 0.14 -6.98 3.29
N ILE A 35 -0.05 -7.85 2.31
CA ILE A 35 -1.34 -7.96 1.62
C ILE A 35 -1.88 -9.38 1.71
N PRO A 36 -1.83 -9.96 2.92
CA PRO A 36 -2.32 -11.32 3.16
C PRO A 36 -3.84 -11.42 3.07
N GLU A 37 -4.47 -10.30 2.73
CA GLU A 37 -5.93 -10.27 2.61
C GLU A 37 -6.38 -10.87 1.29
N PHE A 38 -5.59 -10.65 0.24
CA PHE A 38 -5.91 -11.17 -1.09
C PHE A 38 -5.29 -12.55 -1.29
N PHE A 39 -4.66 -13.07 -0.24
CA PHE A 39 -4.03 -14.38 -0.30
C PHE A 39 -4.56 -15.30 0.79
N GLU A 40 -5.69 -14.92 1.38
CA GLU A 40 -6.31 -15.71 2.44
C GLU A 40 -6.73 -17.07 1.93
N GLY A 41 -7.23 -17.11 0.70
CA GLY A 41 -7.66 -18.37 0.11
C GLY A 41 -9.16 -18.46 0.00
N ARG A 42 -9.78 -17.43 -0.58
CA ARG A 42 -11.23 -17.40 -0.75
C ARG A 42 -11.60 -17.41 -2.23
N GLN A 43 -12.88 -17.67 -2.51
CA GLN A 43 -13.36 -17.71 -3.88
C GLN A 43 -13.55 -16.30 -4.44
N ALA A 44 -14.08 -15.41 -3.61
CA ALA A 44 -14.31 -14.04 -4.02
C ALA A 44 -12.99 -13.26 -4.11
N LYS A 45 -12.05 -13.61 -3.25
CA LYS A 45 -10.75 -12.95 -3.23
C LYS A 45 -9.73 -13.74 -4.05
N THR A 46 -8.93 -13.02 -4.84
CA THR A 46 -7.92 -13.66 -5.67
C THR A 46 -6.65 -12.82 -5.72
N PRO A 47 -5.50 -13.50 -5.87
CA PRO A 47 -4.19 -12.83 -5.94
C PRO A 47 -4.01 -12.04 -7.23
N GLU A 48 -4.70 -12.47 -8.29
CA GLU A 48 -4.61 -11.81 -9.58
C GLU A 48 -5.19 -10.40 -9.50
N ARG A 49 -6.22 -10.24 -8.69
CA ARG A 49 -6.87 -8.94 -8.53
C ARG A 49 -5.95 -7.96 -7.82
N TYR A 50 -5.34 -8.41 -6.73
CA TYR A 50 -4.43 -7.56 -5.96
C TYR A 50 -3.38 -6.93 -6.86
N LEU A 51 -2.97 -7.66 -7.89
CA LEU A 51 -1.97 -7.17 -8.83
C LEU A 51 -2.53 -6.05 -9.70
N LYS A 52 -3.79 -6.21 -10.11
CA LYS A 52 -4.45 -5.21 -10.95
C LYS A 52 -4.51 -3.86 -10.24
N ILE A 53 -5.20 -3.82 -9.09
CA ILE A 53 -5.33 -2.60 -8.32
C ILE A 53 -3.96 -1.98 -8.03
N ARG A 54 -3.05 -2.81 -7.53
CA ARG A 54 -1.70 -2.34 -7.21
C ARG A 54 -1.02 -1.76 -8.44
N ASN A 55 -0.81 -2.61 -9.45
CA ASN A 55 -0.16 -2.17 -10.69
C ASN A 55 -0.63 -0.77 -11.08
N TYR A 56 -1.93 -0.54 -10.98
CA TYR A 56 -2.50 0.76 -11.32
C TYR A 56 -1.84 1.88 -10.52
N ILE A 57 -1.84 1.74 -9.20
CA ILE A 57 -1.24 2.74 -8.32
C ILE A 57 0.20 3.02 -8.73
N LEU A 58 1.07 2.03 -8.60
CA LEU A 58 2.47 2.17 -8.96
C LEU A 58 2.63 3.01 -10.22
N ASP A 59 1.80 2.72 -11.22
CA ASP A 59 1.85 3.45 -12.49
C ASP A 59 1.60 4.93 -12.26
N GLN A 60 0.45 5.27 -11.67
CA GLN A 60 0.10 6.65 -11.41
C GLN A 60 1.18 7.34 -10.56
N TRP A 61 1.70 6.61 -9.58
CA TRP A 61 2.74 7.15 -8.71
C TRP A 61 3.85 7.78 -9.53
N GLU A 62 4.37 7.03 -10.49
CA GLU A 62 5.46 7.53 -11.34
C GLU A 62 4.95 8.58 -12.31
N ILE A 63 3.74 8.37 -12.83
CA ILE A 63 3.14 9.31 -13.77
C ILE A 63 3.11 10.72 -13.19
N CYS A 64 3.19 10.82 -11.87
CA CYS A 64 3.18 12.12 -11.20
C CYS A 64 4.51 12.40 -10.53
N LYS A 65 5.16 11.35 -10.05
CA LYS A 65 6.45 11.48 -9.38
C LYS A 65 7.34 12.47 -10.12
N PRO A 66 8.29 13.08 -9.38
CA PRO A 66 8.47 12.82 -7.95
C PRO A 66 7.32 13.36 -7.11
N LYS A 67 6.37 14.02 -7.77
CA LYS A 67 5.21 14.58 -7.08
C LYS A 67 4.48 13.52 -6.27
N TYR A 68 4.01 13.91 -5.09
CA TYR A 68 3.29 13.00 -4.21
C TYR A 68 2.04 12.46 -4.89
N LEU A 69 1.52 11.35 -4.37
CA LEU A 69 0.32 10.73 -4.92
C LEU A 69 -0.61 10.26 -3.81
N ASN A 70 -1.85 10.75 -3.85
CA ASN A 70 -2.84 10.38 -2.84
C ASN A 70 -3.73 9.24 -3.34
N LYS A 71 -4.33 8.51 -2.41
CA LYS A 71 -5.20 7.40 -2.75
C LYS A 71 -6.51 7.90 -3.36
N THR A 72 -6.88 9.13 -3.02
CA THR A 72 -8.12 9.72 -3.54
C THR A 72 -8.06 9.87 -5.05
N SER A 73 -6.84 9.91 -5.59
CA SER A 73 -6.64 10.06 -7.03
C SER A 73 -6.81 8.72 -7.74
N VAL A 74 -6.68 7.63 -6.99
CA VAL A 74 -6.81 6.29 -7.55
C VAL A 74 -8.09 5.62 -7.06
N ARG A 75 -8.85 6.33 -6.23
CA ARG A 75 -10.09 5.81 -5.68
C ARG A 75 -11.15 5.68 -6.78
N PRO A 76 -11.49 6.81 -7.41
CA PRO A 76 -12.49 6.85 -8.48
C PRO A 76 -12.00 6.18 -9.76
N GLY A 77 -10.76 5.69 -9.73
CA GLY A 77 -10.19 5.04 -10.89
C GLY A 77 -10.41 3.53 -10.86
N LEU A 78 -10.38 2.95 -9.68
CA LEU A 78 -10.57 1.52 -9.52
C LEU A 78 -11.68 1.22 -8.51
N LYS A 79 -12.93 1.39 -8.93
CA LYS A 79 -14.07 1.13 -8.06
C LYS A 79 -14.60 -0.28 -8.26
N ASN A 80 -15.21 -0.53 -9.42
CA ASN A 80 -15.76 -1.84 -9.73
C ASN A 80 -14.80 -2.94 -9.29
N CYS A 81 -13.51 -2.63 -9.28
CA CYS A 81 -12.49 -3.60 -8.88
C CYS A 81 -11.98 -3.31 -7.48
N GLY A 82 -12.61 -3.94 -6.47
CA GLY A 82 -12.21 -3.73 -5.09
C GLY A 82 -13.00 -2.61 -4.43
N ASP A 83 -12.88 -2.53 -3.11
CA ASP A 83 -13.59 -1.51 -2.35
C ASP A 83 -12.60 -0.53 -1.71
N VAL A 84 -13.12 0.59 -1.21
CA VAL A 84 -12.29 1.60 -0.57
C VAL A 84 -11.31 0.97 0.41
N ASN A 85 -11.72 -0.15 1.01
CA ASN A 85 -10.88 -0.86 1.97
C ASN A 85 -9.60 -1.36 1.31
N CYS A 86 -9.74 -2.29 0.38
CA CYS A 86 -8.60 -2.85 -0.34
C CYS A 86 -7.64 -1.75 -0.80
N ILE A 87 -8.20 -0.73 -1.44
CA ILE A 87 -7.40 0.39 -1.92
C ILE A 87 -6.43 0.89 -0.85
N GLY A 88 -6.97 1.18 0.33
CA GLY A 88 -6.14 1.65 1.42
C GLY A 88 -5.06 0.66 1.82
N ARG A 89 -5.42 -0.62 1.79
CA ARG A 89 -4.48 -1.68 2.15
C ARG A 89 -3.27 -1.67 1.23
N ILE A 90 -3.53 -1.50 -0.07
CA ILE A 90 -2.45 -1.47 -1.05
C ILE A 90 -1.76 -0.12 -1.07
N HIS A 91 -2.53 0.93 -1.32
CA HIS A 91 -1.99 2.29 -1.36
C HIS A 91 -1.11 2.57 -0.15
N THR A 92 -1.67 2.34 1.04
CA THR A 92 -0.93 2.57 2.28
C THR A 92 0.35 1.75 2.32
N TYR A 93 0.21 0.43 2.32
CA TYR A 93 1.35 -0.47 2.35
C TYR A 93 2.47 0.05 1.44
N LEU A 94 2.22 0.02 0.14
CA LEU A 94 3.20 0.49 -0.84
C LEU A 94 3.88 1.76 -0.36
N GLU A 95 3.15 2.57 0.38
CA GLU A 95 3.69 3.82 0.91
C GLU A 95 4.57 3.58 2.13
N LEU A 96 4.19 2.59 2.93
CA LEU A 96 4.94 2.25 4.13
C LEU A 96 6.29 1.63 3.77
N ILE A 97 6.30 0.83 2.71
CA ILE A 97 7.52 0.18 2.26
C ILE A 97 8.40 1.14 1.48
N GLY A 98 7.79 2.17 0.89
CA GLY A 98 8.53 3.15 0.13
C GLY A 98 8.31 3.01 -1.36
N ALA A 99 7.92 1.83 -1.80
CA ALA A 99 7.67 1.57 -3.22
C ALA A 99 7.11 2.81 -3.90
N ILE A 100 6.25 3.53 -3.19
CA ILE A 100 5.64 4.74 -3.73
C ILE A 100 5.78 5.91 -2.77
N ASN A 101 5.57 7.12 -3.27
CA ASN A 101 5.67 8.32 -2.46
C ASN A 101 6.79 8.19 -1.42
N PHE A 102 7.95 7.71 -1.86
CA PHE A 102 9.09 7.52 -0.97
C PHE A 102 9.57 8.86 -0.43
N GLY A 103 9.83 8.89 0.88
CA GLY A 103 10.29 10.12 1.51
C GLY A 103 9.55 11.34 1.02
N CYS A 104 8.25 11.41 1.31
CA CYS A 104 7.43 12.54 0.88
C CYS A 104 6.75 13.19 2.07
N GLU A 105 6.75 14.52 2.10
CA GLU A 105 6.14 15.27 3.19
C GLU A 105 4.66 14.89 3.35
N GLN A 106 4.13 14.23 2.32
CA GLN A 106 2.73 13.81 2.33
C GLN A 106 2.60 12.34 2.65
N ALA A 107 3.63 11.79 3.29
CA ALA A 107 3.64 10.37 3.65
C ALA A 107 2.76 10.12 4.88
N VAL A 108 1.99 9.04 4.84
CA VAL A 108 1.11 8.68 5.95
C VAL A 108 1.89 8.56 7.25
N TYR A 109 3.11 8.04 7.15
CA TYR A 109 3.96 7.87 8.34
C TYR A 109 4.59 9.19 8.74
N ASN A 110 4.99 9.99 7.75
CA ASN A 110 5.61 11.28 8.01
C ASN A 110 4.70 12.16 8.88
N ARG A 111 3.40 12.01 8.69
CA ARG A 111 2.43 12.79 9.45
C ARG A 111 2.90 13.00 10.89
#